data_2WL5
#
_entry.id   2WL5
#
_cell.length_a   84.700
_cell.length_b   79.200
_cell.length_c   153.000
_cell.angle_alpha   90.00
_cell.angle_beta   92.50
_cell.angle_gamma   90.00
#
_symmetry.space_group_name_H-M   'P 1 21 1'
#
loop_
_entity.id
_entity.type
_entity.pdbx_description
1 polymer 'ACETYL-COA ACETYLTRANSFERASE'
2 polymer 'ACETYL-COA ACETYLTRANSFERASE'
3 non-polymer 'SULFATE ION'
4 non-polymer D-mannose
5 non-polymer 'COENZYME A'
6 non-polymer 'SODIUM ION'
7 non-polymer 'CHLORIDE ION'
8 water water
#
loop_
_entity_poly.entity_id
_entity_poly.type
_entity_poly.pdbx_seq_one_letter_code
_entity_poly.pdbx_strand_id
1 'polypeptide(L)'
;STPSIVIASAARTAVGSFNGAFANTPAHELGATVISAVLERAGVAAGEVNEVILGQVLPAGEGQNPARQAAMKAGVPQEA
TAWGMNQL(CSO)GSGLRAVALGMQQIATGDASIIVAGGMESMSMAPHCAHLRGGVKMGDFKMIDTMIKDGLTDAFYGYH
MGTTAENVAKQWQLSRDEQDAFAVASQNKAEAAQKDGRFKDEIVPFIVKGRKGDITVDADEYIRHGATLDSMAKLRPAFD
KEGTVTAGNASGLNDGAAAALLMSEAEASRRGIQPLGRIVSWATVGVDPKVMGTGPIPASRKALERAGWKIGDLDLVEAN
EAFAAQACAVNKDLGWDPSIVNVNGGAIAIGNPIGASGARILNTLLFEMKRRGARKGLATLCIGGGMGVAMCIESL
;
A,B
2 'polypeptide(L)'
;STPSIVIASAARTAVGSFNGAFANTPAHELGATVISAVLERAGVAAGEVNEVILGQVLPAGEGQNPARQAAMKAGVPQEA
TAWGMNQLCGSGLRAVALGMQQIATGDASIIVAGGMESMSMAPHCAHLRGGVKMGDFKMIDTMIKDGLTDAFYGYHMGTT
AENVAKQWQLSRDEQDAFAVASQNKAEAAQKDGRFKDEIVPFIVKGRKGDITVDADEYIRHGATLDSMAKLRPAFDKEGT
VTAGNASGLNDGAAAALLMSEAEASRRGIQPLGRIVSWATVGVDPKVMGTGPIPASRKALERAGWKIGDLDLVEANEAFA
AQACAVNKDLGWDPSIVNVNGGAIAIGNPIGASGARILNTLLFEMKRRGARKGLATLCIGGGMGVAMCIESL
;
C,D
#
loop_
_chem_comp.id
_chem_comp.type
_chem_comp.name
_chem_comp.formula
CL non-polymer 'CHLORIDE ION' 'Cl -1'
COA non-polymer 'COENZYME A' 'C21 H36 N7 O16 P3 S'
DNO D-saccharide D-mannose 'C6 H12 O6'
NA non-polymer 'SODIUM ION' 'Na 1'
SO4 non-polymer 'SULFATE ION' 'O4 S -2'
#
# COMPACT_ATOMS: atom_id res chain seq x y z
N SER A 4 -8.23 25.47 -43.41
CA SER A 4 -7.64 24.17 -43.74
C SER A 4 -8.22 23.02 -42.91
N ILE A 5 -7.97 23.00 -41.60
CA ILE A 5 -8.55 21.96 -40.73
C ILE A 5 -9.64 22.57 -39.84
N VAL A 6 -10.82 21.94 -39.84
CA VAL A 6 -11.94 22.44 -39.07
C VAL A 6 -12.29 21.48 -37.92
N ILE A 7 -12.94 22.06 -36.92
CA ILE A 7 -13.56 21.25 -35.86
C ILE A 7 -15.01 21.02 -36.28
N ALA A 8 -15.31 19.81 -36.72
CA ALA A 8 -16.65 19.49 -37.19
C ALA A 8 -17.67 19.50 -36.04
N SER A 9 -17.24 19.02 -34.87
CA SER A 9 -18.11 18.93 -33.71
C SER A 9 -17.29 18.86 -32.45
N ALA A 10 -17.98 18.99 -31.32
CA ALA A 10 -17.32 18.88 -30.02
C ALA A 10 -18.28 18.52 -28.90
N ALA A 11 -17.72 18.00 -27.81
CA ALA A 11 -18.55 17.64 -26.68
C ALA A 11 -17.68 17.47 -25.45
N ARG A 12 -18.26 17.64 -24.26
CA ARG A 12 -17.50 17.36 -23.03
C ARG A 12 -18.47 16.76 -22.04
N THR A 13 -17.97 15.98 -21.09
CA THR A 13 -18.83 15.62 -19.95
C THR A 13 -18.98 16.83 -19.03
N ALA A 14 -20.03 16.83 -18.21
CA ALA A 14 -20.02 17.69 -17.02
C ALA A 14 -18.68 17.45 -16.30
N VAL A 15 -18.21 18.44 -15.57
CA VAL A 15 -17.03 18.29 -14.76
C VAL A 15 -17.47 17.86 -13.38
N GLY A 16 -16.91 16.75 -12.89
CA GLY A 16 -17.30 16.21 -11.59
C GLY A 16 -16.41 16.77 -10.53
N SER A 17 -16.94 16.86 -9.31
CA SER A 17 -16.16 17.32 -8.17
C SER A 17 -15.20 16.22 -7.70
N PHE A 18 -14.15 16.62 -7.01
CA PHE A 18 -13.15 15.66 -6.53
C PHE A 18 -13.88 14.62 -5.69
N ASN A 19 -13.71 13.36 -6.04
CA ASN A 19 -14.39 12.25 -5.37
C ASN A 19 -15.90 12.43 -5.33
N GLY A 20 -16.44 13.03 -6.39
CA GLY A 20 -17.87 13.30 -6.46
C GLY A 20 -18.57 12.34 -7.41
N ALA A 21 -19.28 12.91 -8.39
CA ALA A 21 -20.10 12.12 -9.29
C ALA A 21 -19.32 11.03 -10.00
N PHE A 22 -18.08 11.32 -10.36
CA PHE A 22 -17.25 10.36 -11.09
C PHE A 22 -16.13 9.75 -10.22
N ALA A 23 -16.32 9.75 -8.92
CA ALA A 23 -15.31 9.27 -7.97
C ALA A 23 -14.72 7.89 -8.32
N ASN A 24 -15.52 7.03 -8.91
CA ASN A 24 -15.10 5.65 -9.21
C ASN A 24 -15.22 5.31 -10.70
N THR A 25 -15.16 6.34 -11.53
CA THR A 25 -15.24 6.20 -12.98
C THR A 25 -13.87 6.46 -13.66
N PRO A 26 -13.26 5.40 -14.21
CA PRO A 26 -12.00 5.49 -14.94
C PRO A 26 -12.14 6.52 -16.05
N ALA A 27 -11.09 7.28 -16.28
CA ALA A 27 -11.11 8.33 -17.31
C ALA A 27 -11.57 7.84 -18.69
N HIS A 28 -11.15 6.64 -19.08
CA HIS A 28 -11.49 6.17 -20.41
C HIS A 28 -12.97 5.94 -20.61
N GLU A 29 -13.72 5.74 -19.51
CA GLU A 29 -15.16 5.65 -19.63
C GLU A 29 -15.77 7.02 -19.99
N LEU A 30 -15.35 8.06 -19.31
CA LEU A 30 -15.71 9.42 -19.69
C LEU A 30 -15.28 9.74 -21.13
N GLY A 31 -14.07 9.32 -21.47
CA GLY A 31 -13.56 9.54 -22.83
C GLY A 31 -14.43 8.87 -23.89
N ALA A 32 -14.81 7.62 -23.68
CA ALA A 32 -15.64 6.95 -24.69
C ALA A 32 -16.96 7.67 -24.89
N THR A 33 -17.57 8.15 -23.81
CA THR A 33 -18.83 8.89 -23.99
C THR A 33 -18.65 10.15 -24.83
N VAL A 34 -17.55 10.88 -24.63
CA VAL A 34 -17.30 12.08 -25.43
CA VAL A 34 -17.32 12.08 -25.44
C VAL A 34 -16.94 11.74 -26.87
N ILE A 35 -16.24 10.63 -27.08
CA ILE A 35 -15.97 10.17 -28.46
C ILE A 35 -17.28 9.84 -29.18
N SER A 36 -18.11 9.03 -28.57
CA SER A 36 -19.42 8.73 -29.15
C SER A 36 -20.21 10.00 -29.46
N ALA A 37 -20.11 10.98 -28.59
CA ALA A 37 -20.84 12.22 -28.76
C ALA A 37 -20.37 13.04 -29.96
N VAL A 38 -19.06 13.15 -30.16
CA VAL A 38 -18.65 14.02 -31.27
C VAL A 38 -18.99 13.41 -32.61
N LEU A 39 -18.98 12.08 -32.64
CA LEU A 39 -19.39 11.32 -33.80
C LEU A 39 -20.87 11.58 -34.11
N GLU A 40 -21.71 11.38 -33.10
CA GLU A 40 -23.15 11.55 -33.25
C GLU A 40 -23.48 12.99 -33.63
N ARG A 41 -22.83 13.95 -32.99
CA ARG A 41 -23.07 15.35 -33.27
C ARG A 41 -22.68 15.74 -34.69
N ALA A 42 -21.64 15.10 -35.22
CA ALA A 42 -21.17 15.39 -36.58
C ALA A 42 -21.85 14.56 -37.70
N GLY A 43 -22.57 13.51 -37.34
CA GLY A 43 -23.11 12.61 -38.34
C GLY A 43 -22.02 11.71 -38.91
N VAL A 44 -20.97 11.50 -38.14
CA VAL A 44 -19.87 10.65 -38.59
C VAL A 44 -19.87 9.32 -37.85
N ALA A 45 -19.71 8.21 -38.58
CA ALA A 45 -19.69 6.89 -37.94
C ALA A 45 -18.34 6.55 -37.28
N ALA A 46 -18.37 5.76 -36.22
CA ALA A 46 -17.10 5.38 -35.60
C ALA A 46 -16.14 4.69 -36.60
N GLY A 47 -16.69 3.94 -37.54
CA GLY A 47 -15.86 3.20 -38.47
C GLY A 47 -15.00 4.07 -39.37
N GLU A 48 -15.34 5.36 -39.46
CA GLU A 48 -14.61 6.32 -40.29
C GLU A 48 -13.43 6.99 -39.56
N VAL A 49 -13.34 6.82 -38.24
CA VAL A 49 -12.25 7.44 -37.48
C VAL A 49 -10.88 6.83 -37.79
N ASN A 50 -9.85 7.65 -38.02
CA ASN A 50 -8.51 7.10 -38.27
C ASN A 50 -7.70 6.97 -36.97
N GLU A 51 -7.77 7.99 -36.13
CA GLU A 51 -7.00 7.95 -34.89
C GLU A 51 -7.67 8.74 -33.79
N VAL A 52 -7.47 8.31 -32.54
CA VAL A 52 -7.90 9.05 -31.34
C VAL A 52 -6.66 9.48 -30.54
N ILE A 53 -6.62 10.76 -30.17
CA ILE A 53 -5.48 11.33 -29.45
C ILE A 53 -6.02 11.98 -28.17
N LEU A 54 -5.67 11.47 -27.00
CA LEU A 54 -6.23 12.02 -25.76
C LEU A 54 -5.16 12.38 -24.72
N GLY A 55 -5.12 13.66 -24.35
CA GLY A 55 -4.28 14.12 -23.28
C GLY A 55 -4.76 13.47 -22.00
N GLN A 56 -3.80 13.14 -21.15
CA GLN A 56 -4.10 12.54 -19.84
C GLN A 56 -2.82 12.49 -19.02
N VAL A 57 -2.87 13.14 -17.88
CA VAL A 57 -1.69 13.40 -17.10
C VAL A 57 -1.53 12.29 -16.09
N LEU A 58 -2.65 11.69 -15.69
CA LEU A 58 -2.63 10.74 -14.54
C LEU A 58 -3.25 9.38 -14.85
N PRO A 59 -2.60 8.59 -15.70
CA PRO A 59 -3.24 7.33 -16.08
C PRO A 59 -2.76 6.12 -15.28
N ALA A 60 -1.98 6.32 -14.22
CA ALA A 60 -1.44 5.17 -13.51
C ALA A 60 -2.53 4.20 -13.04
N GLY A 61 -2.32 2.91 -13.30
CA GLY A 61 -3.25 1.88 -12.86
C GLY A 61 -4.47 1.64 -13.72
N GLU A 62 -4.64 2.47 -14.74
CA GLU A 62 -5.79 2.32 -15.62
C GLU A 62 -5.61 1.22 -16.69
N GLY A 63 -4.37 0.80 -16.92
CA GLY A 63 -4.09 -0.28 -17.85
C GLY A 63 -3.48 0.27 -19.11
N GLN A 64 -3.19 -0.58 -20.09
CA GLN A 64 -2.42 -0.15 -21.26
C GLN A 64 -3.19 0.92 -22.03
N ASN A 65 -2.51 2.02 -22.36
CA ASN A 65 -3.00 3.07 -23.26
C ASN A 65 -4.52 3.34 -23.17
N PRO A 66 -4.96 4.03 -22.10
CA PRO A 66 -6.39 4.35 -21.91
C PRO A 66 -7.01 5.03 -23.14
N ALA A 67 -6.17 5.69 -23.90
CA ALA A 67 -6.70 6.31 -25.13
C ALA A 67 -7.32 5.25 -26.06
N ARG A 68 -6.60 4.14 -26.23
CA ARG A 68 -7.12 3.02 -27.02
C ARG A 68 -8.33 2.37 -26.32
N GLN A 69 -8.31 2.30 -25.01
CA GLN A 69 -9.49 1.79 -24.30
C GLN A 69 -10.76 2.60 -24.58
N ALA A 70 -10.65 3.93 -24.50
CA ALA A 70 -11.78 4.80 -24.82
C ALA A 70 -12.26 4.58 -26.26
N ALA A 71 -11.32 4.57 -27.18
CA ALA A 71 -11.67 4.48 -28.60
C ALA A 71 -12.42 3.15 -28.86
N MET A 72 -11.84 2.05 -28.42
CA MET A 72 -12.46 0.75 -28.64
C MET A 72 -13.86 0.69 -28.02
N LYS A 73 -13.99 1.21 -26.80
CA LYS A 73 -15.29 1.23 -26.13
C LYS A 73 -16.36 2.03 -26.90
N ALA A 74 -15.93 3.07 -27.58
CA ALA A 74 -16.86 3.87 -28.40
C ALA A 74 -17.09 3.26 -29.79
N GLY A 75 -16.53 2.08 -30.02
CA GLY A 75 -16.74 1.40 -31.30
C GLY A 75 -15.86 1.84 -32.47
N VAL A 76 -14.84 2.64 -32.18
CA VAL A 76 -13.83 3.00 -33.16
C VAL A 76 -13.15 1.69 -33.49
N PRO A 77 -12.99 1.38 -34.76
CA PRO A 77 -12.52 0.05 -35.16
C PRO A 77 -11.08 -0.27 -34.74
N GLN A 78 -10.76 -1.56 -34.68
CA GLN A 78 -9.42 -2.01 -34.26
C GLN A 78 -8.35 -1.59 -35.24
N GLU A 79 -8.76 -1.32 -36.48
CA GLU A 79 -7.82 -0.86 -37.51
C GLU A 79 -7.39 0.61 -37.39
N ALA A 80 -8.16 1.42 -36.67
CA ALA A 80 -7.73 2.77 -36.31
C ALA A 80 -6.63 2.68 -35.23
N THR A 81 -6.10 3.81 -34.79
CA THR A 81 -5.03 3.82 -33.79
C THR A 81 -5.41 4.85 -32.70
N ALA A 82 -4.66 4.87 -31.61
CA ALA A 82 -4.96 5.81 -30.51
C ALA A 82 -3.73 5.89 -29.67
N TRP A 83 -3.53 7.05 -29.06
CA TRP A 83 -2.40 7.25 -28.16
C TRP A 83 -2.68 8.34 -27.15
N GLY A 84 -1.95 8.33 -26.04
CA GLY A 84 -2.13 9.37 -25.03
C GLY A 84 -0.95 10.32 -25.08
N MET A 85 -1.14 11.55 -24.61
CA MET A 85 0.00 12.43 -24.46
C MET A 85 -0.13 13.31 -23.21
N ASN A 86 0.98 13.91 -22.81
CA ASN A 86 1.04 14.67 -21.59
C ASN A 86 1.86 15.96 -21.71
N GLN A 87 1.16 17.09 -21.82
CA GLN A 87 1.78 18.39 -21.63
C GLN A 87 1.05 19.09 -20.49
N LEU A 88 0.86 18.35 -19.40
CA LEU A 88 0.17 18.83 -18.18
C LEU A 88 -1.20 19.50 -18.46
N CSO A 89 -1.50 20.65 -17.85
CA CSO A 89 -2.78 21.29 -18.12
CB CSO A 89 -2.94 22.57 -17.32
SG CSO A 89 -3.58 22.10 -15.69
C CSO A 89 -2.97 21.65 -19.57
O CSO A 89 -4.09 21.94 -19.99
OD CSO A 89 -4.16 23.63 -14.95
N GLY A 90 -1.88 21.67 -20.31
CA GLY A 90 -2.00 22.07 -21.72
C GLY A 90 -2.51 20.90 -22.57
N SER A 91 -2.53 19.70 -21.99
CA SER A 91 -2.75 18.47 -22.79
C SER A 91 -3.97 18.45 -23.69
N GLY A 92 -5.15 18.80 -23.16
CA GLY A 92 -6.37 18.64 -23.94
C GLY A 92 -6.44 19.55 -25.15
N LEU A 93 -5.82 20.72 -25.08
CA LEU A 93 -5.73 21.63 -26.21
C LEU A 93 -4.58 21.23 -27.18
N ARG A 94 -3.42 20.85 -26.62
CA ARG A 94 -2.32 20.37 -27.45
C ARG A 94 -2.73 19.18 -28.32
N ALA A 95 -3.45 18.23 -27.75
CA ALA A 95 -3.92 17.05 -28.50
C ALA A 95 -4.70 17.48 -29.70
N VAL A 96 -5.46 18.58 -29.60
CA VAL A 96 -6.21 19.09 -30.72
C VAL A 96 -5.28 19.65 -31.78
N ALA A 97 -4.21 20.33 -31.36
CA ALA A 97 -3.25 20.81 -32.37
C ALA A 97 -2.50 19.66 -33.02
N LEU A 98 -2.13 18.67 -32.21
CA LEU A 98 -1.49 17.47 -32.73
C LEU A 98 -2.38 16.77 -33.72
N GLY A 99 -3.68 16.72 -33.43
CA GLY A 99 -4.63 16.05 -34.33
C GLY A 99 -4.79 16.77 -35.66
N MET A 100 -4.87 18.09 -35.58
CA MET A 100 -4.81 18.95 -36.78
C MET A 100 -3.58 18.62 -37.64
N GLN A 101 -2.45 18.36 -37.01
CA GLN A 101 -1.21 18.20 -37.74
C GLN A 101 -1.22 16.85 -38.48
N GLN A 102 -1.92 15.85 -37.94
CA GLN A 102 -2.05 14.55 -38.63
C GLN A 102 -2.74 14.77 -39.97
N ILE A 103 -3.74 15.66 -39.96
CA ILE A 103 -4.53 15.93 -41.15
C ILE A 103 -3.74 16.82 -42.11
N ALA A 104 -3.09 17.85 -41.57
CA ALA A 104 -2.30 18.79 -42.37
C ALA A 104 -1.19 18.09 -43.17
N THR A 105 -0.57 17.08 -42.58
CA THR A 105 0.52 16.38 -43.23
C THR A 105 0.01 15.22 -44.09
N GLY A 106 -1.31 15.08 -44.16
CA GLY A 106 -1.94 14.07 -44.98
C GLY A 106 -1.76 12.63 -44.49
N ASP A 107 -1.58 12.43 -43.18
CA ASP A 107 -1.42 11.09 -42.59
C ASP A 107 -2.73 10.52 -42.03
N ALA A 108 -3.72 11.40 -41.91
CA ALA A 108 -5.07 10.99 -41.53
C ALA A 108 -6.11 11.94 -42.12
N SER A 109 -7.37 11.50 -42.12
CA SER A 109 -8.49 12.30 -42.62
C SER A 109 -9.41 12.71 -41.49
N ILE A 110 -9.62 11.79 -40.56
CA ILE A 110 -10.57 12.00 -39.46
C ILE A 110 -9.97 11.68 -38.10
N ILE A 111 -9.94 12.68 -37.24
CA ILE A 111 -9.28 12.55 -35.95
C ILE A 111 -10.23 12.95 -34.85
N VAL A 112 -10.27 12.17 -33.77
CA VAL A 112 -10.94 12.63 -32.55
C VAL A 112 -9.85 12.96 -31.53
N ALA A 113 -9.80 14.22 -31.06
CA ALA A 113 -8.75 14.64 -30.17
C ALA A 113 -9.28 15.44 -28.99
N GLY A 114 -8.66 15.25 -27.83
CA GLY A 114 -8.97 16.08 -26.68
C GLY A 114 -8.22 15.54 -25.48
N GLY A 115 -8.92 15.36 -24.36
CA GLY A 115 -8.27 14.91 -23.17
C GLY A 115 -9.27 14.33 -22.19
N MET A 116 -8.78 13.57 -21.24
CA MET A 116 -9.68 13.00 -20.25
C MET A 116 -8.85 12.86 -19.00
N GLU A 117 -9.49 12.93 -17.85
CA GLU A 117 -8.75 12.84 -16.58
C GLU A 117 -9.64 12.43 -15.44
N SER A 118 -9.17 11.46 -14.66
CA SER A 118 -9.88 11.15 -13.42
C SER A 118 -8.88 11.41 -12.34
N MET A 119 -8.93 12.60 -11.79
CA MET A 119 -8.10 12.89 -10.67
C MET A 119 -8.53 12.08 -9.46
N SER A 120 -9.84 11.84 -9.32
CA SER A 120 -10.31 11.02 -8.19
C SER A 120 -9.69 9.63 -8.20
N MET A 121 -9.66 8.98 -9.37
CA MET A 121 -9.11 7.62 -9.48
C MET A 121 -7.57 7.52 -9.46
N ALA A 122 -6.88 8.66 -9.37
CA ALA A 122 -5.42 8.62 -9.36
C ALA A 122 -4.90 7.90 -8.12
N PRO A 123 -3.95 6.98 -8.29
CA PRO A 123 -3.63 6.14 -7.12
C PRO A 123 -2.44 6.67 -6.34
N HIS A 124 -2.18 6.09 -5.16
CA HIS A 124 -0.95 6.30 -4.43
C HIS A 124 0.07 5.22 -4.81
N CYS A 125 1.35 5.54 -4.78
CA CYS A 125 2.37 4.60 -5.29
C CYS A 125 3.68 4.61 -4.52
N ALA A 126 4.50 3.60 -4.79
CA ALA A 126 5.81 3.48 -4.16
C ALA A 126 6.65 2.50 -4.97
N HIS A 127 7.93 2.80 -5.12
CA HIS A 127 8.86 1.91 -5.83
C HIS A 127 9.35 0.89 -4.83
N LEU A 128 9.00 -0.38 -5.05
CA LEU A 128 9.25 -1.43 -4.06
C LEU A 128 10.06 -2.61 -4.61
N ARG A 129 10.60 -2.48 -5.82
CA ARG A 129 11.40 -3.54 -6.42
C ARG A 129 12.68 -3.81 -5.67
N GLY A 130 13.29 -2.73 -5.16
CA GLY A 130 14.53 -2.83 -4.41
C GLY A 130 14.27 -3.54 -3.11
N GLY A 131 13.31 -3.01 -2.35
CA GLY A 131 12.94 -3.60 -1.08
C GLY A 131 13.48 -2.83 0.11
N VAL A 132 12.58 -2.21 0.86
CA VAL A 132 12.94 -1.48 2.07
C VAL A 132 13.22 -2.46 3.20
N LYS A 133 14.45 -2.46 3.68
CA LYS A 133 14.90 -3.42 4.70
C LYS A 133 14.11 -3.28 6.00
N MET A 134 13.85 -2.03 6.35
CA MET A 134 13.37 -1.70 7.68
C MET A 134 12.94 -0.24 7.76
N GLY A 135 11.81 0.00 8.42
CA GLY A 135 11.33 1.35 8.65
C GLY A 135 10.19 1.75 7.72
N ASP A 136 9.53 2.85 8.06
CA ASP A 136 8.39 3.35 7.27
C ASP A 136 8.86 3.82 5.92
N PHE A 137 7.93 3.87 4.96
CA PHE A 137 8.22 4.49 3.66
C PHE A 137 6.98 5.25 3.17
N LYS A 138 7.17 6.12 2.17
CA LYS A 138 6.06 6.94 1.69
C LYS A 138 5.25 6.27 0.58
N MET A 139 3.94 6.30 0.74
CA MET A 139 3.05 6.06 -0.38
C MET A 139 2.71 7.43 -0.98
N ILE A 140 3.08 7.62 -2.24
CA ILE A 140 3.07 8.93 -2.89
C ILE A 140 1.77 9.15 -3.65
N ASP A 141 1.08 10.26 -3.39
CA ASP A 141 -0.13 10.59 -4.13
C ASP A 141 0.29 10.96 -5.58
N THR A 142 -0.05 10.13 -6.55
CA THR A 142 0.41 10.39 -7.92
C THR A 142 -0.21 11.69 -8.45
N MET A 143 -1.42 12.00 -8.00
CA MET A 143 -2.07 13.25 -8.42
C MET A 143 -1.23 14.45 -8.01
N ILE A 144 -0.78 14.48 -6.75
CA ILE A 144 0.01 15.62 -6.29
C ILE A 144 1.40 15.60 -6.95
N LYS A 145 2.06 14.45 -6.90
CA LYS A 145 3.47 14.33 -7.32
C LYS A 145 3.61 14.52 -8.84
N ASP A 146 2.76 13.86 -9.58
CA ASP A 146 2.92 13.83 -11.04
C ASP A 146 2.10 14.89 -11.71
N GLY A 147 1.09 15.42 -11.00
CA GLY A 147 0.23 16.40 -11.60
C GLY A 147 0.45 17.84 -11.12
N LEU A 148 0.72 18.05 -9.84
CA LEU A 148 0.59 19.39 -9.22
C LEU A 148 1.83 19.92 -8.48
N THR A 149 2.91 19.16 -8.50
CA THR A 149 4.14 19.61 -7.85
C THR A 149 5.20 19.97 -8.89
N ASP A 150 5.82 21.14 -8.76
CA ASP A 150 6.92 21.46 -9.69
C ASP A 150 8.13 20.55 -9.47
N ALA A 151 8.68 20.06 -10.57
CA ALA A 151 9.73 19.06 -10.54
C ALA A 151 11.11 19.66 -10.21
N PHE A 152 11.26 20.97 -10.41
CA PHE A 152 12.54 21.66 -10.24
C PHE A 152 12.65 22.32 -8.88
N TYR A 153 11.54 22.84 -8.38
CA TYR A 153 11.53 23.59 -7.11
C TYR A 153 10.85 22.84 -5.97
N GLY A 154 10.13 21.79 -6.30
CA GLY A 154 9.60 20.91 -5.29
C GLY A 154 8.32 21.37 -4.61
N TYR A 155 7.78 22.51 -5.03
CA TYR A 155 6.55 23.03 -4.44
C TYR A 155 5.35 22.96 -5.36
N HIS A 156 4.17 23.15 -4.79
CA HIS A 156 2.89 22.99 -5.49
C HIS A 156 2.71 24.11 -6.54
N MET A 157 1.90 23.84 -7.56
CA MET A 157 1.53 24.87 -8.53
C MET A 157 1.00 26.10 -7.78
N GLY A 158 0.38 25.86 -6.63
CA GLY A 158 -0.15 26.94 -5.80
C GLY A 158 0.93 27.91 -5.32
N THR A 159 2.13 27.42 -5.13
CA THR A 159 3.22 28.31 -4.77
C THR A 159 3.63 29.13 -5.99
N THR A 160 3.52 28.56 -7.19
CA THR A 160 3.85 29.37 -8.37
C THR A 160 2.84 30.49 -8.49
N ALA A 161 1.59 30.22 -8.14
CA ALA A 161 0.61 31.31 -8.09
C ALA A 161 0.99 32.43 -7.10
N GLU A 162 1.51 32.06 -5.93
CA GLU A 162 1.94 33.08 -4.98
C GLU A 162 3.09 33.90 -5.56
N ASN A 163 4.04 33.19 -6.17
CA ASN A 163 5.12 33.88 -6.88
C ASN A 163 4.59 34.95 -7.82
N VAL A 164 3.56 34.58 -8.59
CA VAL A 164 2.95 35.52 -9.53
C VAL A 164 2.20 36.67 -8.82
N ALA A 165 1.47 36.33 -7.76
CA ALA A 165 0.79 37.36 -7.00
C ALA A 165 1.74 38.42 -6.45
N LYS A 166 2.92 38.02 -6.00
CA LYS A 166 3.87 38.97 -5.46
C LYS A 166 4.48 39.83 -6.53
N GLN A 167 4.83 39.22 -7.66
CA GLN A 167 5.50 39.94 -8.73
C GLN A 167 4.58 40.91 -9.47
N TRP A 168 3.28 40.57 -9.55
CA TRP A 168 2.31 41.47 -10.19
C TRP A 168 1.52 42.28 -9.15
N GLN A 169 1.84 42.06 -7.88
CA GLN A 169 1.25 42.84 -6.78
C GLN A 169 -0.28 42.70 -6.69
N LEU A 170 -0.72 41.45 -6.73
CA LEU A 170 -2.14 41.15 -6.71
C LEU A 170 -2.59 40.85 -5.30
N SER A 171 -3.40 41.76 -4.76
CA SER A 171 -3.94 41.60 -3.41
C SER A 171 -4.85 40.39 -3.30
N ARG A 172 -4.95 39.87 -2.08
CA ARG A 172 -5.96 38.88 -1.74
C ARG A 172 -7.36 39.32 -2.16
N ASP A 173 -7.66 40.60 -1.94
CA ASP A 173 -8.96 41.14 -2.29
C ASP A 173 -9.21 41.11 -3.78
N GLU A 174 -8.19 41.44 -4.58
CA GLU A 174 -8.36 41.40 -6.04
C GLU A 174 -8.62 39.96 -6.52
N GLN A 175 -7.83 39.02 -6.02
CA GLN A 175 -7.98 37.60 -6.36
C GLN A 175 -9.33 37.05 -5.92
N ASP A 176 -9.78 37.45 -4.73
CA ASP A 176 -11.09 37.04 -4.25
C ASP A 176 -12.25 37.57 -5.09
N ALA A 177 -12.17 38.83 -5.51
CA ALA A 177 -13.20 39.40 -6.37
C ALA A 177 -13.25 38.62 -7.70
N PHE A 178 -12.08 38.32 -8.24
CA PHE A 178 -12.00 37.53 -9.47
C PHE A 178 -12.68 36.18 -9.30
N ALA A 179 -12.45 35.53 -8.16
CA ALA A 179 -12.98 34.21 -7.95
C ALA A 179 -14.50 34.27 -7.81
N VAL A 180 -15.02 35.25 -7.09
CA VAL A 180 -16.46 35.38 -6.93
C VAL A 180 -17.11 35.64 -8.27
N ALA A 181 -16.46 36.47 -9.08
CA ALA A 181 -17.02 36.75 -10.41
C ALA A 181 -17.04 35.50 -11.27
N SER A 182 -16.06 34.62 -11.11
CA SER A 182 -16.02 33.41 -11.94
C SER A 182 -17.22 32.54 -11.59
N GLN A 183 -17.42 32.36 -10.29
CA GLN A 183 -18.56 31.60 -9.80
C GLN A 183 -19.89 32.18 -10.25
N ASN A 184 -20.05 33.49 -10.11
CA ASN A 184 -21.34 34.10 -10.39
C ASN A 184 -21.62 34.00 -11.89
N LYS A 185 -20.59 34.21 -12.72
CA LYS A 185 -20.77 34.04 -14.15
C LYS A 185 -21.14 32.58 -14.47
N ALA A 186 -20.50 31.61 -13.80
CA ALA A 186 -20.73 30.21 -14.13
C ALA A 186 -22.12 29.80 -13.69
N GLU A 187 -22.54 30.30 -12.53
CA GLU A 187 -23.85 29.95 -11.98
C GLU A 187 -24.91 30.49 -12.93
N ALA A 188 -24.70 31.73 -13.42
CA ALA A 188 -25.65 32.35 -14.35
C ALA A 188 -25.76 31.56 -15.64
N ALA A 189 -24.62 31.20 -16.23
CA ALA A 189 -24.62 30.43 -17.45
C ALA A 189 -25.28 29.06 -17.23
N GLN A 190 -25.01 28.42 -16.09
CA GLN A 190 -25.59 27.09 -15.87
C GLN A 190 -27.12 27.20 -15.81
N LYS A 191 -27.60 28.13 -14.99
CA LYS A 191 -29.04 28.33 -14.83
C LYS A 191 -29.71 28.68 -16.17
N ASP A 192 -29.03 29.50 -16.95
CA ASP A 192 -29.55 29.91 -18.25
C ASP A 192 -29.52 28.81 -19.32
N GLY A 193 -28.83 27.71 -19.05
CA GLY A 193 -28.73 26.61 -20.01
C GLY A 193 -27.55 26.68 -20.99
N ARG A 194 -26.64 27.64 -20.81
CA ARG A 194 -25.48 27.78 -21.74
C ARG A 194 -24.46 26.63 -21.76
N PHE A 195 -24.50 25.70 -20.80
CA PHE A 195 -23.64 24.52 -20.86
C PHE A 195 -24.34 23.31 -21.44
N LYS A 196 -25.62 23.44 -21.75
CA LYS A 196 -26.37 22.31 -22.27
CA LYS A 196 -26.37 22.29 -22.26
C LYS A 196 -25.83 21.81 -23.60
N ASP A 197 -25.56 22.73 -24.50
CA ASP A 197 -25.12 22.35 -25.84
C ASP A 197 -23.81 21.53 -25.77
N GLU A 198 -22.84 22.03 -25.02
CA GLU A 198 -21.51 21.43 -25.00
C GLU A 198 -21.49 20.11 -24.22
N ILE A 199 -22.28 20.05 -23.16
CA ILE A 199 -22.31 18.83 -22.34
C ILE A 199 -23.08 17.65 -22.95
N VAL A 200 -22.43 16.49 -22.97
CA VAL A 200 -23.14 15.26 -23.25
C VAL A 200 -23.35 14.56 -21.92
N PRO A 201 -24.55 14.01 -21.70
CA PRO A 201 -24.71 13.44 -20.35
C PRO A 201 -23.93 12.15 -20.17
N PHE A 202 -23.52 11.87 -18.93
CA PHE A 202 -22.77 10.65 -18.66
C PHE A 202 -23.51 9.77 -17.67
N ILE A 203 -23.66 8.50 -18.02
CA ILE A 203 -24.36 7.55 -17.17
C ILE A 203 -23.40 6.79 -16.27
N VAL A 204 -23.43 7.10 -14.98
CA VAL A 204 -22.63 6.38 -13.98
C VAL A 204 -23.36 5.09 -13.61
N LYS A 205 -22.77 3.94 -13.97
CA LYS A 205 -23.44 2.66 -13.73
C LYS A 205 -23.35 2.26 -12.26
N GLY A 206 -24.50 1.92 -11.69
CA GLY A 206 -24.56 1.52 -10.30
C GLY A 206 -25.46 0.32 -10.12
N ARG A 207 -24.91 -0.74 -9.51
CA ARG A 207 -25.65 -1.94 -9.19
C ARG A 207 -27.04 -1.61 -8.68
N LYS A 208 -27.13 -0.59 -7.83
CA LYS A 208 -28.40 -0.15 -7.29
C LYS A 208 -28.85 1.16 -7.92
N GLY A 209 -28.82 1.21 -9.25
CA GLY A 209 -29.34 2.36 -9.98
C GLY A 209 -28.30 3.16 -10.76
N ASP A 210 -28.57 3.34 -12.05
CA ASP A 210 -27.76 4.23 -12.89
C ASP A 210 -28.10 5.68 -12.56
N ILE A 211 -27.10 6.53 -12.64
CA ILE A 211 -27.29 7.95 -12.39
C ILE A 211 -26.81 8.70 -13.62
N THR A 212 -27.65 9.59 -14.14
CA THR A 212 -27.28 10.41 -15.27
C THR A 212 -26.68 11.72 -14.73
N VAL A 213 -25.48 12.05 -15.16
CA VAL A 213 -24.82 13.29 -14.75
C VAL A 213 -24.77 14.23 -15.95
N ASP A 214 -25.50 15.34 -15.91
CA ASP A 214 -25.38 16.30 -16.99
C ASP A 214 -25.23 17.74 -16.52
N ALA A 215 -24.86 17.90 -15.25
CA ALA A 215 -24.61 19.23 -14.73
C ALA A 215 -23.23 19.34 -14.05
N ASP A 216 -22.56 20.45 -14.29
CA ASP A 216 -21.27 20.75 -13.65
C ASP A 216 -21.45 20.94 -12.16
N GLU A 217 -21.02 19.96 -11.37
CA GLU A 217 -21.44 19.95 -9.97
C GLU A 217 -20.52 20.75 -9.08
N TYR A 218 -19.40 21.24 -9.63
CA TYR A 218 -18.43 21.98 -8.83
C TYR A 218 -18.85 23.46 -8.68
N ILE A 219 -19.72 23.94 -9.58
CA ILE A 219 -20.11 25.35 -9.55
C ILE A 219 -20.83 25.68 -8.24
N ARG A 220 -20.35 26.66 -7.51
CA ARG A 220 -21.02 27.02 -6.26
CA ARG A 220 -20.99 27.08 -6.26
C ARG A 220 -22.17 28.00 -6.53
N HIS A 221 -23.35 27.64 -6.04
CA HIS A 221 -24.52 28.50 -6.18
C HIS A 221 -24.64 29.47 -5.01
N GLY A 222 -24.54 30.76 -5.30
CA GLY A 222 -24.65 31.77 -4.28
C GLY A 222 -23.36 32.05 -3.52
N ALA A 223 -22.24 31.98 -4.23
CA ALA A 223 -20.94 32.24 -3.63
C ALA A 223 -20.90 33.66 -3.09
N THR A 224 -20.38 33.84 -1.89
CA THR A 224 -20.35 35.19 -1.32
C THR A 224 -18.91 35.66 -1.12
N LEU A 225 -18.69 36.98 -1.21
CA LEU A 225 -17.36 37.54 -0.98
C LEU A 225 -16.93 37.31 0.46
N ASP A 226 -17.89 37.44 1.38
CA ASP A 226 -17.59 37.28 2.80
C ASP A 226 -16.94 35.93 3.11
N SER A 227 -17.52 34.86 2.58
CA SER A 227 -16.99 33.53 2.83
C SER A 227 -15.64 33.31 2.12
N MET A 228 -15.52 33.85 0.91
CA MET A 228 -14.25 33.81 0.18
C MET A 228 -13.16 34.54 1.01
N ALA A 229 -13.49 35.70 1.56
CA ALA A 229 -12.52 36.52 2.28
C ALA A 229 -12.08 35.87 3.58
N LYS A 230 -12.86 34.92 4.05
CA LYS A 230 -12.63 34.30 5.35
CA LYS A 230 -12.60 34.30 5.35
C LYS A 230 -11.70 33.08 5.24
N LEU A 231 -11.51 32.60 4.01
CA LEU A 231 -10.67 31.43 3.81
C LEU A 231 -9.21 31.68 4.19
N ARG A 232 -8.55 30.61 4.63
CA ARG A 232 -7.13 30.66 4.96
C ARG A 232 -6.27 30.32 3.75
N PRO A 233 -5.12 30.99 3.61
CA PRO A 233 -4.18 30.65 2.53
C PRO A 233 -3.88 29.16 2.58
N ALA A 234 -3.81 28.54 1.41
CA ALA A 234 -3.73 27.08 1.34
C ALA A 234 -2.31 26.57 1.13
N PHE A 235 -1.39 27.46 0.71
CA PHE A 235 -0.04 27.05 0.32
C PHE A 235 1.08 27.80 1.03
N ASP A 236 0.77 28.99 1.53
CA ASP A 236 1.75 29.81 2.23
C ASP A 236 1.01 30.51 3.36
N LYS A 237 1.40 30.22 4.60
CA LYS A 237 0.69 30.79 5.76
C LYS A 237 0.54 32.31 5.72
N GLU A 238 1.43 32.99 5.01
CA GLU A 238 1.27 34.44 4.84
C GLU A 238 0.99 34.82 3.39
N GLY A 239 0.33 33.90 2.67
CA GLY A 239 0.04 34.11 1.26
C GLY A 239 -1.33 34.66 0.99
N THR A 240 -1.75 34.58 -0.26
CA THR A 240 -3.02 35.12 -0.71
C THR A 240 -3.87 34.09 -1.45
N VAL A 241 -3.22 33.03 -1.93
CA VAL A 241 -3.90 31.95 -2.61
C VAL A 241 -4.63 30.98 -1.66
N THR A 242 -5.91 30.72 -1.95
CA THR A 242 -6.76 29.86 -1.11
C THR A 242 -7.54 28.84 -1.92
N ALA A 243 -8.19 27.92 -1.23
CA ALA A 243 -9.09 26.95 -1.84
C ALA A 243 -10.13 27.68 -2.65
N GLY A 244 -10.46 28.89 -2.21
CA GLY A 244 -11.49 29.66 -2.84
C GLY A 244 -11.10 30.33 -4.16
N ASN A 245 -9.89 30.83 -4.25
CA ASN A 245 -9.50 31.57 -5.46
C ASN A 245 -8.54 30.75 -6.33
N ALA A 246 -8.40 29.46 -6.00
CA ALA A 246 -7.65 28.53 -6.85
C ALA A 246 -8.62 27.60 -7.57
N SER A 247 -8.21 27.00 -8.69
CA SER A 247 -9.07 26.02 -9.36
C SER A 247 -9.14 24.77 -8.50
N GLY A 248 -10.01 23.84 -8.87
CA GLY A 248 -10.24 22.69 -8.01
C GLY A 248 -9.57 21.49 -8.62
N LEU A 249 -9.68 20.38 -7.91
CA LEU A 249 -9.35 19.04 -8.43
C LEU A 249 -10.63 18.36 -8.94
N ASN A 250 -10.59 17.82 -10.15
CA ASN A 250 -11.84 17.45 -10.81
C ASN A 250 -11.65 16.34 -11.81
N ASP A 251 -12.77 15.80 -12.31
CA ASP A 251 -12.80 14.68 -13.26
C ASP A 251 -13.61 15.09 -14.49
N GLY A 252 -13.15 14.73 -15.69
CA GLY A 252 -14.01 14.91 -16.86
C GLY A 252 -13.27 14.55 -18.12
N ALA A 253 -13.94 14.67 -19.24
CA ALA A 253 -13.24 14.46 -20.48
C ALA A 253 -13.86 15.40 -21.48
N ALA A 254 -13.16 15.65 -22.56
CA ALA A 254 -13.69 16.57 -23.55
C ALA A 254 -12.98 16.35 -24.88
N ALA A 255 -13.68 16.58 -26.00
CA ALA A 255 -13.01 16.33 -27.28
C ALA A 255 -13.60 17.06 -28.46
N ALA A 256 -12.89 16.96 -29.58
CA ALA A 256 -13.31 17.63 -30.82
C ALA A 256 -13.14 16.63 -31.94
N LEU A 257 -14.04 16.62 -32.90
CA LEU A 257 -13.87 15.80 -34.10
C LEU A 257 -13.25 16.68 -35.18
N LEU A 258 -12.14 16.26 -35.77
CA LEU A 258 -11.43 17.11 -36.72
CA LEU A 258 -11.38 17.09 -36.72
C LEU A 258 -11.38 16.52 -38.12
N MET A 259 -11.38 17.39 -39.13
CA MET A 259 -11.24 16.92 -40.49
C MET A 259 -10.90 18.14 -41.32
N SER A 260 -10.53 17.91 -42.57
CA SER A 260 -10.25 19.04 -43.46
C SER A 260 -11.53 19.85 -43.76
N GLU A 261 -11.36 21.13 -44.09
CA GLU A 261 -12.51 21.96 -44.45
C GLU A 261 -13.19 21.35 -45.69
N ALA A 262 -12.41 20.81 -46.61
CA ALA A 262 -12.99 20.25 -47.84
C ALA A 262 -13.81 19.02 -47.48
N GLU A 263 -13.31 18.21 -46.56
CA GLU A 263 -14.04 17.03 -46.10
C GLU A 263 -15.37 17.38 -45.42
N ALA A 264 -15.38 18.38 -44.54
CA ALA A 264 -16.62 18.80 -43.89
C ALA A 264 -17.66 19.22 -44.95
N SER A 265 -17.20 19.95 -45.97
CA SER A 265 -18.09 20.40 -47.03
C SER A 265 -18.71 19.22 -47.80
N ARG A 266 -17.90 18.22 -48.17
CA ARG A 266 -18.42 17.04 -48.85
C ARG A 266 -19.50 16.39 -47.99
N ARG A 267 -19.29 16.36 -46.68
CA ARG A 267 -20.26 15.75 -45.79
C ARG A 267 -21.46 16.65 -45.47
N GLY A 268 -21.37 17.93 -45.82
CA GLY A 268 -22.45 18.84 -45.52
C GLY A 268 -22.49 19.23 -44.05
N ILE A 269 -21.34 19.09 -43.38
CA ILE A 269 -21.23 19.46 -41.98
C ILE A 269 -21.03 20.98 -41.83
N GLN A 270 -21.75 21.59 -40.89
CA GLN A 270 -21.47 22.98 -40.51
C GLN A 270 -20.55 23.03 -39.30
N PRO A 271 -19.25 23.27 -39.54
CA PRO A 271 -18.26 23.15 -38.47
C PRO A 271 -18.37 24.24 -37.43
N LEU A 272 -17.94 23.91 -36.22
CA LEU A 272 -17.86 24.87 -35.12
CA LEU A 272 -17.86 24.86 -35.12
C LEU A 272 -16.75 25.90 -35.33
N GLY A 273 -15.77 25.58 -36.16
CA GLY A 273 -14.76 26.58 -36.41
C GLY A 273 -13.61 26.06 -37.24
N ARG A 274 -12.80 26.99 -37.74
CA ARG A 274 -11.59 26.63 -38.43
C ARG A 274 -10.40 26.90 -37.53
N ILE A 275 -9.47 25.96 -37.46
CA ILE A 275 -8.27 26.16 -36.65
C ILE A 275 -7.30 27.06 -37.41
N VAL A 276 -7.15 28.30 -36.98
CA VAL A 276 -6.31 29.20 -37.76
C VAL A 276 -4.85 29.18 -37.36
N SER A 277 -4.59 28.90 -36.09
CA SER A 277 -3.20 28.82 -35.65
C SER A 277 -3.17 28.25 -34.24
N TRP A 278 -1.98 27.89 -33.79
CA TRP A 278 -1.77 27.48 -32.39
C TRP A 278 -0.30 27.80 -32.05
N ALA A 279 0.08 27.76 -30.78
CA ALA A 279 1.47 27.92 -30.39
C ALA A 279 1.70 27.39 -28.99
N THR A 280 2.93 26.99 -28.71
CA THR A 280 3.30 26.65 -27.34
C THR A 280 4.68 27.26 -27.12
N VAL A 281 4.88 27.81 -25.91
CA VAL A 281 6.11 28.51 -25.53
C VAL A 281 6.38 28.28 -24.05
N GLY A 282 7.66 28.29 -23.65
CA GLY A 282 8.03 28.08 -22.26
C GLY A 282 8.29 29.38 -21.54
N VAL A 283 8.14 29.35 -20.22
CA VAL A 283 8.46 30.49 -19.34
C VAL A 283 9.20 29.90 -18.15
N ASP A 284 9.55 30.74 -17.18
CA ASP A 284 10.20 30.24 -15.97
C ASP A 284 9.22 29.39 -15.16
N PRO A 285 9.65 28.21 -14.71
CA PRO A 285 8.77 27.36 -13.89
C PRO A 285 8.21 28.07 -12.65
N LYS A 286 9.02 28.88 -12.00
CA LYS A 286 8.55 29.62 -10.81
C LYS A 286 7.32 30.48 -11.05
N VAL A 287 7.10 30.87 -12.31
CA VAL A 287 5.94 31.67 -12.68
C VAL A 287 5.21 31.07 -13.88
N MET A 288 4.97 29.77 -13.81
CA MET A 288 4.36 29.01 -14.90
C MET A 288 3.00 29.57 -15.35
N GLY A 289 2.23 30.10 -14.40
CA GLY A 289 0.93 30.69 -14.70
C GLY A 289 1.00 31.81 -15.73
N THR A 290 2.20 32.32 -16.01
CA THR A 290 2.34 33.35 -17.05
C THR A 290 2.47 32.82 -18.48
N GLY A 291 2.62 31.51 -18.64
CA GLY A 291 2.78 30.94 -19.97
C GLY A 291 1.77 31.40 -21.00
N PRO A 292 0.49 31.62 -20.60
CA PRO A 292 -0.48 32.02 -21.62
C PRO A 292 -0.09 33.30 -22.32
N ILE A 293 0.76 34.11 -21.69
CA ILE A 293 1.12 35.39 -22.27
C ILE A 293 1.87 35.29 -23.61
N PRO A 294 3.08 34.70 -23.62
CA PRO A 294 3.86 34.47 -24.83
C PRO A 294 3.20 33.44 -25.76
N ALA A 295 2.52 32.43 -25.22
CA ALA A 295 1.80 31.49 -26.10
C ALA A 295 0.70 32.18 -26.86
N SER A 296 -0.10 33.01 -26.18
CA SER A 296 -1.23 33.67 -26.84
C SER A 296 -0.68 34.66 -27.84
N ARG A 297 0.37 35.38 -27.43
CA ARG A 297 0.98 36.34 -28.35
C ARG A 297 1.53 35.68 -29.60
N LYS A 298 2.23 34.56 -29.43
CA LYS A 298 2.72 33.79 -30.59
C LYS A 298 1.60 33.27 -31.53
N ALA A 299 0.51 32.76 -30.96
CA ALA A 299 -0.62 32.25 -31.75
C ALA A 299 -1.26 33.37 -32.58
N LEU A 300 -1.40 34.54 -31.95
CA LEU A 300 -1.98 35.69 -32.61
C LEU A 300 -1.10 36.13 -33.77
N GLU A 301 0.20 36.16 -33.55
CA GLU A 301 1.13 36.53 -34.62
C GLU A 301 1.00 35.58 -35.79
N ARG A 302 0.95 34.29 -35.48
CA ARG A 302 0.76 33.25 -36.49
C ARG A 302 -0.55 33.37 -37.27
N ALA A 303 -1.61 33.80 -36.59
CA ALA A 303 -2.90 34.01 -37.22
C ALA A 303 -2.94 35.30 -38.06
N GLY A 304 -1.99 36.20 -37.81
CA GLY A 304 -1.99 37.52 -38.39
C GLY A 304 -3.05 38.41 -37.75
N TRP A 305 -3.38 38.12 -36.50
CA TRP A 305 -4.39 38.87 -35.77
C TRP A 305 -3.77 39.76 -34.70
N LYS A 306 -4.41 40.91 -34.46
CA LYS A 306 -4.16 41.75 -33.28
C LYS A 306 -4.95 41.25 -32.10
N ILE A 307 -4.46 41.50 -30.88
CA ILE A 307 -5.27 41.21 -29.69
C ILE A 307 -6.72 41.74 -29.80
N GLY A 308 -6.87 42.99 -30.25
CA GLY A 308 -8.18 43.59 -30.42
C GLY A 308 -9.11 42.96 -31.45
N ASP A 309 -8.57 42.08 -32.29
CA ASP A 309 -9.41 41.41 -33.29
C ASP A 309 -10.28 40.32 -32.64
N LEU A 310 -9.88 39.85 -31.47
CA LEU A 310 -10.60 38.77 -30.80
C LEU A 310 -12.02 39.17 -30.35
N ASP A 311 -12.98 38.30 -30.57
CA ASP A 311 -14.35 38.48 -30.11
C ASP A 311 -14.65 37.74 -28.80
N LEU A 312 -13.97 36.65 -28.56
CA LEU A 312 -14.21 35.87 -27.35
C LEU A 312 -12.92 35.17 -26.91
N VAL A 313 -12.70 35.06 -25.60
CA VAL A 313 -11.49 34.40 -25.09
C VAL A 313 -11.85 33.43 -23.98
N GLU A 314 -11.27 32.23 -24.04
CA GLU A 314 -11.18 31.31 -22.89
C GLU A 314 -9.74 31.21 -22.42
N ALA A 315 -9.47 31.76 -21.25
CA ALA A 315 -8.16 31.67 -20.65
C ALA A 315 -8.32 30.88 -19.36
N ASN A 316 -7.76 29.67 -19.31
CA ASN A 316 -8.03 28.78 -18.18
C ASN A 316 -7.64 29.39 -16.84
N GLU A 317 -8.56 29.28 -15.88
CA GLU A 317 -8.35 29.83 -14.55
C GLU A 317 -7.66 28.84 -13.59
N ALA A 318 -6.35 28.62 -13.78
CA ALA A 318 -5.62 27.78 -12.82
C ALA A 318 -5.71 28.34 -11.38
N PHE A 319 -5.46 29.63 -11.28
CA PHE A 319 -5.52 30.36 -10.02
C PHE A 319 -5.93 31.79 -10.36
N ALA A 320 -6.72 32.44 -9.49
CA ALA A 320 -7.04 33.85 -9.73
C ALA A 320 -5.78 34.73 -10.00
N ALA A 321 -4.76 34.55 -9.18
CA ALA A 321 -3.52 35.31 -9.34
C ALA A 321 -2.98 35.26 -10.77
N GLN A 322 -2.83 34.06 -11.32
CA GLN A 322 -2.28 33.97 -12.67
C GLN A 322 -3.24 34.46 -13.76
N ALA A 323 -4.52 34.13 -13.62
CA ALA A 323 -5.52 34.57 -14.57
C ALA A 323 -5.56 36.11 -14.63
N CYS A 324 -5.41 36.74 -13.47
CA CYS A 324 -5.37 38.21 -13.40
C CYS A 324 -4.15 38.82 -14.08
N ALA A 325 -2.99 38.20 -13.83
CA ALA A 325 -1.73 38.61 -14.45
C ALA A 325 -1.84 38.48 -15.95
N VAL A 326 -2.34 37.32 -16.41
CA VAL A 326 -2.52 37.10 -17.84
C VAL A 326 -3.39 38.21 -18.45
N ASN A 327 -4.50 38.52 -17.80
CA ASN A 327 -5.42 39.52 -18.33
C ASN A 327 -4.77 40.90 -18.33
N LYS A 328 -4.02 41.18 -17.28
CA LYS A 328 -3.34 42.48 -17.15
C LYS A 328 -2.32 42.73 -18.25
N ASP A 329 -1.49 41.73 -18.50
CA ASP A 329 -0.41 41.84 -19.47
C ASP A 329 -0.94 41.86 -20.91
N LEU A 330 -1.96 41.05 -21.18
CA LEU A 330 -2.51 40.99 -22.53
C LEU A 330 -3.40 42.19 -22.84
N GLY A 331 -4.12 42.66 -21.83
CA GLY A 331 -4.95 43.83 -21.99
C GLY A 331 -6.21 43.62 -22.82
N TRP A 332 -6.57 42.38 -23.13
CA TRP A 332 -7.83 42.16 -23.83
C TRP A 332 -8.98 42.56 -22.92
N ASP A 333 -10.14 42.89 -23.50
CA ASP A 333 -11.26 43.35 -22.71
C ASP A 333 -11.68 42.21 -21.79
N PRO A 334 -11.65 42.45 -20.48
CA PRO A 334 -12.00 41.29 -19.64
C PRO A 334 -13.47 40.85 -19.82
N SER A 335 -14.33 41.72 -20.38
CA SER A 335 -15.75 41.41 -20.64
C SER A 335 -15.94 40.29 -21.67
N ILE A 336 -14.92 40.04 -22.49
CA ILE A 336 -15.00 38.92 -23.44
C ILE A 336 -14.27 37.69 -23.00
N VAL A 337 -13.71 37.69 -21.79
CA VAL A 337 -12.88 36.56 -21.34
C VAL A 337 -13.67 35.72 -20.34
N ASN A 338 -13.78 34.42 -20.63
CA ASN A 338 -14.48 33.48 -19.76
C ASN A 338 -15.87 33.99 -19.43
N VAL A 339 -16.62 34.37 -20.48
CA VAL A 339 -17.92 34.99 -20.29
C VAL A 339 -18.92 34.12 -19.53
N ASN A 340 -18.73 32.82 -19.56
CA ASN A 340 -19.59 31.90 -18.77
C ASN A 340 -18.90 31.30 -17.54
N GLY A 341 -17.85 31.96 -17.08
CA GLY A 341 -17.15 31.49 -15.91
C GLY A 341 -15.95 30.67 -16.31
N GLY A 342 -15.07 30.40 -15.35
CA GLY A 342 -13.90 29.61 -15.65
C GLY A 342 -13.66 28.52 -14.63
N ALA A 343 -12.46 27.95 -14.72
CA ALA A 343 -12.08 26.76 -13.90
C ALA A 343 -12.19 26.94 -12.40
N ILE A 344 -12.17 28.17 -11.92
CA ILE A 344 -12.31 28.34 -10.48
C ILE A 344 -13.67 27.84 -10.05
N ALA A 345 -14.66 28.04 -10.93
CA ALA A 345 -16.04 27.65 -10.69
C ALA A 345 -16.35 26.28 -11.28
N ILE A 346 -15.84 26.03 -12.48
CA ILE A 346 -16.29 24.85 -13.21
C ILE A 346 -15.45 23.61 -12.92
N GLY A 347 -14.19 23.81 -12.56
CA GLY A 347 -13.30 22.71 -12.27
C GLY A 347 -12.15 22.58 -13.23
N ASN A 348 -11.15 21.77 -12.86
CA ASN A 348 -9.91 21.76 -13.65
C ASN A 348 -9.37 20.34 -13.76
N PRO A 349 -10.06 19.47 -14.50
CA PRO A 349 -9.62 18.09 -14.71
C PRO A 349 -8.42 18.11 -15.65
N ILE A 350 -7.23 18.15 -15.08
CA ILE A 350 -6.02 18.66 -15.76
C ILE A 350 -5.81 18.25 -17.22
N GLY A 351 -5.78 16.96 -17.51
CA GLY A 351 -5.51 16.51 -18.88
C GLY A 351 -6.63 16.85 -19.86
N ALA A 352 -7.85 17.00 -19.32
CA ALA A 352 -9.03 17.33 -20.07
C ALA A 352 -9.25 18.84 -20.19
N SER A 353 -8.75 19.60 -19.22
CA SER A 353 -9.10 21.03 -19.17
C SER A 353 -8.94 21.82 -20.48
N GLY A 354 -7.87 21.58 -21.25
CA GLY A 354 -7.66 22.34 -22.48
C GLY A 354 -8.74 22.10 -23.51
N ALA A 355 -9.26 20.87 -23.59
CA ALA A 355 -10.38 20.64 -24.49
C ALA A 355 -11.70 21.03 -23.84
N ARG A 356 -11.73 21.07 -22.51
CA ARG A 356 -12.91 21.56 -21.81
C ARG A 356 -13.12 23.02 -22.22
N ILE A 357 -12.07 23.85 -22.12
CA ILE A 357 -12.31 25.25 -22.35
C ILE A 357 -12.49 25.49 -23.87
N LEU A 358 -11.94 24.61 -24.69
CA LEU A 358 -12.18 24.72 -26.15
CA LEU A 358 -12.18 24.74 -26.13
C LEU A 358 -13.67 24.51 -26.44
N ASN A 359 -14.25 23.49 -25.81
CA ASN A 359 -15.70 23.27 -25.93
C ASN A 359 -16.48 24.52 -25.54
N THR A 360 -16.15 25.06 -24.39
CA THR A 360 -16.92 26.22 -23.91
C THR A 360 -16.79 27.39 -24.90
N LEU A 361 -15.58 27.57 -25.41
CA LEU A 361 -15.30 28.58 -26.41
CA LEU A 361 -15.31 28.58 -26.42
C LEU A 361 -16.13 28.38 -27.70
N LEU A 362 -16.08 27.19 -28.30
CA LEU A 362 -16.78 26.93 -29.55
C LEU A 362 -18.30 27.13 -29.46
N PHE A 363 -18.91 26.60 -28.40
CA PHE A 363 -20.37 26.70 -28.30
C PHE A 363 -20.83 28.15 -27.99
N GLU A 364 -20.05 28.87 -27.21
CA GLU A 364 -20.35 30.28 -26.99
C GLU A 364 -20.13 31.13 -28.28
N MET A 365 -19.05 30.92 -29.01
CA MET A 365 -18.89 31.57 -30.32
C MET A 365 -20.10 31.32 -31.18
N LYS A 366 -20.50 30.05 -31.32
CA LYS A 366 -21.71 29.71 -32.10
C LYS A 366 -22.95 30.48 -31.61
N ARG A 367 -23.20 30.46 -30.30
CA ARG A 367 -24.40 31.10 -29.82
C ARG A 367 -24.43 32.61 -30.00
N ARG A 368 -23.30 33.28 -29.85
CA ARG A 368 -23.30 34.72 -29.88
C ARG A 368 -22.91 35.23 -31.25
N GLY A 369 -22.48 34.31 -32.10
CA GLY A 369 -22.06 34.69 -33.45
C GLY A 369 -20.70 35.39 -33.48
N ALA A 370 -19.84 35.07 -32.51
CA ALA A 370 -18.45 35.57 -32.51
C ALA A 370 -17.63 34.99 -33.68
N ARG A 371 -16.90 35.86 -34.37
CA ARG A 371 -16.07 35.42 -35.51
C ARG A 371 -14.70 34.87 -35.12
N LYS A 372 -14.05 35.52 -34.15
CA LYS A 372 -12.69 35.14 -33.75
C LYS A 372 -12.56 34.83 -32.25
N GLY A 373 -12.06 33.63 -31.94
CA GLY A 373 -11.82 33.22 -30.56
C GLY A 373 -10.41 32.73 -30.29
N LEU A 374 -10.04 32.69 -29.01
CA LEU A 374 -8.75 32.14 -28.62
C LEU A 374 -8.93 31.38 -27.31
N ALA A 375 -8.37 30.17 -27.25
CA ALA A 375 -8.26 29.39 -26.03
C ALA A 375 -6.79 29.29 -25.59
N THR A 376 -6.51 29.44 -24.30
CA THR A 376 -5.13 29.36 -23.82
C THR A 376 -5.10 28.84 -22.39
N LEU A 377 -4.05 28.07 -22.08
CA LEU A 377 -3.84 27.53 -20.72
C LEU A 377 -2.37 27.64 -20.27
N CYS A 378 -2.17 27.78 -18.97
CA CYS A 378 -0.85 27.65 -18.38
C CYS A 378 -0.51 26.21 -18.03
N ILE A 379 0.78 25.93 -17.89
CA ILE A 379 1.27 24.57 -17.84
C ILE A 379 2.39 24.48 -16.83
N GLY A 380 2.28 23.53 -15.89
CA GLY A 380 3.34 23.31 -14.91
C GLY A 380 4.69 23.07 -15.54
N GLY A 381 5.75 23.49 -14.85
CA GLY A 381 7.08 23.38 -15.40
C GLY A 381 7.42 24.53 -16.31
N GLY A 382 6.46 25.46 -16.47
CA GLY A 382 6.78 26.70 -17.17
C GLY A 382 6.46 26.65 -18.65
N MET A 383 5.17 26.60 -18.99
CA MET A 383 4.74 26.60 -20.37
C MET A 383 3.35 27.21 -20.58
N GLY A 384 3.07 27.60 -21.83
CA GLY A 384 1.72 27.97 -22.21
C GLY A 384 1.37 27.30 -23.51
N VAL A 385 0.07 27.18 -23.77
CA VAL A 385 -0.40 26.76 -25.08
C VAL A 385 -1.61 27.63 -25.43
N ALA A 386 -1.76 27.98 -26.71
CA ALA A 386 -2.92 28.75 -27.14
C ALA A 386 -3.33 28.34 -28.55
N MET A 387 -4.62 28.54 -28.89
CA MET A 387 -5.11 28.20 -30.24
C MET A 387 -6.05 29.28 -30.70
N CYS A 388 -5.98 29.68 -31.97
CA CYS A 388 -6.94 30.65 -32.52
C CYS A 388 -7.97 29.95 -33.40
N ILE A 389 -9.23 30.31 -33.24
CA ILE A 389 -10.33 29.66 -33.98
C ILE A 389 -11.09 30.75 -34.68
N GLU A 390 -11.47 30.48 -35.93
CA GLU A 390 -12.39 31.38 -36.63
C GLU A 390 -13.65 30.69 -37.13
N SER A 391 -14.79 31.37 -37.02
CA SER A 391 -16.08 30.80 -37.43
C SER A 391 -16.13 30.72 -38.94
N LEU A 392 -16.75 29.66 -39.47
CA LEU A 392 -16.92 29.46 -40.92
C LEU A 392 -18.09 30.26 -41.47
N SER B 4 13.00 16.39 -47.04
CA SER B 4 12.07 17.23 -46.28
C SER B 4 12.62 17.43 -44.86
N ILE B 5 12.39 16.46 -43.97
CA ILE B 5 12.94 16.50 -42.63
C ILE B 5 14.01 15.44 -42.52
N VAL B 6 15.16 15.80 -41.95
CA VAL B 6 16.22 14.84 -41.75
C VAL B 6 16.51 14.57 -40.30
N ILE B 7 17.15 13.44 -40.09
CA ILE B 7 17.71 13.14 -38.77
C ILE B 7 19.18 13.58 -38.77
N ALA B 8 19.46 14.71 -38.14
CA ALA B 8 20.81 15.26 -38.11
C ALA B 8 21.75 14.38 -37.27
N SER B 9 21.27 13.85 -36.16
CA SER B 9 22.11 13.02 -35.30
C SER B 9 21.22 12.12 -34.45
N ALA B 10 21.83 11.13 -33.81
CA ALA B 10 21.11 10.24 -32.89
C ALA B 10 22.05 9.65 -31.86
N ALA B 11 21.47 9.20 -30.75
CA ALA B 11 22.22 8.59 -29.68
C ALA B 11 21.26 7.77 -28.83
N ARG B 12 21.80 6.74 -28.19
CA ARG B 12 21.04 6.02 -27.16
C ARG B 12 21.92 5.67 -26.00
N THR B 13 21.35 5.43 -24.82
CA THR B 13 22.13 4.81 -23.78
C THR B 13 22.24 3.33 -24.10
N ALA B 14 23.24 2.67 -23.53
CA ALA B 14 23.24 1.21 -23.47
C ALA B 14 21.90 0.85 -22.84
N VAL B 15 21.47 -0.39 -23.06
CA VAL B 15 20.21 -0.85 -22.49
C VAL B 15 20.54 -1.67 -21.26
N GLY B 16 19.97 -1.26 -20.14
CA GLY B 16 20.21 -1.94 -18.88
C GLY B 16 19.22 -3.06 -18.66
N SER B 17 19.67 -4.06 -17.91
CA SER B 17 18.86 -5.19 -17.50
C SER B 17 17.93 -4.77 -16.37
N PHE B 18 16.87 -5.53 -16.19
CA PHE B 18 15.88 -5.25 -15.15
C PHE B 18 16.51 -5.24 -13.75
N ASN B 19 16.33 -4.12 -13.06
CA ASN B 19 16.99 -3.87 -11.78
C ASN B 19 18.49 -4.08 -11.87
N GLY B 20 19.07 -3.73 -13.01
CA GLY B 20 20.50 -3.87 -13.23
C GLY B 20 21.20 -2.52 -13.12
N ALA B 21 21.94 -2.16 -14.17
CA ALA B 21 22.81 -1.00 -14.15
C ALA B 21 22.10 0.30 -13.80
N PHE B 22 20.87 0.46 -14.31
CA PHE B 22 20.08 1.67 -14.09
C PHE B 22 18.93 1.41 -13.07
N ALA B 23 19.12 0.45 -12.18
CA ALA B 23 18.06 0.03 -11.25
C ALA B 23 17.42 1.19 -10.49
N ASN B 24 18.23 2.18 -10.16
CA ASN B 24 17.76 3.31 -9.36
C ASN B 24 17.90 4.64 -10.09
N THR B 25 17.91 4.58 -11.42
CA THR B 25 18.06 5.79 -12.24
C THR B 25 16.74 6.17 -12.91
N PRO B 26 16.19 7.34 -12.56
CA PRO B 26 14.94 7.83 -13.15
C PRO B 26 15.10 7.95 -14.64
N ALA B 27 14.05 7.67 -15.40
CA ALA B 27 14.11 7.80 -16.85
C ALA B 27 14.64 9.15 -17.36
N HIS B 28 14.24 10.24 -16.71
CA HIS B 28 14.62 11.55 -17.24
C HIS B 28 16.12 11.80 -17.14
N GLU B 29 16.81 11.10 -16.23
CA GLU B 29 18.26 11.20 -16.17
C GLU B 29 18.89 10.54 -17.42
N LEU B 30 18.39 9.38 -17.81
CA LEU B 30 18.86 8.72 -19.04
C LEU B 30 18.52 9.59 -20.25
N GLY B 31 17.35 10.21 -20.21
CA GLY B 31 16.94 11.03 -21.36
C GLY B 31 17.81 12.28 -21.52
N ALA B 32 18.19 12.86 -20.39
CA ALA B 32 19.00 14.07 -20.44
C ALA B 32 20.35 13.77 -21.11
N THR B 33 20.91 12.60 -20.85
CA THR B 33 22.21 12.27 -21.40
C THR B 33 22.10 12.11 -22.92
N VAL B 34 21.01 11.49 -23.38
CA VAL B 34 20.80 11.31 -24.83
C VAL B 34 20.47 12.62 -25.53
N ILE B 35 19.75 13.52 -24.84
CA ILE B 35 19.52 14.85 -25.43
C ILE B 35 20.88 15.57 -25.62
N SER B 36 21.70 15.56 -24.58
CA SER B 36 23.05 16.20 -24.67
C SER B 36 23.91 15.60 -25.76
N ALA B 37 23.80 14.28 -25.92
CA ALA B 37 24.56 13.57 -26.95
C ALA B 37 24.12 13.95 -28.36
N VAL B 38 22.81 14.04 -28.59
CA VAL B 38 22.38 14.36 -29.96
C VAL B 38 22.84 15.76 -30.34
N LEU B 39 22.81 16.66 -29.37
CA LEU B 39 23.24 18.03 -29.63
C LEU B 39 24.72 18.09 -29.96
N GLU B 40 25.53 17.47 -29.12
CA GLU B 40 26.97 17.43 -29.32
C GLU B 40 27.33 16.76 -30.64
N ARG B 41 26.65 15.66 -30.97
CA ARG B 41 26.97 14.93 -32.19
C ARG B 41 26.66 15.72 -33.45
N ALA B 42 25.64 16.57 -33.36
CA ALA B 42 25.23 17.39 -34.49
C ALA B 42 25.93 18.76 -34.54
N GLY B 43 26.68 19.12 -33.49
CA GLY B 43 27.20 20.47 -33.40
C GLY B 43 26.11 21.53 -33.19
N VAL B 44 25.01 21.12 -32.56
CA VAL B 44 23.91 22.04 -32.28
C VAL B 44 23.83 22.36 -30.79
N ALA B 45 23.69 23.64 -30.43
CA ALA B 45 23.64 24.02 -29.00
C ALA B 45 22.25 23.81 -28.38
N ALA B 46 22.19 23.54 -27.08
CA ALA B 46 20.92 23.36 -26.43
C ALA B 46 19.99 24.57 -26.61
N GLY B 47 20.54 25.78 -26.60
CA GLY B 47 19.72 26.97 -26.77
C GLY B 47 18.93 27.01 -28.09
N GLU B 48 19.32 26.22 -29.06
CA GLU B 48 18.67 26.25 -30.39
C GLU B 48 17.46 25.31 -30.46
N VAL B 49 17.29 24.44 -29.46
CA VAL B 49 16.21 23.47 -29.45
C VAL B 49 14.84 24.12 -29.22
N ASN B 50 13.85 23.78 -30.05
CA ASN B 50 12.52 24.34 -29.87
C ASN B 50 11.65 23.48 -28.96
N GLU B 51 11.68 22.18 -29.15
CA GLU B 51 10.86 21.28 -28.35
C GLU B 51 11.46 19.90 -28.23
N VAL B 52 11.22 19.27 -27.09
CA VAL B 52 11.67 17.90 -26.82
C VAL B 52 10.42 17.03 -26.66
N ILE B 53 10.39 15.90 -27.35
CA ILE B 53 9.22 15.05 -27.36
C ILE B 53 9.71 13.65 -27.02
N LEU B 54 9.29 13.14 -25.86
CA LEU B 54 9.78 11.82 -25.40
C LEU B 54 8.67 10.82 -25.03
N GLY B 55 8.62 9.71 -25.76
CA GLY B 55 7.67 8.65 -25.48
C GLY B 55 8.09 8.05 -24.15
N GLN B 56 7.11 7.64 -23.35
CA GLN B 56 7.40 7.02 -22.06
C GLN B 56 6.10 6.45 -21.55
N VAL B 57 6.10 5.14 -21.25
CA VAL B 57 4.89 4.45 -20.87
C VAL B 57 4.63 4.45 -19.36
N LEU B 58 5.70 4.43 -18.57
CA LEU B 58 5.61 4.26 -17.13
C LEU B 58 6.26 5.38 -16.33
N PRO B 59 5.67 6.59 -16.35
CA PRO B 59 6.32 7.71 -15.65
C PRO B 59 5.76 7.88 -14.25
N ALA B 60 4.93 6.96 -13.75
CA ALA B 60 4.32 7.18 -12.44
C ALA B 60 5.35 7.39 -11.33
N GLY B 61 5.16 8.46 -10.56
CA GLY B 61 6.05 8.79 -9.47
C GLY B 61 7.27 9.64 -9.76
N GLU B 62 7.55 9.84 -11.05
CA GLU B 62 8.75 10.56 -11.47
C GLU B 62 8.54 12.07 -11.36
N GLY B 63 7.29 12.47 -11.20
CA GLY B 63 6.96 13.89 -11.07
C GLY B 63 6.47 14.48 -12.37
N GLN B 64 6.17 15.77 -12.33
CA GLN B 64 5.57 16.48 -13.46
C GLN B 64 6.39 16.33 -14.75
N ASN B 65 5.73 15.88 -15.82
CA ASN B 65 6.26 15.89 -17.20
C ASN B 65 7.79 15.60 -17.28
N PRO B 66 8.18 14.33 -17.07
CA PRO B 66 9.59 13.92 -17.14
C PRO B 66 10.28 14.39 -18.42
N ALA B 67 9.52 14.55 -19.50
CA ALA B 67 10.13 15.04 -20.77
C ALA B 67 10.79 16.40 -20.53
N ARG B 68 10.06 17.26 -19.83
CA ARG B 68 10.57 18.59 -19.48
C ARG B 68 11.72 18.51 -18.45
N GLN B 69 11.63 17.58 -17.50
CA GLN B 69 12.75 17.39 -16.59
C GLN B 69 14.03 17.01 -17.32
N ALA B 70 13.91 16.14 -18.33
CA ALA B 70 15.09 15.71 -19.04
C ALA B 70 15.64 16.90 -19.86
N ALA B 71 14.75 17.65 -20.50
CA ALA B 71 15.17 18.76 -21.33
C ALA B 71 15.89 19.82 -20.50
N MET B 72 15.31 20.16 -19.37
CA MET B 72 15.91 21.15 -18.49
C MET B 72 17.27 20.67 -18.00
N LYS B 73 17.36 19.38 -17.64
CA LYS B 73 18.63 18.84 -17.14
C LYS B 73 19.74 18.96 -18.19
N ALA B 74 19.35 18.84 -19.45
CA ALA B 74 20.29 18.95 -20.56
C ALA B 74 20.63 20.38 -20.99
N GLY B 75 19.99 21.36 -20.39
CA GLY B 75 20.26 22.77 -20.70
C GLY B 75 19.44 23.34 -21.83
N VAL B 76 18.41 22.61 -22.26
CA VAL B 76 17.43 23.17 -23.17
C VAL B 76 16.76 24.32 -22.41
N PRO B 77 16.70 25.49 -23.06
CA PRO B 77 16.23 26.71 -22.41
C PRO B 77 14.78 26.62 -21.90
N GLN B 78 14.48 27.35 -20.83
CA GLN B 78 13.12 27.38 -20.27
C GLN B 78 12.09 27.85 -21.28
N GLU B 79 12.53 28.59 -22.31
CA GLU B 79 11.64 29.08 -23.37
C GLU B 79 11.19 28.01 -24.41
N ALA B 80 11.95 26.93 -24.51
CA ALA B 80 11.51 25.77 -25.31
C ALA B 80 10.35 25.06 -24.58
N THR B 81 9.81 24.02 -25.21
CA THR B 81 8.72 23.26 -24.62
C THR B 81 9.08 21.78 -24.62
N ALA B 82 8.33 20.98 -23.91
CA ALA B 82 8.56 19.53 -23.93
C ALA B 82 7.28 18.81 -23.51
N TRP B 83 7.09 17.59 -24.02
CA TRP B 83 5.94 16.81 -23.61
C TRP B 83 6.23 15.32 -23.74
N GLY B 84 5.44 14.51 -23.06
CA GLY B 84 5.60 13.07 -23.18
C GLY B 84 4.45 12.47 -23.95
N MET B 85 4.63 11.28 -24.49
CA MET B 85 3.49 10.64 -25.11
C MET B 85 3.60 9.13 -24.99
N ASN B 86 2.49 8.46 -25.30
CA ASN B 86 2.37 7.04 -25.05
C ASN B 86 1.58 6.31 -26.11
N GLN B 87 2.28 5.61 -26.97
CA GLN B 87 1.69 4.63 -27.86
C GLN B 87 2.42 3.32 -27.60
N LEU B 88 2.65 3.04 -26.32
CA LEU B 88 3.25 1.76 -25.86
C LEU B 88 4.63 1.48 -26.50
N CSO B 89 4.88 0.25 -26.97
CA CSO B 89 6.21 0.04 -27.52
CB CSO B 89 6.40 -1.41 -27.94
SG CSO B 89 6.96 -2.45 -26.58
C CSO B 89 6.47 0.87 -28.76
O CSO B 89 7.59 0.94 -29.25
OD CSO B 89 7.45 -4.01 -27.30
N GLY B 90 5.41 1.43 -29.33
CA GLY B 90 5.62 2.22 -30.55
C GLY B 90 6.06 3.63 -30.21
N SER B 91 6.07 3.99 -28.94
CA SER B 91 6.21 5.39 -28.53
C SER B 91 7.44 6.13 -29.06
N GLY B 92 8.60 5.47 -28.93
CA GLY B 92 9.90 6.08 -29.17
C GLY B 92 10.08 6.38 -30.64
N LEU B 93 9.50 5.54 -31.51
CA LEU B 93 9.47 5.82 -32.95
C LEU B 93 8.37 6.82 -33.31
N ARG B 94 7.19 6.64 -32.75
CA ARG B 94 6.10 7.60 -33.01
C ARG B 94 6.53 9.01 -32.64
N ALA B 95 7.27 9.15 -31.53
CA ALA B 95 7.74 10.50 -31.15
C ALA B 95 8.55 11.20 -32.22
N VAL B 96 9.38 10.41 -32.93
CA VAL B 96 10.16 10.92 -34.05
C VAL B 96 9.25 11.38 -35.17
N ALA B 97 8.24 10.57 -35.51
CA ALA B 97 7.24 11.01 -36.50
C ALA B 97 6.54 12.26 -36.04
N LEU B 98 6.19 12.36 -34.76
CA LEU B 98 5.50 13.56 -34.29
C LEU B 98 6.39 14.79 -34.37
N GLY B 99 7.67 14.59 -34.11
CA GLY B 99 8.67 15.65 -34.20
C GLY B 99 8.83 16.15 -35.60
N MET B 100 8.93 15.21 -36.53
N MET B 100 8.90 15.22 -36.55
CA MET B 100 8.96 15.54 -37.96
CA MET B 100 8.97 15.58 -37.98
C MET B 100 7.77 16.43 -38.35
C MET B 100 7.75 16.42 -38.40
N GLN B 101 6.58 16.08 -37.86
CA GLN B 101 5.38 16.82 -38.19
C GLN B 101 5.44 18.24 -37.66
N GLN B 102 6.03 18.45 -36.48
CA GLN B 102 6.21 19.83 -35.99
C GLN B 102 6.96 20.72 -36.99
N ILE B 103 8.02 20.14 -37.58
CA ILE B 103 8.81 20.83 -38.58
C ILE B 103 8.06 20.98 -39.92
N ALA B 104 7.47 19.88 -40.40
CA ALA B 104 6.69 19.90 -41.65
C ALA B 104 5.59 20.98 -41.70
N THR B 105 4.91 21.21 -40.59
CA THR B 105 3.83 22.19 -40.58
C THR B 105 4.30 23.60 -40.17
N GLY B 106 5.59 23.73 -39.90
CA GLY B 106 6.20 25.04 -39.72
C GLY B 106 6.16 25.59 -38.31
N ASP B 107 5.79 24.75 -37.34
CA ASP B 107 5.66 25.19 -35.95
C ASP B 107 6.95 25.09 -35.14
N ALA B 108 7.96 24.42 -35.69
CA ALA B 108 9.26 24.30 -35.04
C ALA B 108 10.36 24.14 -36.07
N SER B 109 11.60 24.35 -35.66
CA SER B 109 12.74 24.21 -36.60
C SER B 109 13.63 23.09 -36.13
N ILE B 110 13.74 22.96 -34.81
CA ILE B 110 14.65 21.97 -34.25
C ILE B 110 14.01 21.19 -33.10
N ILE B 111 13.93 19.88 -33.30
CA ILE B 111 13.25 18.99 -32.35
C ILE B 111 14.18 17.88 -31.89
N VAL B 112 14.19 17.61 -30.58
CA VAL B 112 14.81 16.38 -30.09
C VAL B 112 13.65 15.43 -29.76
N ALA B 113 13.66 14.20 -30.31
CA ALA B 113 12.54 13.28 -30.17
C ALA B 113 13.04 11.85 -30.03
N GLY B 114 12.38 11.07 -29.17
CA GLY B 114 12.71 9.68 -29.01
C GLY B 114 11.90 9.13 -27.84
N GLY B 115 12.51 8.36 -26.98
CA GLY B 115 11.76 7.86 -25.83
C GLY B 115 12.68 7.50 -24.71
N MET B 116 12.12 7.27 -23.52
CA MET B 116 12.96 6.91 -22.40
C MET B 116 12.08 6.07 -21.52
N GLU B 117 12.69 5.17 -20.76
CA GLU B 117 11.89 4.29 -19.92
C GLU B 117 12.72 3.68 -18.84
N SER B 118 12.20 3.71 -17.62
CA SER B 118 12.78 2.97 -16.53
C SER B 118 11.74 1.98 -16.02
N MET B 119 11.81 0.76 -16.53
CA MET B 119 10.92 -0.26 -16.14
C MET B 119 11.28 -0.65 -14.72
N SER B 120 12.56 -0.62 -14.40
CA SER B 120 13.01 -0.90 -13.03
C SER B 120 12.41 0.04 -11.99
N MET B 121 12.31 1.33 -12.33
CA MET B 121 11.78 2.32 -11.37
C MET B 121 10.25 2.42 -11.28
N ALA B 122 9.54 1.68 -12.13
CA ALA B 122 8.07 1.75 -12.13
C ALA B 122 7.52 1.23 -10.80
N PRO B 123 6.60 1.98 -10.20
CA PRO B 123 6.15 1.63 -8.85
C PRO B 123 4.94 0.71 -8.84
N HIS B 124 4.63 0.23 -7.63
CA HIS B 124 3.37 -0.44 -7.40
C HIS B 124 2.33 0.57 -6.90
N CYS B 125 1.05 0.33 -7.20
CA CYS B 125 0.04 1.35 -6.86
C CYS B 125 -1.32 0.83 -6.44
N ALA B 126 -2.12 1.72 -5.84
CA ALA B 126 -3.48 1.37 -5.43
C ALA B 126 -4.30 2.63 -5.28
N HIS B 127 -5.56 2.58 -5.69
CA HIS B 127 -6.44 3.73 -5.55
C HIS B 127 -7.08 3.70 -4.18
N LEU B 128 -6.69 4.64 -3.32
CA LEU B 128 -7.04 4.56 -1.92
C LEU B 128 -7.90 5.71 -1.43
N ARG B 129 -8.36 6.55 -2.35
CA ARG B 129 -9.18 7.72 -2.00
C ARG B 129 -10.54 7.38 -1.44
N GLY B 130 -11.23 6.45 -2.09
CA GLY B 130 -12.55 6.04 -1.66
C GLY B 130 -12.48 5.18 -0.42
N GLY B 131 -11.27 4.76 -0.08
CA GLY B 131 -11.07 3.87 1.05
C GLY B 131 -11.50 2.45 0.75
N VAL B 132 -10.96 1.52 1.54
CA VAL B 132 -11.32 0.11 1.43
C VAL B 132 -11.94 -0.26 2.77
N LYS B 133 -13.26 -0.35 2.81
CA LYS B 133 -13.98 -0.56 4.06
C LYS B 133 -13.59 -1.88 4.70
N MET B 134 -13.51 -2.93 3.88
CA MET B 134 -13.12 -4.24 4.36
C MET B 134 -12.76 -5.18 3.22
N GLY B 135 -11.75 -6.00 3.43
CA GLY B 135 -11.31 -6.96 2.44
C GLY B 135 -9.98 -6.62 1.81
N ASP B 136 -9.28 -7.64 1.33
CA ASP B 136 -7.95 -7.45 0.76
C ASP B 136 -8.07 -6.58 -0.48
N PHE B 137 -6.99 -5.89 -0.80
CA PHE B 137 -6.88 -5.16 -2.04
C PHE B 137 -5.46 -5.34 -2.56
N LYS B 138 -5.29 -5.18 -3.87
CA LYS B 138 -3.98 -5.42 -4.46
C LYS B 138 -3.17 -4.15 -4.58
N MET B 139 -1.86 -4.27 -4.36
CA MET B 139 -0.96 -3.25 -4.83
C MET B 139 -0.56 -3.68 -6.23
N ILE B 140 -0.88 -2.83 -7.21
CA ILE B 140 -0.72 -3.17 -8.62
C ILE B 140 0.65 -2.79 -9.14
N ASP B 141 1.33 -3.72 -9.83
CA ASP B 141 2.61 -3.39 -10.46
C ASP B 141 2.34 -2.58 -11.73
N THR B 142 2.55 -1.27 -11.71
CA THR B 142 2.24 -0.44 -12.88
C THR B 142 2.96 -0.88 -14.18
N MET B 143 4.15 -1.47 -14.07
CA MET B 143 4.83 -2.02 -15.23
C MET B 143 3.97 -3.08 -15.89
N ILE B 144 3.49 -4.02 -15.10
CA ILE B 144 2.71 -5.11 -15.65
C ILE B 144 1.37 -4.59 -16.14
N LYS B 145 0.69 -3.82 -15.27
CA LYS B 145 -0.68 -3.41 -15.54
C LYS B 145 -0.75 -2.42 -16.68
N ASP B 146 0.09 -1.37 -16.63
CA ASP B 146 -0.01 -0.30 -17.63
C ASP B 146 0.89 -0.53 -18.84
N GLY B 147 1.90 -1.37 -18.69
CA GLY B 147 2.82 -1.61 -19.77
C GLY B 147 2.57 -2.90 -20.54
N LEU B 148 2.22 -3.98 -19.84
CA LEU B 148 2.35 -5.30 -20.45
C LEU B 148 1.07 -6.16 -20.48
N THR B 149 0.01 -5.67 -19.87
CA THR B 149 -1.25 -6.42 -19.84
C THR B 149 -2.24 -5.90 -20.86
N ASP B 150 -2.86 -6.77 -21.68
CA ASP B 150 -3.90 -6.26 -22.59
C ASP B 150 -5.14 -5.78 -21.84
N ALA B 151 -5.64 -4.60 -22.19
CA ALA B 151 -6.69 -3.98 -21.37
C ALA B 151 -8.05 -4.58 -21.71
N PHE B 152 -8.14 -5.27 -22.83
CA PHE B 152 -9.41 -5.82 -23.29
C PHE B 152 -9.57 -7.28 -22.93
N TYR B 153 -8.48 -8.02 -23.05
CA TYR B 153 -8.53 -9.46 -22.72
C TYR B 153 -7.99 -9.80 -21.33
N GLY B 154 -7.25 -8.88 -20.74
CA GLY B 154 -6.73 -9.06 -19.39
C GLY B 154 -5.52 -9.96 -19.23
N TYR B 155 -4.96 -10.42 -20.35
CA TYR B 155 -3.78 -11.25 -20.30
C TYR B 155 -2.53 -10.55 -20.80
N HIS B 156 -1.37 -11.09 -20.45
CA HIS B 156 -0.08 -10.51 -20.79
C HIS B 156 0.17 -10.47 -22.30
N MET B 157 1.05 -9.57 -22.73
CA MET B 157 1.49 -9.57 -24.11
C MET B 157 1.97 -10.96 -24.50
N GLY B 158 2.59 -11.69 -23.58
CA GLY B 158 3.08 -13.03 -23.86
C GLY B 158 1.98 -13.94 -24.39
N THR B 159 0.78 -13.75 -23.87
CA THR B 159 -0.34 -14.55 -24.33
C THR B 159 -0.69 -14.17 -25.76
N THR B 160 -0.48 -12.90 -26.13
CA THR B 160 -0.75 -12.53 -27.51
C THR B 160 0.32 -13.22 -28.35
N ALA B 161 1.52 -13.37 -27.78
CA ALA B 161 2.57 -14.07 -28.50
C ALA B 161 2.17 -15.52 -28.77
N GLU B 162 1.54 -16.16 -27.80
CA GLU B 162 1.07 -17.55 -27.99
C GLU B 162 0.00 -17.61 -29.05
N ASN B 163 -0.90 -16.63 -29.06
CA ASN B 163 -1.96 -16.59 -30.08
C ASN B 163 -1.34 -16.59 -31.47
N VAL B 164 -0.31 -15.78 -31.66
CA VAL B 164 0.38 -15.71 -32.95
C VAL B 164 1.08 -17.03 -33.30
N ALA B 165 1.76 -17.64 -32.33
CA ALA B 165 2.44 -18.91 -32.57
C ALA B 165 1.47 -20.01 -32.98
N LYS B 166 0.31 -20.03 -32.34
CA LYS B 166 -0.71 -21.01 -32.68
C LYS B 166 -1.27 -20.75 -34.07
N GLN B 167 -1.56 -19.49 -34.36
CA GLN B 167 -2.16 -19.08 -35.64
C GLN B 167 -1.21 -19.29 -36.84
N TRP B 168 0.09 -19.05 -36.65
CA TRP B 168 1.06 -19.16 -37.74
C TRP B 168 1.76 -20.50 -37.75
N GLN B 169 1.39 -21.37 -36.80
CA GLN B 169 2.01 -22.67 -36.65
C GLN B 169 3.53 -22.58 -36.45
N LEU B 170 3.95 -21.72 -35.52
CA LEU B 170 5.38 -21.54 -35.24
C LEU B 170 5.80 -22.41 -34.06
N SER B 171 6.67 -23.38 -34.34
CA SER B 171 7.06 -24.36 -33.34
C SER B 171 7.92 -23.75 -32.24
N ARG B 172 7.95 -24.41 -31.09
CA ARG B 172 8.91 -24.06 -30.04
C ARG B 172 10.35 -24.03 -30.57
N ASP B 173 10.70 -25.03 -31.38
CA ASP B 173 12.05 -25.12 -31.94
C ASP B 173 12.37 -23.93 -32.82
N GLU B 174 11.42 -23.53 -33.67
CA GLU B 174 11.68 -22.39 -34.58
C GLU B 174 11.88 -21.09 -33.79
N GLN B 175 11.00 -20.87 -32.83
CA GLN B 175 11.12 -19.74 -31.90
C GLN B 175 12.45 -19.71 -31.15
N ASP B 176 12.89 -20.86 -30.65
CA ASP B 176 14.18 -20.94 -29.96
C ASP B 176 15.37 -20.67 -30.85
N ALA B 177 15.33 -21.18 -32.09
CA ALA B 177 16.40 -20.92 -33.03
C ALA B 177 16.50 -19.43 -33.32
N PHE B 178 15.34 -18.79 -33.49
CA PHE B 178 15.32 -17.37 -33.80
C PHE B 178 15.96 -16.61 -32.64
N ALA B 179 15.58 -16.97 -31.42
CA ALA B 179 16.15 -16.36 -30.23
C ALA B 179 17.67 -16.53 -30.07
N VAL B 180 18.17 -17.76 -30.23
CA VAL B 180 19.62 -17.95 -30.12
C VAL B 180 20.32 -17.13 -31.23
N ALA B 181 19.69 -17.06 -32.39
CA ALA B 181 20.27 -16.29 -33.51
C ALA B 181 20.37 -14.80 -33.17
N SER B 182 19.37 -14.29 -32.46
CA SER B 182 19.36 -12.88 -32.08
C SER B 182 20.52 -12.62 -31.14
N GLN B 183 20.67 -13.50 -30.14
CA GLN B 183 21.74 -13.40 -29.16
C GLN B 183 23.13 -13.45 -29.80
N ASN B 184 23.34 -14.44 -30.67
CA ASN B 184 24.67 -14.59 -31.25
C ASN B 184 25.00 -13.40 -32.17
N LYS B 185 24.00 -12.84 -32.86
CA LYS B 185 24.24 -11.68 -33.72
C LYS B 185 24.58 -10.47 -32.86
N ALA B 186 23.82 -10.25 -31.79
CA ALA B 186 24.07 -9.14 -30.86
C ALA B 186 25.44 -9.30 -30.20
N GLU B 187 25.78 -10.52 -29.80
CA GLU B 187 27.09 -10.73 -29.17
C GLU B 187 28.19 -10.40 -30.16
N ALA B 188 28.05 -10.86 -31.40
CA ALA B 188 29.09 -10.57 -32.41
C ALA B 188 29.24 -9.07 -32.65
N ALA B 189 28.12 -8.40 -32.86
CA ALA B 189 28.13 -6.96 -33.10
C ALA B 189 28.76 -6.22 -31.93
N GLN B 190 28.39 -6.63 -30.72
CA GLN B 190 28.93 -5.95 -29.54
C GLN B 190 30.44 -6.08 -29.51
N LYS B 191 30.94 -7.32 -29.66
CA LYS B 191 32.36 -7.58 -29.66
C LYS B 191 33.13 -6.85 -30.77
N ASP B 192 32.53 -6.71 -31.94
CA ASP B 192 33.17 -6.04 -33.08
C ASP B 192 33.14 -4.51 -32.95
N GLY B 193 32.38 -4.01 -31.98
CA GLY B 193 32.32 -2.58 -31.76
C GLY B 193 31.17 -1.89 -32.48
N ARG B 194 30.22 -2.65 -33.03
CA ARG B 194 29.14 -2.05 -33.79
C ARG B 194 28.09 -1.25 -32.98
N PHE B 195 28.09 -1.38 -31.65
CA PHE B 195 27.16 -0.54 -30.86
C PHE B 195 27.85 0.73 -30.32
N LYS B 196 29.16 0.84 -30.50
CA LYS B 196 29.88 1.99 -29.96
CA LYS B 196 29.86 1.99 -29.95
C LYS B 196 29.42 3.33 -30.54
N ASP B 197 29.20 3.38 -31.85
CA ASP B 197 28.86 4.67 -32.47
C ASP B 197 27.54 5.18 -31.90
N GLU B 198 26.56 4.28 -31.76
CA GLU B 198 25.22 4.69 -31.36
C GLU B 198 25.11 5.01 -29.87
N ILE B 199 25.80 4.24 -29.05
CA ILE B 199 25.75 4.41 -27.59
C ILE B 199 26.52 5.62 -27.11
N VAL B 200 25.89 6.39 -26.21
CA VAL B 200 26.61 7.38 -25.47
C VAL B 200 26.73 6.85 -24.03
N PRO B 201 27.92 6.93 -23.44
CA PRO B 201 27.99 6.37 -22.09
C PRO B 201 27.19 7.15 -21.07
N PHE B 202 26.72 6.46 -20.03
CA PHE B 202 25.92 7.10 -19.00
C PHE B 202 26.62 6.87 -17.68
N ILE B 203 26.72 7.93 -16.88
CA ILE B 203 27.47 7.88 -15.65
C ILE B 203 26.46 7.69 -14.53
N VAL B 204 26.46 6.50 -13.93
CA VAL B 204 25.60 6.23 -12.80
C VAL B 204 26.30 6.77 -11.57
N LYS B 205 25.75 7.84 -10.98
CA LYS B 205 26.40 8.49 -9.86
C LYS B 205 26.26 7.65 -8.59
N GLY B 206 27.25 7.74 -7.71
CA GLY B 206 27.23 6.99 -6.47
C GLY B 206 28.21 7.55 -5.45
N ARG B 207 27.83 7.46 -4.17
CA ARG B 207 28.66 7.96 -3.08
C ARG B 207 29.99 7.21 -2.96
N LYS B 208 29.97 5.92 -3.28
CA LYS B 208 31.17 5.10 -3.20
C LYS B 208 31.75 4.87 -4.60
N GLY B 209 31.57 5.85 -5.47
CA GLY B 209 32.13 5.79 -6.81
C GLY B 209 31.08 5.88 -7.91
N ASP B 210 31.41 6.62 -8.95
CA ASP B 210 30.55 6.67 -10.13
C ASP B 210 30.91 5.50 -11.04
N ILE B 211 29.94 5.05 -11.82
CA ILE B 211 30.14 3.89 -12.68
C ILE B 211 29.69 4.33 -14.06
N THR B 212 30.56 4.16 -15.06
CA THR B 212 30.22 4.48 -16.44
C THR B 212 29.70 3.26 -17.14
N VAL B 213 28.48 3.37 -17.69
CA VAL B 213 27.85 2.27 -18.40
C VAL B 213 27.82 2.56 -19.89
N ASP B 214 28.49 1.71 -20.67
CA ASP B 214 28.57 1.96 -22.10
C ASP B 214 28.48 0.67 -22.89
N ALA B 215 28.06 -0.39 -22.22
CA ALA B 215 27.77 -1.58 -22.98
C ALA B 215 26.41 -2.18 -22.63
N ASP B 216 25.75 -2.72 -23.64
CA ASP B 216 24.44 -3.35 -23.43
C ASP B 216 24.56 -4.58 -22.52
N GLU B 217 24.05 -4.52 -21.29
CA GLU B 217 24.36 -5.59 -20.35
C GLU B 217 23.44 -6.80 -20.43
N TYR B 218 22.37 -6.70 -21.20
CA TYR B 218 21.38 -7.76 -21.30
C TYR B 218 21.82 -8.86 -22.26
N ILE B 219 22.72 -8.54 -23.19
CA ILE B 219 23.15 -9.50 -24.20
C ILE B 219 23.86 -10.70 -23.58
N ARG B 220 23.41 -11.89 -23.91
CA ARG B 220 23.92 -13.11 -23.28
C ARG B 220 25.03 -13.68 -24.14
N HIS B 221 26.24 -13.73 -23.58
CA HIS B 221 27.40 -14.19 -24.31
C HIS B 221 27.45 -15.72 -24.26
N GLY B 222 27.65 -16.34 -25.42
CA GLY B 222 27.67 -17.80 -25.51
C GLY B 222 26.33 -18.50 -25.31
N ALA B 223 25.24 -17.85 -25.71
CA ALA B 223 23.91 -18.45 -25.54
C ALA B 223 23.83 -19.80 -26.26
N THR B 224 23.34 -20.83 -25.58
CA THR B 224 23.25 -22.16 -26.21
C THR B 224 21.79 -22.51 -26.54
N LEU B 225 21.61 -23.30 -27.60
CA LEU B 225 20.27 -23.81 -27.90
C LEU B 225 19.77 -24.79 -26.82
N ASP B 226 20.68 -25.60 -26.29
CA ASP B 226 20.31 -26.55 -25.22
C ASP B 226 19.66 -25.86 -24.02
N SER B 227 20.25 -24.79 -23.52
CA SER B 227 19.66 -24.14 -22.34
C SER B 227 18.35 -23.45 -22.71
N MET B 228 18.28 -22.92 -23.92
CA MET B 228 17.07 -22.29 -24.41
CA MET B 228 17.06 -22.31 -24.42
C MET B 228 15.92 -23.32 -24.43
N ALA B 229 16.24 -24.52 -24.90
CA ALA B 229 15.27 -25.59 -25.07
C ALA B 229 14.78 -26.15 -23.76
N LYS B 230 15.54 -25.95 -22.69
CA LYS B 230 15.15 -26.48 -21.39
C LYS B 230 14.26 -25.54 -20.59
N LEU B 231 14.06 -24.33 -21.10
CA LEU B 231 13.26 -23.36 -20.38
C LEU B 231 11.77 -23.74 -20.37
N ARG B 232 11.10 -23.45 -19.28
CA ARG B 232 9.67 -23.70 -19.17
C ARG B 232 8.86 -22.53 -19.73
N PRO B 233 7.71 -22.81 -20.35
CA PRO B 233 6.84 -21.76 -20.90
C PRO B 233 6.42 -20.77 -19.83
N ALA B 234 6.47 -19.48 -20.16
CA ALA B 234 6.31 -18.41 -19.19
C ALA B 234 4.89 -17.87 -19.06
N PHE B 235 4.01 -18.21 -20.00
CA PHE B 235 2.65 -17.64 -20.01
C PHE B 235 1.54 -18.69 -20.13
N ASP B 236 1.87 -19.87 -20.64
CA ASP B 236 0.91 -20.95 -20.73
C ASP B 236 1.61 -22.26 -20.38
N LYS B 237 0.95 -23.10 -19.59
CA LYS B 237 1.49 -24.41 -19.24
C LYS B 237 1.81 -25.22 -20.49
N GLU B 238 0.95 -25.10 -21.50
CA GLU B 238 1.16 -25.86 -22.74
C GLU B 238 1.68 -24.94 -23.84
N GLY B 239 2.36 -23.87 -23.43
CA GLY B 239 2.80 -22.86 -24.38
C GLY B 239 4.15 -23.12 -25.01
N THR B 240 4.61 -22.16 -25.82
CA THR B 240 5.87 -22.24 -26.53
C THR B 240 6.74 -20.99 -26.32
N VAL B 241 6.14 -19.91 -25.79
CA VAL B 241 6.88 -18.70 -25.42
C VAL B 241 7.53 -18.80 -24.04
N THR B 242 8.82 -18.47 -23.94
CA THR B 242 9.55 -18.56 -22.69
C THR B 242 10.32 -17.29 -22.40
N ALA B 243 10.92 -17.23 -21.20
CA ALA B 243 11.86 -16.16 -20.87
C ALA B 243 12.98 -16.02 -21.92
N GLY B 244 13.34 -17.15 -22.53
CA GLY B 244 14.45 -17.17 -23.47
C GLY B 244 14.06 -16.62 -24.82
N ASN B 245 12.82 -16.81 -25.24
CA ASN B 245 12.44 -16.40 -26.61
C ASN B 245 11.52 -15.18 -26.64
N ALA B 246 11.38 -14.55 -25.47
CA ALA B 246 10.61 -13.32 -25.35
C ALA B 246 11.62 -12.22 -25.10
N SER B 247 11.26 -10.97 -25.37
CA SER B 247 12.15 -9.88 -25.03
CA SER B 247 12.15 -9.86 -25.03
C SER B 247 12.17 -9.69 -23.51
N GLY B 248 13.07 -8.85 -23.02
CA GLY B 248 13.19 -8.74 -21.57
C GLY B 248 12.56 -7.47 -21.07
N LEU B 249 12.66 -7.27 -19.76
CA LEU B 249 12.27 -6.00 -19.14
C LEU B 249 13.55 -5.18 -18.91
N ASN B 250 13.54 -3.92 -19.33
CA ASN B 250 14.80 -3.17 -19.50
C ASN B 250 14.65 -1.66 -19.30
N ASP B 251 15.78 -0.99 -19.07
CA ASP B 251 15.82 0.48 -18.89
C ASP B 251 16.66 1.08 -20.01
N GLY B 252 16.29 2.27 -20.48
CA GLY B 252 17.19 3.03 -21.34
C GLY B 252 16.51 4.22 -22.00
N ALA B 253 17.27 4.99 -22.77
CA ALA B 253 16.68 6.08 -23.51
C ALA B 253 17.36 6.18 -24.87
N ALA B 254 16.68 6.83 -25.80
CA ALA B 254 17.22 6.93 -27.15
C ALA B 254 16.56 8.11 -27.81
N ALA B 255 17.32 8.80 -28.68
CA ALA B 255 16.74 9.94 -29.37
C ALA B 255 17.40 10.30 -30.70
N ALA B 256 16.76 11.26 -31.37
CA ALA B 256 17.21 11.76 -32.65
C ALA B 256 17.04 13.28 -32.63
N LEU B 257 17.91 14.00 -33.32
CA LEU B 257 17.74 15.45 -33.45
CA LEU B 257 17.75 15.46 -33.45
C LEU B 257 17.24 15.70 -34.86
N LEU B 258 16.13 16.43 -34.98
CA LEU B 258 15.55 16.66 -36.28
C LEU B 258 15.58 18.09 -36.72
N MET B 259 15.67 18.29 -38.02
CA MET B 259 15.48 19.64 -38.54
C MET B 259 15.23 19.39 -39.97
N SER B 260 14.89 20.46 -40.70
CA SER B 260 14.71 20.37 -42.15
C SER B 260 16.00 20.04 -42.90
N GLU B 261 15.85 19.48 -44.09
CA GLU B 261 17.03 19.18 -44.91
C GLU B 261 17.80 20.46 -45.24
N ALA B 262 17.06 21.53 -45.53
CA ALA B 262 17.66 22.82 -45.90
C ALA B 262 18.43 23.34 -44.71
N GLU B 263 17.87 23.14 -43.52
CA GLU B 263 18.53 23.61 -42.31
C GLU B 263 19.84 22.86 -42.06
N ALA B 264 19.85 21.54 -42.25
CA ALA B 264 21.08 20.79 -42.05
C ALA B 264 22.15 21.26 -43.03
N SER B 265 21.74 21.62 -44.24
CA SER B 265 22.69 22.10 -45.24
C SER B 265 23.37 23.42 -44.81
N ARG B 266 22.56 24.39 -44.38
CA ARG B 266 23.09 25.68 -43.89
C ARG B 266 24.10 25.45 -42.78
N ARG B 267 23.82 24.49 -41.92
CA ARG B 267 24.72 24.16 -40.82
C ARG B 267 25.92 23.32 -41.25
N GLY B 268 25.84 22.72 -42.41
CA GLY B 268 26.93 21.88 -42.87
C GLY B 268 26.90 20.52 -42.19
N ILE B 269 25.73 20.13 -41.69
CA ILE B 269 25.58 18.84 -41.08
C ILE B 269 25.41 17.73 -42.14
N GLN B 270 26.09 16.61 -41.96
CA GLN B 270 25.82 15.43 -42.77
C GLN B 270 24.88 14.49 -42.00
N PRO B 271 23.61 14.49 -42.37
CA PRO B 271 22.58 13.80 -41.61
C PRO B 271 22.66 12.30 -41.74
N LEU B 272 22.13 11.61 -40.74
CA LEU B 272 22.06 10.14 -40.75
C LEU B 272 20.99 9.63 -41.67
N GLY B 273 20.07 10.50 -42.07
CA GLY B 273 19.07 10.10 -43.03
C GLY B 273 17.89 11.03 -43.16
N ARG B 274 17.17 10.86 -44.26
CA ARG B 274 15.95 11.57 -44.55
C ARG B 274 14.71 10.73 -44.19
N ILE B 275 13.81 11.31 -43.41
CA ILE B 275 12.54 10.65 -43.11
C ILE B 275 11.64 10.69 -44.35
N VAL B 276 11.46 9.55 -45.00
CA VAL B 276 10.66 9.59 -46.22
C VAL B 276 9.19 9.27 -46.06
N SER B 277 8.84 8.53 -45.01
CA SER B 277 7.45 8.23 -44.79
C SER B 277 7.33 7.54 -43.42
N TRP B 278 6.11 7.49 -42.88
CA TRP B 278 5.83 6.73 -41.66
C TRP B 278 4.37 6.27 -41.72
N ALA B 279 3.97 5.35 -40.84
CA ALA B 279 2.60 4.91 -40.82
C ALA B 279 2.31 4.24 -39.49
N THR B 280 1.07 4.36 -39.04
CA THR B 280 0.58 3.53 -37.94
C THR B 280 -0.82 2.99 -38.33
N VAL B 281 -1.09 1.72 -38.02
CA VAL B 281 -2.32 1.04 -38.38
C VAL B 281 -2.68 0.08 -37.22
N GLY B 282 -3.96 -0.23 -37.03
CA GLY B 282 -4.37 -1.11 -35.93
C GLY B 282 -4.60 -2.51 -36.46
N VAL B 283 -4.54 -3.49 -35.58
CA VAL B 283 -4.91 -4.88 -35.84
C VAL B 283 -5.67 -5.35 -34.59
N ASP B 284 -6.07 -6.63 -34.58
CA ASP B 284 -6.78 -7.26 -33.46
C ASP B 284 -5.86 -7.31 -32.25
N PRO B 285 -6.34 -6.83 -31.08
CA PRO B 285 -5.50 -6.88 -29.86
C PRO B 285 -4.98 -8.30 -29.56
N LYS B 286 -5.77 -9.32 -29.85
CA LYS B 286 -5.33 -10.69 -29.56
C LYS B 286 -4.05 -11.11 -30.28
N VAL B 287 -3.77 -10.48 -31.43
CA VAL B 287 -2.55 -10.79 -32.16
C VAL B 287 -1.80 -9.49 -32.45
N MET B 288 -1.60 -8.69 -31.41
CA MET B 288 -0.97 -7.38 -31.55
C MET B 288 0.41 -7.44 -32.23
N GLY B 289 1.12 -8.56 -32.02
CA GLY B 289 2.47 -8.73 -32.57
C GLY B 289 2.52 -8.65 -34.09
N THR B 290 1.35 -8.77 -34.72
CA THR B 290 1.28 -8.67 -36.19
C THR B 290 1.17 -7.23 -36.69
N GLY B 291 1.10 -6.29 -35.77
CA GLY B 291 1.01 -4.88 -36.15
C GLY B 291 2.02 -4.41 -37.18
N PRO B 292 3.27 -4.89 -37.11
CA PRO B 292 4.28 -4.40 -38.06
C PRO B 292 3.95 -4.70 -39.50
N ILE B 293 3.11 -5.71 -39.75
CA ILE B 293 2.75 -6.03 -41.12
C ILE B 293 2.00 -4.89 -41.88
N PRO B 294 0.78 -4.54 -41.45
CA PRO B 294 0.02 -3.45 -42.09
C PRO B 294 0.76 -2.11 -41.99
N ALA B 295 1.39 -1.84 -40.85
CA ALA B 295 2.16 -0.58 -40.70
C ALA B 295 3.34 -0.50 -41.67
N SER B 296 4.14 -1.55 -41.78
CA SER B 296 5.28 -1.51 -42.70
C SER B 296 4.78 -1.41 -44.13
N ARG B 297 3.70 -2.14 -44.46
CA ARG B 297 3.20 -2.07 -45.84
C ARG B 297 2.72 -0.66 -46.20
N LYS B 298 2.02 -0.02 -45.27
CA LYS B 298 1.49 1.33 -45.44
C LYS B 298 2.64 2.34 -45.61
N ALA B 299 3.65 2.24 -44.75
CA ALA B 299 4.82 3.12 -44.83
C ALA B 299 5.53 2.94 -46.15
N LEU B 300 5.67 1.71 -46.60
CA LEU B 300 6.29 1.45 -47.88
C LEU B 300 5.46 2.06 -49.00
N GLU B 301 4.14 1.89 -48.91
CA GLU B 301 3.27 2.49 -49.92
C GLU B 301 3.42 4.01 -49.99
N ARG B 302 3.50 4.63 -48.82
CA ARG B 302 3.63 6.09 -48.75
C ARG B 302 4.96 6.57 -49.29
N ALA B 303 6.01 5.76 -49.15
CA ALA B 303 7.34 6.11 -49.65
C ALA B 303 7.49 5.87 -51.14
N GLY B 304 6.62 5.03 -51.68
CA GLY B 304 6.73 4.61 -53.07
C GLY B 304 7.73 3.48 -53.30
N TRP B 305 7.99 2.72 -52.24
CA TRP B 305 8.97 1.67 -52.28
C TRP B 305 8.31 0.29 -52.28
N LYS B 306 8.95 -0.67 -52.92
CA LYS B 306 8.61 -2.09 -52.78
C LYS B 306 9.34 -2.66 -51.58
N ILE B 307 8.88 -3.79 -51.04
CA ILE B 307 9.63 -4.48 -49.97
C ILE B 307 11.08 -4.79 -50.40
N GLY B 308 11.24 -5.25 -51.64
CA GLY B 308 12.55 -5.54 -52.21
C GLY B 308 13.48 -4.35 -52.32
N ASP B 309 12.94 -3.14 -52.17
CA ASP B 309 13.74 -1.94 -52.30
C ASP B 309 14.60 -1.76 -51.02
N LEU B 310 14.14 -2.31 -49.90
CA LEU B 310 14.85 -2.12 -48.65
C LEU B 310 16.24 -2.73 -48.61
N ASP B 311 17.20 -2.01 -48.01
CA ASP B 311 18.55 -2.54 -47.84
C ASP B 311 18.80 -3.02 -46.40
N LEU B 312 18.10 -2.44 -45.45
CA LEU B 312 18.23 -2.82 -44.03
C LEU B 312 16.89 -2.65 -43.33
N VAL B 313 16.60 -3.51 -42.35
CA VAL B 313 15.36 -3.47 -41.60
C VAL B 313 15.66 -3.69 -40.13
N GLU B 314 15.06 -2.87 -39.28
CA GLU B 314 14.94 -3.16 -37.84
C GLU B 314 13.49 -3.44 -37.51
N ALA B 315 13.17 -4.68 -37.17
CA ALA B 315 11.82 -5.03 -36.83
C ALA B 315 11.92 -5.46 -35.40
N ASN B 316 11.34 -4.69 -34.48
CA ASN B 316 11.52 -4.96 -33.06
C ASN B 316 11.08 -6.36 -32.63
N GLU B 317 11.88 -7.00 -31.78
CA GLU B 317 11.66 -8.40 -31.40
C GLU B 317 10.96 -8.47 -30.02
N ALA B 318 9.68 -8.15 -30.01
CA ALA B 318 8.87 -8.27 -28.81
C ALA B 318 8.88 -9.74 -28.37
N PHE B 319 8.63 -10.64 -29.31
CA PHE B 319 8.72 -12.08 -29.04
C PHE B 319 9.17 -12.80 -30.32
N ALA B 320 9.96 -13.85 -30.17
CA ALA B 320 10.31 -14.69 -31.34
C ALA B 320 9.09 -15.01 -32.21
N ALA B 321 8.01 -15.48 -31.57
CA ALA B 321 6.80 -15.86 -32.33
C ALA B 321 6.32 -14.74 -33.25
N GLN B 322 6.13 -13.55 -32.72
CA GLN B 322 5.66 -12.48 -33.60
C GLN B 322 6.72 -12.00 -34.60
N ALA B 323 7.97 -11.89 -34.14
CA ALA B 323 9.07 -11.52 -35.05
C ALA B 323 9.08 -12.45 -36.28
N CYS B 324 8.91 -13.73 -36.02
CA CYS B 324 8.85 -14.72 -37.10
C CYS B 324 7.63 -14.57 -38.01
N ALA B 325 6.46 -14.34 -37.43
CA ALA B 325 5.23 -14.14 -38.23
C ALA B 325 5.41 -12.97 -39.15
N VAL B 326 5.89 -11.86 -38.58
CA VAL B 326 6.15 -10.66 -39.36
C VAL B 326 7.12 -10.96 -40.50
N ASN B 327 8.22 -11.65 -40.23
CA ASN B 327 9.18 -11.85 -41.30
C ASN B 327 8.56 -12.75 -42.38
N LYS B 328 7.69 -13.66 -41.95
CA LYS B 328 7.14 -14.65 -42.88
C LYS B 328 6.13 -14.00 -43.80
N ASP B 329 5.33 -13.12 -43.21
CA ASP B 329 4.30 -12.39 -43.94
C ASP B 329 4.89 -11.35 -44.90
N LEU B 330 5.85 -10.56 -44.42
CA LEU B 330 6.45 -9.55 -45.30
C LEU B 330 7.37 -10.14 -46.37
N GLY B 331 8.05 -11.24 -46.04
CA GLY B 331 8.90 -11.93 -47.01
C GLY B 331 10.21 -11.23 -47.32
N TRP B 332 10.59 -10.25 -46.50
CA TRP B 332 11.87 -9.58 -46.77
C TRP B 332 13.01 -10.52 -46.42
N ASP B 333 14.17 -10.33 -47.05
CA ASP B 333 15.29 -11.22 -46.80
C ASP B 333 15.68 -11.20 -45.32
N PRO B 334 15.61 -12.35 -44.66
CA PRO B 334 15.92 -12.31 -43.23
C PRO B 334 17.33 -11.84 -42.92
N SER B 335 18.26 -11.98 -43.87
CA SER B 335 19.64 -11.57 -43.67
C SER B 335 19.84 -10.05 -43.54
N ILE B 336 18.84 -9.26 -43.95
CA ILE B 336 18.92 -7.80 -43.79
C ILE B 336 18.11 -7.29 -42.61
N VAL B 337 17.52 -8.20 -41.84
CA VAL B 337 16.68 -7.77 -40.72
C VAL B 337 17.40 -7.98 -39.39
N ASN B 338 17.45 -6.92 -38.58
CA ASN B 338 18.16 -6.97 -37.29
C ASN B 338 19.54 -7.61 -37.46
N VAL B 339 20.39 -7.04 -38.31
CA VAL B 339 21.66 -7.70 -38.61
C VAL B 339 22.62 -7.71 -37.41
N ASN B 340 22.42 -6.79 -36.46
CA ASN B 340 23.21 -6.80 -35.24
C ASN B 340 22.45 -7.34 -34.03
N GLY B 341 21.41 -8.12 -34.27
CA GLY B 341 20.63 -8.69 -33.17
C GLY B 341 19.42 -7.83 -32.91
N GLY B 342 18.50 -8.32 -32.08
CA GLY B 342 17.33 -7.55 -31.70
C GLY B 342 16.99 -7.62 -30.21
N ALA B 343 15.78 -7.15 -29.90
CA ALA B 343 15.37 -6.94 -28.51
C ALA B 343 15.50 -8.18 -27.63
N ILE B 344 15.43 -9.37 -28.22
CA ILE B 344 15.48 -10.57 -27.38
C ILE B 344 16.82 -10.57 -26.67
N ALA B 345 17.84 -10.12 -27.38
CA ALA B 345 19.21 -10.05 -26.87
C ALA B 345 19.54 -8.72 -26.21
N ILE B 346 19.09 -7.64 -26.83
CA ILE B 346 19.52 -6.31 -26.41
C ILE B 346 18.65 -5.71 -25.31
N GLY B 347 17.37 -6.07 -25.31
CA GLY B 347 16.44 -5.56 -24.32
C GLY B 347 15.31 -4.75 -24.94
N ASN B 348 14.29 -4.45 -24.14
CA ASN B 348 13.09 -3.83 -24.65
C ASN B 348 12.53 -2.78 -23.68
N PRO B 349 13.27 -1.68 -23.47
CA PRO B 349 12.71 -0.68 -22.56
C PRO B 349 11.56 0.03 -23.25
N ILE B 350 10.31 -0.30 -22.91
CA ILE B 350 9.13 -0.06 -23.76
C ILE B 350 9.10 1.28 -24.49
N GLY B 351 8.97 2.36 -23.73
CA GLY B 351 8.90 3.69 -24.31
C GLY B 351 10.10 4.15 -25.13
N ALA B 352 11.28 3.59 -24.89
CA ALA B 352 12.49 3.94 -25.64
C ALA B 352 12.73 3.06 -26.88
N SER B 353 12.11 1.89 -26.89
CA SER B 353 12.43 0.90 -27.92
C SER B 353 12.39 1.38 -29.35
N GLY B 354 11.37 2.14 -29.73
CA GLY B 354 11.24 2.54 -31.13
C GLY B 354 12.37 3.47 -31.55
N ALA B 355 12.84 4.30 -30.61
CA ALA B 355 14.03 5.11 -30.89
C ALA B 355 15.34 4.29 -30.77
N ARG B 356 15.32 3.24 -29.96
CA ARG B 356 16.51 2.40 -29.80
C ARG B 356 16.76 1.75 -31.17
N ILE B 357 15.74 1.10 -31.72
CA ILE B 357 15.95 0.40 -32.98
C ILE B 357 16.21 1.37 -34.13
N LEU B 358 15.74 2.61 -33.99
CA LEU B 358 16.00 3.61 -35.03
CA LEU B 358 16.00 3.59 -35.04
C LEU B 358 17.48 3.96 -34.97
N ASN B 359 18.01 4.08 -33.75
CA ASN B 359 19.46 4.29 -33.60
C ASN B 359 20.22 3.17 -34.30
N THR B 360 19.88 1.93 -33.95
CA THR B 360 20.62 0.81 -34.50
C THR B 360 20.58 0.81 -36.04
N LEU B 361 19.39 1.06 -36.60
CA LEU B 361 19.19 1.15 -38.05
C LEU B 361 20.07 2.25 -38.67
N LEU B 362 20.05 3.43 -38.04
CA LEU B 362 20.75 4.58 -38.61
C LEU B 362 22.24 4.37 -38.66
N PHE B 363 22.80 3.91 -37.56
CA PHE B 363 24.25 3.73 -37.52
C PHE B 363 24.73 2.54 -38.39
N GLU B 364 23.91 1.51 -38.53
CA GLU B 364 24.26 0.41 -39.43
C GLU B 364 24.13 0.85 -40.89
N MET B 365 23.10 1.63 -41.21
CA MET B 365 22.98 2.17 -42.57
C MET B 365 24.23 2.95 -42.95
N LYS B 366 24.70 3.79 -42.02
CA LYS B 366 25.89 4.60 -42.25
CA LYS B 366 25.89 4.59 -42.25
C LYS B 366 27.13 3.72 -42.45
N ARG B 367 27.29 2.74 -41.57
CA ARG B 367 28.42 1.81 -41.60
C ARG B 367 28.55 1.10 -42.95
N ARG B 368 27.45 0.55 -43.45
CA ARG B 368 27.52 -0.36 -44.59
C ARG B 368 27.13 0.35 -45.87
N GLY B 369 26.67 1.59 -45.75
CA GLY B 369 26.32 2.37 -46.92
C GLY B 369 25.00 1.93 -47.54
N ALA B 370 24.11 1.41 -46.70
CA ALA B 370 22.76 1.08 -47.14
C ALA B 370 22.01 2.36 -47.43
N ARG B 371 21.21 2.35 -48.50
CA ARG B 371 20.50 3.55 -48.94
C ARG B 371 19.08 3.63 -48.39
N LYS B 372 18.42 2.48 -48.22
CA LYS B 372 17.01 2.47 -47.82
C LYS B 372 16.77 1.55 -46.63
N GLY B 373 16.23 2.11 -45.55
CA GLY B 373 15.96 1.35 -44.34
C GLY B 373 14.54 1.50 -43.82
N LEU B 374 14.14 0.61 -42.93
CA LEU B 374 12.81 0.66 -42.36
C LEU B 374 12.95 0.19 -40.92
N ALA B 375 12.32 0.93 -40.01
CA ALA B 375 12.13 0.51 -38.62
C ALA B 375 10.62 0.28 -38.32
N THR B 376 10.29 -0.77 -37.55
CA THR B 376 8.92 -1.09 -37.29
C THR B 376 8.80 -1.81 -35.94
N LEU B 377 7.71 -1.55 -35.21
CA LEU B 377 7.44 -2.19 -33.93
C LEU B 377 5.96 -2.54 -33.79
N CYS B 378 5.70 -3.64 -33.08
CA CYS B 378 4.33 -3.96 -32.67
C CYS B 378 3.95 -3.23 -31.37
N ILE B 379 2.65 -3.12 -31.12
CA ILE B 379 2.14 -2.27 -30.06
C ILE B 379 0.99 -2.96 -29.34
N GLY B 380 1.07 -3.03 -28.01
CA GLY B 380 -0.02 -3.58 -27.23
C GLY B 380 -1.37 -2.97 -27.57
N GLY B 381 -2.44 -3.77 -27.40
CA GLY B 381 -3.77 -3.34 -27.78
C GLY B 381 -4.00 -3.29 -29.28
N GLY B 382 -3.02 -3.74 -30.05
CA GLY B 382 -3.25 -3.99 -31.46
C GLY B 382 -2.87 -2.87 -32.40
N MET B 383 -1.59 -2.53 -32.44
CA MET B 383 -1.16 -1.57 -33.44
C MET B 383 0.24 -1.89 -33.95
N GLY B 384 0.64 -1.21 -35.02
CA GLY B 384 2.01 -1.27 -35.48
C GLY B 384 2.40 0.16 -35.82
N VAL B 385 3.70 0.42 -35.81
CA VAL B 385 4.20 1.67 -36.39
C VAL B 385 5.44 1.37 -37.23
N ALA B 386 5.62 2.10 -38.34
CA ALA B 386 6.80 1.90 -39.20
C ALA B 386 7.29 3.24 -39.71
N MET B 387 8.59 3.32 -39.94
CA MET B 387 9.18 4.52 -40.58
C MET B 387 10.18 4.13 -41.66
N CYS B 388 10.13 4.84 -42.78
CA CYS B 388 11.09 4.64 -43.86
C CYS B 388 12.16 5.75 -43.82
N ILE B 389 13.42 5.35 -44.01
CA ILE B 389 14.54 6.25 -43.94
C ILE B 389 15.37 6.03 -45.16
N GLU B 390 15.76 7.14 -45.79
CA GLU B 390 16.71 7.08 -46.90
C GLU B 390 17.98 7.88 -46.65
N SER B 391 19.12 7.31 -47.03
CA SER B 391 20.39 7.99 -46.80
C SER B 391 20.52 9.21 -47.69
N LEU B 392 21.23 10.23 -47.20
CA LEU B 392 21.54 11.42 -47.97
C LEU B 392 22.95 11.31 -48.53
N SER C 4 -13.27 -15.04 48.13
CA SER C 4 -11.86 -14.64 48.12
C SER C 4 -11.48 -13.76 46.94
N ILE C 5 -12.26 -13.78 45.87
CA ILE C 5 -11.99 -12.89 44.73
C ILE C 5 -13.26 -12.35 44.06
N VAL C 6 -13.54 -11.06 44.27
CA VAL C 6 -14.77 -10.47 43.78
C VAL C 6 -14.54 -9.42 42.68
N ILE C 7 -15.63 -8.98 42.06
CA ILE C 7 -15.58 -7.89 41.09
C ILE C 7 -16.28 -6.66 41.69
N ALA C 8 -15.49 -5.73 42.21
CA ALA C 8 -16.04 -4.51 42.79
C ALA C 8 -16.96 -3.78 41.84
N SER C 9 -16.43 -3.41 40.68
CA SER C 9 -17.21 -2.66 39.70
C SER C 9 -16.89 -3.07 38.28
N ALA C 10 -17.57 -2.46 37.32
CA ALA C 10 -17.34 -2.72 35.91
C ALA C 10 -17.83 -1.52 35.10
N ALA C 11 -17.66 -1.58 33.79
CA ALA C 11 -18.12 -0.50 32.92
C ALA C 11 -17.71 -0.77 31.49
N ARG C 12 -18.35 -0.09 30.56
CA ARG C 12 -17.96 -0.22 29.16
C ARG C 12 -18.42 0.97 28.35
N THR C 13 -17.65 1.28 27.31
CA THR C 13 -18.11 2.22 26.31
C THR C 13 -19.40 1.67 25.73
N ALA C 14 -20.13 2.49 25.00
CA ALA C 14 -21.17 1.98 24.13
C ALA C 14 -20.45 1.23 23.02
N VAL C 15 -21.15 0.34 22.33
CA VAL C 15 -20.53 -0.32 21.18
C VAL C 15 -20.82 0.50 19.94
N GLY C 16 -19.76 0.87 19.22
CA GLY C 16 -19.89 1.70 18.03
C GLY C 16 -20.05 0.85 16.80
N SER C 17 -20.53 1.44 15.72
CA SER C 17 -20.75 0.72 14.47
C SER C 17 -19.51 0.81 13.60
N PHE C 18 -19.28 -0.23 12.80
CA PHE C 18 -18.12 -0.27 11.92
C PHE C 18 -17.97 1.07 11.21
N ASN C 19 -16.78 1.64 11.28
CA ASN C 19 -16.52 2.95 10.71
C ASN C 19 -17.57 4.00 11.08
N GLY C 20 -18.03 3.95 12.33
CA GLY C 20 -19.01 4.88 12.84
C GLY C 20 -18.47 5.80 13.93
N ALA C 21 -19.20 5.89 15.03
CA ALA C 21 -18.85 6.81 16.12
C ALA C 21 -17.37 6.79 16.53
N PHE C 22 -16.76 5.61 16.51
CA PHE C 22 -15.35 5.46 16.90
C PHE C 22 -14.47 5.02 15.73
N ALA C 23 -14.93 5.31 14.51
CA ALA C 23 -14.22 4.94 13.28
C ALA C 23 -12.74 5.34 13.30
N ASN C 24 -12.41 6.38 14.05
CA ASN C 24 -11.04 6.90 14.05
C ASN C 24 -10.44 6.95 15.44
N THR C 25 -11.03 6.20 16.35
CA THR C 25 -10.58 6.19 17.75
C THR C 25 -9.81 4.92 18.06
N PRO C 26 -8.51 5.08 18.41
CA PRO C 26 -7.65 3.96 18.81
C PRO C 26 -8.27 3.21 19.97
N ALA C 27 -8.05 1.89 20.03
CA ALA C 27 -8.62 1.07 21.10
C ALA C 27 -8.23 1.54 22.50
N HIS C 28 -6.96 1.93 22.67
CA HIS C 28 -6.48 2.26 24.01
C HIS C 28 -7.19 3.49 24.57
N GLU C 29 -7.72 4.32 23.68
CA GLU C 29 -8.45 5.49 24.12
C GLU C 29 -9.80 5.08 24.71
N LEU C 30 -10.47 4.15 24.06
CA LEU C 30 -11.69 3.60 24.65
C LEU C 30 -11.31 2.90 25.97
N GLY C 31 -10.20 2.16 25.94
CA GLY C 31 -9.73 1.46 27.11
C GLY C 31 -9.46 2.38 28.29
N ALA C 32 -8.79 3.49 28.03
CA ALA C 32 -8.51 4.49 29.06
C ALA C 32 -9.80 4.90 29.77
N THR C 33 -10.83 5.20 28.99
CA THR C 33 -12.12 5.58 29.55
C THR C 33 -12.65 4.54 30.52
N VAL C 34 -12.56 3.27 30.13
CA VAL C 34 -13.07 2.17 30.93
CA VAL C 34 -13.08 2.17 30.93
C VAL C 34 -12.24 1.96 32.20
N ILE C 35 -10.94 2.20 32.11
CA ILE C 35 -10.06 2.02 33.26
C ILE C 35 -10.38 3.02 34.37
N SER C 36 -10.50 4.30 34.01
CA SER C 36 -10.80 5.33 35.00
C SER C 36 -12.23 5.20 35.49
N ALA C 37 -13.11 4.74 34.60
CA ALA C 37 -14.51 4.51 34.93
C ALA C 37 -14.64 3.53 36.09
N VAL C 38 -14.04 2.35 35.93
CA VAL C 38 -14.13 1.35 37.00
C VAL C 38 -13.46 1.86 38.27
N LEU C 39 -12.35 2.58 38.09
CA LEU C 39 -11.64 3.19 39.21
C LEU C 39 -12.59 4.01 40.08
N GLU C 40 -13.29 4.95 39.46
CA GLU C 40 -14.18 5.85 40.18
C GLU C 40 -15.48 5.18 40.61
N ARG C 41 -15.82 4.08 39.95
CA ARG C 41 -17.00 3.30 40.32
C ARG C 41 -16.72 2.46 41.55
N ALA C 42 -15.47 2.06 41.73
CA ALA C 42 -15.06 1.30 42.91
C ALA C 42 -14.56 2.21 44.03
N GLY C 43 -14.33 3.47 43.69
CA GLY C 43 -13.77 4.40 44.65
C GLY C 43 -12.34 4.03 44.99
N VAL C 44 -11.67 3.36 44.06
CA VAL C 44 -10.26 3.01 44.21
C VAL C 44 -9.42 3.91 43.31
N ALA C 45 -8.25 4.30 43.79
CA ALA C 45 -7.36 5.18 43.03
C ALA C 45 -6.45 4.42 42.07
N ALA C 46 -5.96 5.12 41.05
CA ALA C 46 -5.10 4.52 40.03
C ALA C 46 -3.77 4.06 40.60
N GLY C 47 -3.16 4.89 41.43
CA GLY C 47 -1.88 4.57 42.05
C GLY C 47 -1.94 3.27 42.82
N GLU C 48 -3.16 2.80 43.07
CA GLU C 48 -3.38 1.58 43.86
C GLU C 48 -3.65 0.35 42.98
N VAL C 49 -3.48 0.51 41.67
CA VAL C 49 -3.66 -0.60 40.75
C VAL C 49 -2.36 -1.35 40.55
N ASN C 50 -2.42 -2.68 40.63
CA ASN C 50 -1.23 -3.51 40.38
C ASN C 50 -0.93 -3.61 38.90
N GLU C 51 -1.84 -4.22 38.17
CA GLU C 51 -1.63 -4.52 36.77
C GLU C 51 -2.91 -4.29 35.97
N VAL C 52 -2.73 -3.98 34.70
CA VAL C 52 -3.87 -3.82 33.80
C VAL C 52 -3.78 -4.90 32.72
N ILE C 53 -4.75 -5.82 32.73
CA ILE C 53 -4.79 -6.89 31.74
C ILE C 53 -5.87 -6.61 30.70
N LEU C 54 -5.44 -6.34 29.46
CA LEU C 54 -6.38 -5.99 28.40
C LEU C 54 -6.30 -6.88 27.15
N GLY C 55 -7.30 -7.73 26.98
CA GLY C 55 -7.41 -8.52 25.78
C GLY C 55 -7.63 -7.59 24.60
N GLN C 56 -7.08 -7.98 23.46
CA GLN C 56 -7.21 -7.20 22.24
C GLN C 56 -6.66 -7.97 21.05
N VAL C 57 -7.54 -8.28 20.10
CA VAL C 57 -7.17 -9.12 18.97
C VAL C 57 -6.42 -8.39 17.86
N LEU C 58 -6.75 -7.12 17.61
CA LEU C 58 -6.17 -6.40 16.47
C LEU C 58 -5.42 -5.12 16.81
N PRO C 59 -4.17 -5.24 17.30
CA PRO C 59 -3.32 -4.13 17.73
C PRO C 59 -2.46 -3.53 16.62
N ALA C 60 -2.31 -4.24 15.51
CA ALA C 60 -1.33 -3.85 14.50
C ALA C 60 -1.33 -2.33 14.28
N GLY C 61 -0.18 -1.71 14.53
CA GLY C 61 0.01 -0.30 14.24
C GLY C 61 -0.37 0.69 15.34
N GLU C 62 -0.95 0.20 16.43
CA GLU C 62 -1.35 1.11 17.50
C GLU C 62 -0.16 1.52 18.38
N GLY C 63 0.97 0.85 18.19
CA GLY C 63 2.17 1.13 18.96
C GLY C 63 2.39 0.10 20.04
N GLN C 64 3.52 0.21 20.74
CA GLN C 64 3.85 -0.73 21.80
C GLN C 64 2.71 -0.96 22.81
N ASN C 65 2.39 -2.23 23.02
CA ASN C 65 1.54 -2.66 24.13
C ASN C 65 0.44 -1.69 24.54
N PRO C 66 -0.66 -1.66 23.76
CA PRO C 66 -1.80 -0.76 24.00
C PRO C 66 -2.40 -0.90 25.40
N ALA C 67 -2.19 -2.05 26.03
CA ALA C 67 -2.66 -2.22 27.40
C ALA C 67 -2.00 -1.19 28.30
N ARG C 68 -0.69 -0.99 28.11
CA ARG C 68 0.05 0.01 28.87
C ARG C 68 -0.34 1.41 28.43
N GLN C 69 -0.43 1.62 27.12
CA GLN C 69 -0.92 2.90 26.62
C GLN C 69 -2.21 3.23 27.34
N ALA C 70 -3.12 2.26 27.42
CA ALA C 70 -4.40 2.46 28.09
C ALA C 70 -4.22 2.81 29.56
N ALA C 71 -3.43 2.00 30.25
CA ALA C 71 -3.24 2.20 31.68
C ALA C 71 -2.69 3.61 31.96
N MET C 72 -1.73 4.03 31.14
CA MET C 72 -1.01 5.27 31.40
C MET C 72 -1.90 6.47 31.15
N LYS C 73 -2.65 6.44 30.05
CA LYS C 73 -3.58 7.51 29.77
C LYS C 73 -4.62 7.61 30.89
N ALA C 74 -5.10 6.46 31.33
CA ALA C 74 -6.15 6.39 32.35
C ALA C 74 -5.71 7.00 33.68
N GLY C 75 -4.41 6.96 33.95
CA GLY C 75 -3.88 7.55 35.16
C GLY C 75 -3.21 6.55 36.09
N VAL C 76 -3.12 5.31 35.64
CA VAL C 76 -2.38 4.30 36.38
C VAL C 76 -0.89 4.62 36.31
N PRO C 77 -0.23 4.65 37.48
CA PRO C 77 1.19 5.02 37.61
C PRO C 77 2.11 4.07 36.85
N GLN C 78 3.29 4.57 36.48
CA GLN C 78 4.30 3.77 35.81
C GLN C 78 4.73 2.59 36.69
N GLU C 79 4.62 2.76 38.01
CA GLU C 79 5.06 1.74 38.96
C GLU C 79 4.29 0.43 38.79
N ALA C 80 3.08 0.53 38.24
CA ALA C 80 2.26 -0.66 37.99
C ALA C 80 2.62 -1.24 36.63
N THR C 81 2.09 -2.42 36.33
CA THR C 81 2.40 -3.12 35.07
C THR C 81 1.16 -3.29 34.22
N ALA C 82 1.35 -3.76 32.99
CA ALA C 82 0.23 -3.89 32.05
C ALA C 82 0.59 -4.72 30.83
N TRP C 83 -0.40 -5.44 30.30
CA TRP C 83 -0.19 -6.28 29.14
C TRP C 83 -1.49 -6.61 28.42
N GLY C 84 -1.37 -6.98 27.15
CA GLY C 84 -2.49 -7.47 26.38
C GLY C 84 -2.43 -8.98 26.22
N MET C 85 -3.58 -9.60 25.99
CA MET C 85 -3.63 -11.02 25.69
C MET C 85 -4.67 -11.34 24.60
N ASN C 86 -4.44 -12.45 23.90
CA ASN C 86 -5.26 -12.83 22.75
C ASN C 86 -5.82 -14.24 22.81
N GLN C 87 -7.08 -14.36 23.17
CA GLN C 87 -7.82 -15.60 22.92
C GLN C 87 -8.99 -15.29 21.99
N LEU C 88 -8.75 -14.41 21.02
CA LEU C 88 -9.79 -13.95 20.11
C LEU C 88 -11.01 -13.45 20.91
N CYS C 89 -12.22 -13.65 20.41
CA CYS C 89 -13.39 -13.08 21.08
C CYS C 89 -13.62 -13.67 22.47
N GLY C 90 -12.70 -14.49 22.93
CA GLY C 90 -12.75 -15.01 24.29
C GLY C 90 -11.77 -14.24 25.17
N SER C 91 -11.09 -13.27 24.56
CA SER C 91 -10.06 -12.52 25.27
C SER C 91 -10.63 -11.67 26.40
N GLY C 92 -11.66 -10.88 26.09
CA GLY C 92 -12.23 -9.93 27.04
C GLY C 92 -12.66 -10.55 28.35
N LEU C 93 -13.08 -11.81 28.31
CA LEU C 93 -13.52 -12.54 29.49
C LEU C 93 -12.35 -13.31 30.08
N ARG C 94 -11.58 -13.97 29.24
CA ARG C 94 -10.43 -14.69 29.76
C ARG C 94 -9.56 -13.74 30.57
N ALA C 95 -9.24 -12.58 30.00
CA ALA C 95 -8.48 -11.54 30.72
C ALA C 95 -8.93 -11.43 32.17
N VAL C 96 -10.24 -11.52 32.40
CA VAL C 96 -10.77 -11.36 33.74
C VAL C 96 -10.48 -12.57 34.62
N ALA C 97 -10.46 -13.76 34.01
CA ALA C 97 -10.08 -14.95 34.78
C ALA C 97 -8.59 -14.89 35.08
N LEU C 98 -7.82 -14.38 34.12
CA LEU C 98 -6.40 -14.12 34.29
C LEU C 98 -6.17 -13.15 35.44
N GLY C 99 -6.94 -12.07 35.46
CA GLY C 99 -6.86 -11.09 36.53
C GLY C 99 -7.10 -11.73 37.88
N MET C 100 -8.05 -12.66 37.93
CA MET C 100 -8.42 -13.26 39.24
C MET C 100 -7.33 -14.18 39.80
N GLN C 101 -6.72 -14.99 38.94
CA GLN C 101 -5.62 -15.85 39.33
C GLN C 101 -4.50 -15.04 39.98
N GLN C 102 -4.13 -13.94 39.33
CA GLN C 102 -3.04 -13.10 39.82
C GLN C 102 -3.22 -12.89 41.32
N ILE C 103 -4.46 -12.67 41.74
CA ILE C 103 -4.78 -12.44 43.16
C ILE C 103 -4.98 -13.74 43.92
N ALA C 104 -5.39 -14.79 43.22
CA ALA C 104 -5.52 -16.11 43.85
C ALA C 104 -4.15 -16.73 44.08
N THR C 105 -3.11 -16.07 43.57
CA THR C 105 -1.74 -16.55 43.71
C THR C 105 -0.93 -15.68 44.65
N GLY C 106 -1.47 -14.53 45.00
CA GLY C 106 -0.80 -13.60 45.90
C GLY C 106 0.16 -12.66 45.19
N ASP C 107 0.14 -12.69 43.85
CA ASP C 107 1.02 -11.84 43.05
C ASP C 107 0.49 -10.41 42.94
N ALA C 108 -0.80 -10.23 43.21
CA ALA C 108 -1.41 -8.92 43.08
C ALA C 108 -2.66 -8.77 43.95
N SER C 109 -3.00 -7.52 44.29
CA SER C 109 -4.14 -7.23 45.16
C SER C 109 -5.32 -6.66 44.39
N ILE C 110 -5.03 -5.79 43.42
CA ILE C 110 -6.06 -5.11 42.65
C ILE C 110 -5.71 -5.10 41.16
N ILE C 111 -6.61 -5.63 40.33
CA ILE C 111 -6.36 -5.69 38.89
C ILE C 111 -7.54 -5.12 38.13
N VAL C 112 -7.22 -4.33 37.11
CA VAL C 112 -8.22 -3.92 36.12
C VAL C 112 -8.06 -4.82 34.91
N ALA C 113 -9.14 -5.49 34.53
CA ALA C 113 -9.07 -6.46 33.44
C ALA C 113 -10.33 -6.45 32.58
N GLY C 114 -10.12 -6.64 31.29
CA GLY C 114 -11.22 -6.64 30.35
C GLY C 114 -10.64 -6.80 28.95
N GLY C 115 -11.21 -6.09 28.00
CA GLY C 115 -10.73 -6.14 26.63
C GLY C 115 -11.10 -4.87 25.93
N MET C 116 -10.47 -4.64 24.79
CA MET C 116 -10.76 -3.47 23.97
C MET C 116 -10.45 -3.80 22.54
N GLU C 117 -11.24 -3.22 21.63
CA GLU C 117 -11.04 -3.44 20.20
C GLU C 117 -11.50 -2.26 19.39
N SER C 118 -10.68 -1.90 18.41
CA SER C 118 -11.05 -0.95 17.37
C SER C 118 -10.99 -1.64 16.01
N MET C 119 -12.02 -2.41 15.69
CA MET C 119 -12.05 -3.10 14.41
C MET C 119 -11.97 -2.07 13.28
N SER C 120 -12.58 -0.92 13.48
CA SER C 120 -12.46 0.16 12.50
C SER C 120 -10.99 0.52 12.20
N MET C 121 -10.16 0.59 13.25
CA MET C 121 -8.80 1.10 13.09
C MET C 121 -7.82 0.05 12.58
N ALA C 122 -8.24 -1.21 12.53
CA ALA C 122 -7.35 -2.27 12.08
C ALA C 122 -6.88 -1.98 10.67
N PRO C 123 -5.55 -1.96 10.46
CA PRO C 123 -5.01 -1.62 9.14
C PRO C 123 -4.99 -2.78 8.15
N HIS C 124 -4.63 -2.46 6.92
CA HIS C 124 -4.24 -3.47 5.94
C HIS C 124 -2.72 -3.56 5.95
N CYS C 125 -2.18 -4.75 5.63
CA CYS C 125 -0.74 -4.98 5.74
C CYS C 125 -0.17 -5.85 4.59
N ALA C 126 1.14 -5.82 4.44
CA ALA C 126 1.80 -6.70 3.48
C ALA C 126 3.23 -6.92 3.93
N HIS C 127 3.70 -8.16 3.83
CA HIS C 127 5.08 -8.49 4.16
C HIS C 127 6.00 -8.05 3.02
N LEU C 128 6.86 -7.07 3.29
CA LEU C 128 7.51 -6.33 2.21
C LEU C 128 9.03 -6.17 2.27
N ARG C 129 9.66 -6.67 3.34
CA ARG C 129 11.09 -6.52 3.52
C ARG C 129 11.95 -6.98 2.32
N GLY C 130 11.57 -8.09 1.71
CA GLY C 130 12.34 -8.65 0.61
C GLY C 130 12.29 -7.80 -0.65
N GLY C 131 11.20 -7.06 -0.83
CA GLY C 131 11.00 -6.28 -2.04
C GLY C 131 10.26 -7.12 -3.07
N VAL C 132 9.45 -6.48 -3.91
CA VAL C 132 8.68 -7.23 -4.88
C VAL C 132 9.23 -6.96 -6.29
N LYS C 133 10.07 -7.87 -6.76
CA LYS C 133 10.77 -7.74 -8.04
C LYS C 133 9.82 -7.37 -9.16
N MET C 134 8.69 -8.08 -9.22
CA MET C 134 7.63 -7.72 -10.16
C MET C 134 6.33 -8.45 -9.83
N GLY C 135 5.21 -7.88 -10.27
CA GLY C 135 3.90 -8.44 -10.04
C GLY C 135 3.14 -7.84 -8.88
N ASP C 136 1.83 -7.99 -8.93
CA ASP C 136 0.93 -7.48 -7.92
C ASP C 136 1.20 -8.23 -6.62
N PHE C 137 0.92 -7.58 -5.50
CA PHE C 137 0.89 -8.27 -4.22
C PHE C 137 -0.34 -7.84 -3.40
N LYS C 138 -0.64 -8.64 -2.39
CA LYS C 138 -1.85 -8.44 -1.59
C LYS C 138 -1.62 -7.54 -0.37
N MET C 139 -2.48 -6.55 -0.23
CA MET C 139 -2.60 -5.81 1.00
C MET C 139 -3.72 -6.49 1.80
N ILE C 140 -3.32 -7.10 2.92
CA ILE C 140 -4.20 -7.99 3.69
C ILE C 140 -4.95 -7.24 4.78
N ASP C 141 -6.27 -7.44 4.83
CA ASP C 141 -7.09 -6.82 5.85
C ASP C 141 -6.84 -7.56 7.16
N THR C 142 -6.10 -6.93 8.07
CA THR C 142 -5.80 -7.58 9.34
C THR C 142 -7.08 -7.95 10.11
N MET C 143 -8.14 -7.15 9.96
CA MET C 143 -9.40 -7.49 10.62
C MET C 143 -9.91 -8.86 10.17
N ILE C 144 -9.96 -9.05 8.86
CA ILE C 144 -10.43 -10.30 8.27
C ILE C 144 -9.43 -11.44 8.45
N LYS C 145 -8.18 -11.16 8.12
CA LYS C 145 -7.09 -12.16 8.23
C LYS C 145 -6.88 -12.68 9.65
N ASP C 146 -6.76 -11.75 10.60
CA ASP C 146 -6.34 -12.10 11.96
C ASP C 146 -7.52 -12.27 12.93
N GLY C 147 -8.67 -11.74 12.56
CA GLY C 147 -9.82 -11.75 13.43
C GLY C 147 -10.93 -12.67 12.97
N LEU C 148 -11.19 -12.72 11.67
CA LEU C 148 -12.39 -13.37 11.15
C LEU C 148 -12.17 -14.63 10.31
N THR C 149 -10.91 -14.99 10.04
CA THR C 149 -10.64 -16.10 9.14
C THR C 149 -10.02 -17.29 9.85
N ASP C 150 -10.52 -18.49 9.57
CA ASP C 150 -10.00 -19.69 10.22
C ASP C 150 -8.65 -20.04 9.61
N ALA C 151 -7.63 -20.06 10.45
CA ALA C 151 -6.26 -20.27 9.98
C ALA C 151 -6.04 -21.67 9.44
N PHE C 152 -6.94 -22.59 9.75
CA PHE C 152 -6.78 -23.98 9.35
C PHE C 152 -7.52 -24.31 8.06
N TYR C 153 -8.72 -23.77 7.91
CA TYR C 153 -9.53 -24.07 6.74
C TYR C 153 -9.56 -22.92 5.74
N GLY C 154 -9.17 -21.73 6.18
CA GLY C 154 -9.02 -20.59 5.29
C GLY C 154 -10.28 -19.79 5.06
N TYR C 155 -11.41 -20.24 5.61
CA TYR C 155 -12.67 -19.53 5.41
C TYR C 155 -13.15 -18.77 6.66
N HIS C 156 -14.18 -17.94 6.48
CA HIS C 156 -14.69 -17.02 7.50
C HIS C 156 -15.40 -17.76 8.63
N MET C 157 -15.33 -17.22 9.84
CA MET C 157 -16.10 -17.76 10.96
C MET C 157 -17.51 -18.06 10.50
N GLY C 158 -18.07 -17.12 9.74
CA GLY C 158 -19.40 -17.27 9.19
C GLY C 158 -19.64 -18.65 8.64
N THR C 159 -18.67 -19.16 7.88
CA THR C 159 -18.76 -20.50 7.31
C THR C 159 -18.92 -21.56 8.41
N THR C 160 -18.16 -21.43 9.49
CA THR C 160 -18.23 -22.39 10.58
C THR C 160 -19.60 -22.36 11.23
N ALA C 161 -20.29 -21.25 11.08
CA ALA C 161 -21.68 -21.15 11.50
C ALA C 161 -22.54 -21.94 10.51
N GLU C 162 -22.17 -21.88 9.23
CA GLU C 162 -22.85 -22.68 8.21
C GLU C 162 -22.72 -24.16 8.54
N ASN C 163 -21.56 -24.55 9.04
CA ASN C 163 -21.32 -25.94 9.43
C ASN C 163 -22.10 -26.35 10.68
N VAL C 164 -22.05 -25.53 11.74
CA VAL C 164 -22.84 -25.78 12.95
C VAL C 164 -24.32 -25.83 12.60
N ALA C 165 -24.78 -24.84 11.84
CA ALA C 165 -26.16 -24.79 11.36
C ALA C 165 -26.56 -26.12 10.72
N LYS C 166 -25.95 -26.42 9.57
CA LYS C 166 -26.20 -27.67 8.87
C LYS C 166 -26.15 -28.84 9.85
N GLN C 167 -25.21 -28.77 10.78
CA GLN C 167 -25.04 -29.83 11.78
C GLN C 167 -26.28 -29.92 12.67
N TRP C 168 -26.80 -28.78 13.09
CA TRP C 168 -27.96 -28.74 13.98
C TRP C 168 -29.29 -28.65 13.22
N GLN C 169 -29.23 -28.77 11.91
CA GLN C 169 -30.43 -28.67 11.07
C GLN C 169 -31.19 -27.39 11.35
N LEU C 170 -30.46 -26.32 11.68
CA LEU C 170 -31.08 -25.06 12.04
C LEU C 170 -31.54 -24.30 10.80
N SER C 171 -32.85 -24.11 10.70
CA SER C 171 -33.47 -23.46 9.55
C SER C 171 -33.13 -21.98 9.48
N ARG C 172 -33.15 -21.43 8.27
CA ARG C 172 -32.96 -20.01 8.04
C ARG C 172 -33.97 -19.21 8.84
N ASP C 173 -35.18 -19.75 8.97
CA ASP C 173 -36.26 -19.08 9.66
C ASP C 173 -36.05 -19.03 11.17
N GLU C 174 -35.62 -20.14 11.76
CA GLU C 174 -35.33 -20.19 13.18
C GLU C 174 -34.16 -19.27 13.51
N GLN C 175 -33.20 -19.18 12.60
CA GLN C 175 -32.05 -18.32 12.81
C GLN C 175 -32.47 -16.85 12.80
N ASP C 176 -33.18 -16.44 11.74
CA ASP C 176 -33.74 -15.10 11.67
C ASP C 176 -34.67 -14.88 12.86
N ALA C 177 -35.37 -15.94 13.24
CA ALA C 177 -36.28 -15.90 14.39
C ALA C 177 -35.53 -15.47 15.64
N PHE C 178 -34.34 -16.04 15.84
CA PHE C 178 -33.52 -15.67 16.97
C PHE C 178 -32.98 -14.25 16.79
N ALA C 179 -32.64 -13.90 15.55
CA ALA C 179 -32.07 -12.59 15.26
C ALA C 179 -33.02 -11.46 15.61
N VAL C 180 -34.28 -11.58 15.19
CA VAL C 180 -35.27 -10.54 15.44
C VAL C 180 -35.44 -10.31 16.94
N ALA C 181 -35.50 -11.40 17.71
CA ALA C 181 -35.67 -11.30 19.15
C ALA C 181 -34.57 -10.46 19.78
N SER C 182 -33.32 -10.77 19.44
CA SER C 182 -32.17 -10.09 20.03
C SER C 182 -32.21 -8.58 19.84
N GLN C 183 -32.62 -8.16 18.64
CA GLN C 183 -32.75 -6.74 18.35
C GLN C 183 -33.87 -6.13 19.18
N ASN C 184 -35.00 -6.82 19.25
CA ASN C 184 -36.14 -6.33 20.02
C ASN C 184 -35.84 -6.24 21.52
N LYS C 185 -35.17 -7.26 22.05
CA LYS C 185 -34.76 -7.26 23.44
C LYS C 185 -33.78 -6.12 23.72
N ALA C 186 -32.79 -5.96 22.84
CA ALA C 186 -31.76 -4.94 23.01
C ALA C 186 -32.34 -3.54 22.83
N GLU C 187 -33.27 -3.39 21.90
CA GLU C 187 -33.94 -2.12 21.70
C GLU C 187 -34.70 -1.71 22.97
N ALA C 188 -35.57 -2.59 23.45
CA ALA C 188 -36.37 -2.31 24.64
C ALA C 188 -35.49 -1.89 25.81
N ALA C 189 -34.49 -2.72 26.13
CA ALA C 189 -33.56 -2.42 27.21
C ALA C 189 -32.95 -1.02 27.08
N GLN C 190 -32.45 -0.68 25.90
CA GLN C 190 -31.80 0.60 25.69
C GLN C 190 -32.72 1.78 25.99
N LYS C 191 -33.97 1.70 25.53
CA LYS C 191 -34.94 2.78 25.72
C LYS C 191 -35.46 2.78 27.16
N ASP C 192 -35.30 1.66 27.84
CA ASP C 192 -35.69 1.55 29.24
C ASP C 192 -34.51 1.75 30.18
N GLY C 193 -33.38 2.20 29.62
CA GLY C 193 -32.22 2.56 30.41
C GLY C 193 -31.53 1.40 31.11
N ARG C 194 -31.82 0.19 30.66
CA ARG C 194 -31.19 -1.00 31.25
C ARG C 194 -29.72 -1.12 30.85
N PHE C 195 -29.26 -0.19 30.02
CA PHE C 195 -27.85 -0.13 29.62
C PHE C 195 -27.14 1.06 30.25
N LYS C 196 -27.91 2.05 30.69
CA LYS C 196 -27.34 3.28 31.24
C LYS C 196 -26.32 3.00 32.33
N ASP C 197 -26.70 2.13 33.27
CA ASP C 197 -25.82 1.75 34.36
C ASP C 197 -24.42 1.37 33.89
N GLU C 198 -24.33 0.47 32.93
CA GLU C 198 -23.05 -0.10 32.56
C GLU C 198 -22.27 0.78 31.58
N ILE C 199 -23.00 1.56 30.78
CA ILE C 199 -22.36 2.43 29.81
C ILE C 199 -21.74 3.66 30.46
N VAL C 200 -20.46 3.89 30.16
CA VAL C 200 -19.83 5.15 30.52
C VAL C 200 -19.61 5.92 29.24
N PRO C 201 -20.14 7.16 29.18
CA PRO C 201 -20.00 7.93 27.95
C PRO C 201 -18.54 8.07 27.52
N PHE C 202 -18.30 8.11 26.22
CA PHE C 202 -16.98 8.38 25.69
C PHE C 202 -16.99 9.69 24.91
N ILE C 203 -15.98 10.52 25.12
CA ILE C 203 -15.91 11.80 24.42
C ILE C 203 -14.98 11.70 23.22
N VAL C 204 -15.56 11.65 22.03
CA VAL C 204 -14.79 11.61 20.80
C VAL C 204 -14.26 13.00 20.49
N LYS C 205 -12.99 13.22 20.82
CA LYS C 205 -12.35 14.50 20.60
C LYS C 205 -12.37 14.90 19.12
N GLY C 206 -12.57 16.20 18.88
CA GLY C 206 -12.64 16.70 17.52
C GLY C 206 -12.38 18.19 17.47
N ARG C 207 -11.50 18.58 16.55
CA ARG C 207 -11.20 19.99 16.33
C ARG C 207 -12.48 20.75 16.04
N LYS C 208 -13.29 20.20 15.13
CA LYS C 208 -14.54 20.84 14.75
C LYS C 208 -15.70 20.43 15.65
N GLY C 209 -15.45 20.42 16.97
CA GLY C 209 -16.48 20.10 17.94
C GLY C 209 -16.33 18.71 18.54
N ASP C 210 -16.71 18.57 19.81
CA ASP C 210 -16.64 17.28 20.48
C ASP C 210 -18.00 16.58 20.47
N ILE C 211 -17.99 15.26 20.54
CA ILE C 211 -19.22 14.48 20.56
C ILE C 211 -19.19 13.43 21.68
N THR C 212 -20.23 13.42 22.51
CA THR C 212 -20.33 12.44 23.58
C THR C 212 -21.14 11.24 23.13
N VAL C 213 -20.55 10.05 23.21
CA VAL C 213 -21.23 8.83 22.83
C VAL C 213 -21.57 8.01 24.08
N ASP C 214 -22.86 7.85 24.34
CA ASP C 214 -23.29 7.10 25.52
C ASP C 214 -24.40 6.10 25.22
N ALA C 215 -24.50 5.68 23.96
CA ALA C 215 -25.52 4.70 23.59
C ALA C 215 -25.05 3.81 22.44
N ASP C 216 -25.55 2.57 22.41
CA ASP C 216 -25.16 1.61 21.38
C ASP C 216 -25.80 1.95 20.04
N GLU C 217 -25.00 2.40 19.09
CA GLU C 217 -25.52 2.86 17.80
C GLU C 217 -25.71 1.73 16.79
N TYR C 218 -25.46 0.49 17.20
CA TYR C 218 -25.59 -0.62 16.26
C TYR C 218 -26.92 -1.36 16.36
N ILE C 219 -27.67 -1.13 17.45
CA ILE C 219 -29.00 -1.71 17.60
C ILE C 219 -29.95 -1.04 16.62
N ARG C 220 -30.62 -1.85 15.80
CA ARG C 220 -31.56 -1.32 14.83
C ARG C 220 -32.98 -1.31 15.38
N HIS C 221 -33.59 -0.12 15.42
CA HIS C 221 -34.94 0.03 15.96
C HIS C 221 -36.01 -0.51 15.00
N GLY C 222 -36.92 -1.30 15.54
CA GLY C 222 -38.01 -1.86 14.75
C GLY C 222 -37.60 -2.98 13.81
N ALA C 223 -36.69 -3.85 14.27
CA ALA C 223 -36.32 -5.02 13.50
C ALA C 223 -37.56 -5.90 13.32
N THR C 224 -37.76 -6.41 12.11
CA THR C 224 -38.92 -7.23 11.80
C THR C 224 -38.53 -8.51 11.11
N LEU C 225 -39.26 -9.59 11.40
CA LEU C 225 -39.03 -10.87 10.76
C LEU C 225 -39.14 -10.75 9.24
N ASP C 226 -40.09 -9.97 8.78
CA ASP C 226 -40.37 -9.82 7.34
C ASP C 226 -39.19 -9.23 6.58
N SER C 227 -38.66 -8.10 7.07
CA SER C 227 -37.53 -7.47 6.43
C SER C 227 -36.27 -8.31 6.60
N MET C 228 -36.25 -9.10 7.66
CA MET C 228 -35.11 -9.96 7.97
C MET C 228 -34.90 -11.03 6.88
N ALA C 229 -36.00 -11.59 6.40
CA ALA C 229 -35.93 -12.68 5.44
C ALA C 229 -35.68 -12.20 4.00
N LYS C 230 -35.66 -10.88 3.82
CA LYS C 230 -35.41 -10.30 2.51
C LYS C 230 -33.93 -10.35 2.15
N LEU C 231 -33.07 -10.35 3.17
CA LEU C 231 -31.63 -10.37 2.96
C LEU C 231 -31.17 -11.62 2.24
N ARG C 232 -30.03 -11.53 1.57
CA ARG C 232 -29.44 -12.69 0.90
C ARG C 232 -28.22 -13.23 1.65
N PRO C 233 -27.87 -14.50 1.43
CA PRO C 233 -26.74 -15.14 2.10
C PRO C 233 -25.45 -14.33 2.00
N ALA C 234 -24.71 -14.29 3.10
CA ALA C 234 -23.49 -13.49 3.19
C ALA C 234 -22.22 -14.31 2.89
N PHE C 235 -22.23 -15.57 3.30
CA PHE C 235 -21.04 -16.42 3.18
C PHE C 235 -21.26 -17.57 2.22
N ASP C 236 -22.25 -18.41 2.51
CA ASP C 236 -22.60 -19.51 1.62
C ASP C 236 -23.64 -19.04 0.61
N LYS C 237 -23.28 -19.10 -0.67
CA LYS C 237 -24.17 -18.60 -1.73
C LYS C 237 -25.56 -19.21 -1.67
N GLU C 238 -25.65 -20.45 -1.20
CA GLU C 238 -26.94 -21.05 -0.90
C GLU C 238 -26.96 -21.53 0.55
N GLY C 239 -26.54 -20.64 1.45
CA GLY C 239 -26.52 -20.93 2.86
C GLY C 239 -27.65 -20.22 3.60
N THR C 240 -27.54 -20.19 4.93
CA THR C 240 -28.60 -19.65 5.77
C THR C 240 -28.17 -18.39 6.49
N VAL C 241 -26.85 -18.20 6.62
CA VAL C 241 -26.32 -17.09 7.40
C VAL C 241 -26.30 -15.80 6.61
N THR C 242 -26.72 -14.72 7.27
CA THR C 242 -26.84 -13.43 6.61
C THR C 242 -26.36 -12.32 7.53
N ALA C 243 -26.20 -11.12 6.98
CA ALA C 243 -25.87 -9.94 7.78
C ALA C 243 -27.03 -9.57 8.67
N GLY C 244 -28.06 -10.43 8.68
CA GLY C 244 -29.22 -10.24 9.52
C GLY C 244 -29.18 -11.12 10.75
N ASN C 245 -28.71 -12.35 10.59
CA ASN C 245 -28.59 -13.25 11.73
C ASN C 245 -27.14 -13.53 12.11
N ALA C 246 -26.24 -12.67 11.65
CA ALA C 246 -24.84 -12.75 12.06
C ALA C 246 -24.45 -11.49 12.82
N SER C 247 -23.49 -11.62 13.72
CA SER C 247 -22.99 -10.48 14.47
C SER C 247 -22.30 -9.52 13.51
N GLY C 248 -22.13 -8.27 13.93
CA GLY C 248 -21.51 -7.27 13.08
C GLY C 248 -20.06 -7.02 13.46
N LEU C 249 -19.46 -6.06 12.76
CA LEU C 249 -18.11 -5.59 13.05
C LEU C 249 -18.25 -4.32 13.87
N ASN C 250 -17.49 -4.20 14.96
CA ASN C 250 -17.70 -3.09 15.88
C ASN C 250 -16.48 -2.66 16.69
N ASP C 251 -16.60 -1.49 17.32
CA ASP C 251 -15.59 -0.95 18.22
C ASP C 251 -16.15 -0.77 19.62
N GLY C 252 -15.31 -0.98 20.62
CA GLY C 252 -15.72 -0.77 21.99
C GLY C 252 -14.70 -1.24 23.00
N ALA C 253 -15.01 -1.09 24.28
CA ALA C 253 -14.13 -1.53 25.34
C ALA C 253 -14.95 -1.79 26.60
N ALA C 254 -14.47 -2.69 27.45
CA ALA C 254 -15.15 -3.01 28.71
C ALA C 254 -14.17 -3.63 29.69
N ALA C 255 -14.49 -3.57 30.99
CA ALA C 255 -13.54 -4.06 31.98
C ALA C 255 -14.16 -4.20 33.36
N ALA C 256 -13.40 -4.82 34.26
CA ALA C 256 -13.85 -5.03 35.63
C ALA C 256 -12.71 -4.81 36.62
N LEU C 257 -13.03 -4.28 37.78
CA LEU C 257 -12.07 -4.14 38.86
C LEU C 257 -12.02 -5.42 39.71
N LEU C 258 -10.82 -5.88 40.02
CA LEU C 258 -10.65 -7.15 40.70
C LEU C 258 -9.94 -7.02 42.04
N MET C 259 -10.59 -7.50 43.09
CA MET C 259 -9.94 -7.54 44.40
C MET C 259 -10.51 -8.68 45.23
N SER C 260 -9.77 -9.06 46.27
CA SER C 260 -10.24 -10.12 47.15
C SER C 260 -11.54 -9.69 47.79
N GLU C 261 -12.28 -10.67 48.34
CA GLU C 261 -13.57 -10.39 48.94
C GLU C 261 -13.39 -9.75 50.31
N ALA C 262 -12.25 -10.03 50.93
CA ALA C 262 -11.88 -9.41 52.20
C ALA C 262 -11.38 -7.99 51.98
N GLU C 263 -10.88 -7.71 50.78
CA GLU C 263 -10.35 -6.39 50.45
C GLU C 263 -11.48 -5.40 50.21
N ALA C 264 -12.47 -5.81 49.42
CA ALA C 264 -13.61 -4.96 49.11
C ALA C 264 -14.32 -4.56 50.39
N SER C 265 -14.33 -5.49 51.35
CA SER C 265 -15.00 -5.29 52.63
C SER C 265 -14.45 -4.09 53.41
N ARG C 266 -13.13 -3.99 53.50
CA ARG C 266 -12.50 -2.88 54.21
C ARG C 266 -12.95 -1.56 53.62
N ARG C 267 -12.90 -1.48 52.29
CA ARG C 267 -13.17 -0.25 51.56
C ARG C 267 -14.64 0.18 51.62
N GLY C 268 -15.48 -0.65 52.22
CA GLY C 268 -16.90 -0.37 52.26
C GLY C 268 -17.52 -0.46 50.88
N ILE C 269 -16.86 -1.24 50.01
CA ILE C 269 -17.32 -1.45 48.64
C ILE C 269 -18.28 -2.63 48.58
N GLN C 270 -19.35 -2.47 47.82
CA GLN C 270 -20.29 -3.57 47.59
C GLN C 270 -20.11 -4.12 46.18
N PRO C 271 -19.37 -5.23 46.06
CA PRO C 271 -19.05 -5.90 44.79
C PRO C 271 -20.30 -6.32 43.99
N LEU C 272 -20.18 -6.35 42.66
CA LEU C 272 -21.26 -6.79 41.79
C LEU C 272 -21.25 -8.30 41.55
N GLY C 273 -20.25 -8.98 42.10
CA GLY C 273 -20.19 -10.42 42.02
C GLY C 273 -18.90 -11.03 42.52
N ARG C 274 -18.91 -12.35 42.70
CA ARG C 274 -17.70 -13.10 43.05
C ARG C 274 -17.52 -14.27 42.09
N ILE C 275 -16.32 -14.39 41.54
CA ILE C 275 -16.02 -15.47 40.61
C ILE C 275 -15.90 -16.78 41.36
N VAL C 276 -16.80 -17.72 41.08
CA VAL C 276 -16.75 -19.03 41.73
C VAL C 276 -16.08 -20.08 40.84
N SER C 277 -15.78 -19.70 39.59
CA SER C 277 -15.13 -20.60 38.64
C SER C 277 -15.12 -20.06 37.20
N TRP C 278 -14.40 -20.76 36.33
CA TRP C 278 -14.33 -20.44 34.91
C TRP C 278 -13.79 -21.66 34.19
N ALA C 279 -13.84 -21.67 32.87
CA ALA C 279 -13.32 -22.80 32.13
C ALA C 279 -13.09 -22.44 30.67
N THR C 280 -12.08 -23.08 30.08
CA THR C 280 -11.78 -22.92 28.65
C THR C 280 -11.58 -24.30 28.02
N VAL C 281 -12.26 -24.56 26.92
CA VAL C 281 -12.25 -25.89 26.32
C VAL C 281 -12.18 -25.84 24.80
N GLY C 282 -11.69 -26.92 24.20
CA GLY C 282 -11.49 -26.96 22.77
C GLY C 282 -12.39 -27.91 22.01
N VAL C 283 -12.79 -27.47 20.81
CA VAL C 283 -13.63 -28.25 19.91
C VAL C 283 -13.08 -28.12 18.49
N ASP C 284 -13.73 -28.79 17.55
CA ASP C 284 -13.33 -28.74 16.16
C ASP C 284 -13.53 -27.33 15.62
N PRO C 285 -12.48 -26.76 15.01
CA PRO C 285 -12.53 -25.41 14.42
C PRO C 285 -13.61 -25.28 13.34
N LYS C 286 -13.89 -26.36 12.61
CA LYS C 286 -14.96 -26.35 11.61
C LYS C 286 -16.29 -25.94 12.22
N VAL C 287 -16.47 -26.26 13.50
CA VAL C 287 -17.73 -26.00 14.18
C VAL C 287 -17.51 -25.29 15.53
N MET C 288 -16.60 -24.31 15.53
CA MET C 288 -16.20 -23.63 16.76
C MET C 288 -17.38 -23.08 17.57
N GLY C 289 -18.43 -22.66 16.87
CA GLY C 289 -19.58 -22.08 17.50
C GLY C 289 -20.21 -22.93 18.59
N THR C 290 -19.78 -24.19 18.70
CA THR C 290 -20.32 -25.09 19.72
C THR C 290 -19.51 -25.09 21.02
N GLY C 291 -18.32 -24.50 20.96
CA GLY C 291 -17.43 -24.45 22.11
C GLY C 291 -18.02 -24.04 23.44
N PRO C 292 -18.98 -23.09 23.45
CA PRO C 292 -19.54 -22.69 24.75
C PRO C 292 -20.22 -23.85 25.48
N ILE C 293 -20.53 -24.92 24.76
CA ILE C 293 -21.16 -26.09 25.37
C ILE C 293 -20.22 -26.76 26.37
N PRO C 294 -19.05 -27.23 25.90
CA PRO C 294 -18.10 -27.81 26.86
C PRO C 294 -17.65 -26.76 27.87
N ALA C 295 -17.52 -25.51 27.39
CA ALA C 295 -17.07 -24.41 28.22
C ALA C 295 -17.98 -24.20 29.43
N SER C 296 -19.27 -24.00 29.18
CA SER C 296 -20.21 -23.72 30.23
C SER C 296 -20.45 -24.98 31.07
N ARG C 297 -20.33 -26.14 30.44
CA ARG C 297 -20.56 -27.40 31.15
C ARG C 297 -19.39 -27.78 32.06
N LYS C 298 -18.24 -27.14 31.87
CA LYS C 298 -17.14 -27.35 32.81
C LYS C 298 -17.22 -26.32 33.92
N ALA C 299 -17.48 -25.06 33.55
CA ALA C 299 -17.69 -24.01 34.55
C ALA C 299 -18.70 -24.49 35.58
N LEU C 300 -19.80 -25.07 35.10
CA LEU C 300 -20.86 -25.53 35.99
C LEU C 300 -20.37 -26.64 36.91
N GLU C 301 -19.53 -27.53 36.37
CA GLU C 301 -19.03 -28.66 37.12
C GLU C 301 -18.03 -28.21 38.18
N ARG C 302 -17.28 -27.16 37.87
CA ARG C 302 -16.33 -26.60 38.82
C ARG C 302 -17.05 -25.90 39.96
N ALA C 303 -17.93 -24.96 39.61
CA ALA C 303 -18.75 -24.28 40.61
C ALA C 303 -19.70 -25.28 41.25
N GLY C 304 -19.85 -26.44 40.60
CA GLY C 304 -20.75 -27.48 41.08
C GLY C 304 -22.20 -27.11 40.87
N TRP C 305 -22.45 -26.07 40.08
CA TRP C 305 -23.82 -25.65 39.79
C TRP C 305 -24.50 -26.57 38.77
N LYS C 306 -25.82 -26.56 38.78
CA LYS C 306 -26.62 -27.31 37.83
C LYS C 306 -27.25 -26.35 36.83
N ILE C 307 -27.42 -26.78 35.59
CA ILE C 307 -27.89 -25.88 34.52
C ILE C 307 -29.22 -25.21 34.85
N GLY C 308 -29.98 -25.79 35.77
CA GLY C 308 -31.23 -25.21 36.21
C GLY C 308 -31.05 -24.23 37.36
N ASP C 309 -29.94 -24.36 38.08
CA ASP C 309 -29.64 -23.49 39.21
C ASP C 309 -29.25 -22.08 38.76
N LEU C 310 -28.86 -21.94 37.50
CA LEU C 310 -28.48 -20.63 36.97
C LEU C 310 -29.70 -19.72 36.84
N ASP C 311 -29.57 -18.49 37.34
CA ASP C 311 -30.61 -17.50 37.18
C ASP C 311 -30.41 -16.76 35.87
N LEU C 312 -29.20 -16.27 35.65
CA LEU C 312 -28.93 -15.44 34.48
C LEU C 312 -27.73 -15.93 33.66
N VAL C 313 -27.85 -15.77 32.35
CA VAL C 313 -26.78 -16.16 31.45
C VAL C 313 -26.61 -15.16 30.34
N GLU C 314 -25.37 -14.91 29.97
CA GLU C 314 -25.05 -14.16 28.77
C GLU C 314 -24.16 -15.02 27.85
N ALA C 315 -24.75 -15.53 26.78
CA ALA C 315 -24.03 -16.36 25.83
C ALA C 315 -23.85 -15.59 24.53
N ASN C 316 -22.63 -15.14 24.30
CA ASN C 316 -22.30 -14.29 23.16
C ASN C 316 -22.93 -14.76 21.84
N GLU C 317 -23.53 -13.80 21.13
CA GLU C 317 -24.23 -14.07 19.88
C GLU C 317 -23.36 -13.76 18.67
N ALA C 318 -22.36 -14.58 18.43
CA ALA C 318 -21.55 -14.45 17.24
C ALA C 318 -22.42 -14.64 16.00
N PHE C 319 -23.22 -15.71 16.00
CA PHE C 319 -24.04 -16.10 14.85
C PHE C 319 -25.34 -16.73 15.37
N ALA C 320 -26.46 -16.39 14.73
CA ALA C 320 -27.73 -16.95 15.17
C ALA C 320 -27.65 -18.47 15.18
N ALA C 321 -27.08 -19.04 14.12
CA ALA C 321 -26.92 -20.47 14.00
C ALA C 321 -26.29 -21.10 15.23
N GLN C 322 -25.18 -20.54 15.69
CA GLN C 322 -24.44 -21.13 16.81
C GLN C 322 -25.14 -20.89 18.15
N ALA C 323 -25.81 -19.74 18.27
CA ALA C 323 -26.54 -19.42 19.49
C ALA C 323 -27.66 -20.44 19.71
N CYS C 324 -28.54 -20.57 18.71
CA CYS C 324 -29.62 -21.53 18.78
C CYS C 324 -29.07 -22.89 19.23
N ALA C 325 -27.99 -23.32 18.58
CA ALA C 325 -27.39 -24.62 18.86
C ALA C 325 -26.86 -24.71 20.28
N VAL C 326 -26.22 -23.64 20.74
CA VAL C 326 -25.70 -23.61 22.11
C VAL C 326 -26.86 -23.77 23.09
N ASN C 327 -27.82 -22.86 23.03
CA ASN C 327 -28.99 -22.92 23.90
C ASN C 327 -29.76 -24.23 23.77
N LYS C 328 -30.02 -24.63 22.53
CA LYS C 328 -30.79 -25.84 22.25
C LYS C 328 -30.21 -27.07 22.96
N ASP C 329 -28.88 -27.11 23.07
CA ASP C 329 -28.21 -28.24 23.71
C ASP C 329 -28.18 -28.11 25.23
N LEU C 330 -27.78 -26.94 25.71
CA LEU C 330 -27.65 -26.72 27.15
C LEU C 330 -29.01 -26.68 27.83
N GLY C 331 -30.05 -26.48 27.04
CA GLY C 331 -31.42 -26.56 27.52
C GLY C 331 -31.77 -25.66 28.69
N TRP C 332 -31.05 -24.56 28.84
CA TRP C 332 -31.38 -23.60 29.90
C TRP C 332 -32.56 -22.71 29.50
N ASP C 333 -33.24 -22.15 30.50
CA ASP C 333 -34.40 -21.30 30.24
C ASP C 333 -34.10 -20.21 29.21
N PRO C 334 -34.76 -20.28 28.04
CA PRO C 334 -34.57 -19.30 26.97
C PRO C 334 -34.82 -17.87 27.43
N SER C 335 -35.73 -17.70 28.38
CA SER C 335 -36.13 -16.36 28.81
C SER C 335 -35.12 -15.69 29.75
N ILE C 336 -34.07 -16.41 30.13
CA ILE C 336 -33.02 -15.83 30.96
C ILE C 336 -31.71 -15.71 30.19
N VAL C 337 -31.81 -15.87 28.87
CA VAL C 337 -30.65 -15.77 27.99
C VAL C 337 -30.62 -14.42 27.25
N ASN C 338 -29.55 -13.66 27.44
CA ASN C 338 -29.42 -12.34 26.82
C ASN C 338 -30.66 -11.48 27.04
N VAL C 339 -30.97 -11.19 28.30
CA VAL C 339 -32.21 -10.50 28.65
C VAL C 339 -32.31 -9.11 28.00
N ASN C 340 -31.17 -8.48 27.78
CA ASN C 340 -31.14 -7.15 27.18
C ASN C 340 -30.59 -7.19 25.76
N GLY C 341 -30.69 -8.35 25.11
CA GLY C 341 -30.21 -8.50 23.76
C GLY C 341 -28.82 -9.12 23.70
N GLY C 342 -28.36 -9.41 22.48
CA GLY C 342 -27.08 -10.05 22.28
C GLY C 342 -26.23 -9.33 21.25
N ALA C 343 -25.09 -9.91 20.92
CA ALA C 343 -24.14 -9.26 20.02
C ALA C 343 -24.74 -8.93 18.66
N ILE C 344 -25.71 -9.72 18.21
CA ILE C 344 -26.28 -9.48 16.89
C ILE C 344 -26.78 -8.05 16.82
N ALA C 345 -27.16 -7.52 17.99
CA ALA C 345 -27.77 -6.21 18.07
C ALA C 345 -26.81 -5.19 18.66
N ILE C 346 -26.13 -5.57 19.73
CA ILE C 346 -25.26 -4.65 20.46
C ILE C 346 -23.91 -4.50 19.79
N GLY C 347 -23.51 -5.50 19.02
CA GLY C 347 -22.25 -5.45 18.30
C GLY C 347 -21.25 -6.45 18.83
N ASN C 348 -20.23 -6.73 18.02
CA ASN C 348 -19.23 -7.72 18.40
C ASN C 348 -17.81 -7.19 18.28
N PRO C 349 -17.44 -6.25 19.16
CA PRO C 349 -16.05 -5.80 19.19
C PRO C 349 -15.17 -6.93 19.76
N ILE C 350 -14.88 -7.90 18.89
CA ILE C 350 -14.18 -9.13 19.23
C ILE C 350 -13.44 -9.11 20.55
N GLY C 351 -12.33 -8.39 20.59
CA GLY C 351 -11.48 -8.33 21.77
C GLY C 351 -12.17 -8.02 23.10
N ALA C 352 -13.17 -7.13 23.06
CA ALA C 352 -13.84 -6.69 24.28
C ALA C 352 -15.18 -7.41 24.56
N SER C 353 -15.60 -8.27 23.64
CA SER C 353 -16.88 -8.95 23.78
C SER C 353 -17.00 -9.72 25.09
N GLY C 354 -15.89 -10.31 25.54
CA GLY C 354 -15.89 -11.11 26.76
C GLY C 354 -16.13 -10.29 28.00
N ALA C 355 -15.55 -9.10 28.03
CA ALA C 355 -15.81 -8.16 29.11
C ALA C 355 -17.11 -7.41 28.86
N ARG C 356 -17.51 -7.32 27.59
CA ARG C 356 -18.70 -6.58 27.20
C ARG C 356 -19.94 -7.27 27.78
N ILE C 357 -20.20 -8.50 27.32
CA ILE C 357 -21.33 -9.26 27.85
C ILE C 357 -21.24 -9.45 29.37
N LEU C 358 -20.02 -9.42 29.90
CA LEU C 358 -19.81 -9.50 31.34
C LEU C 358 -20.57 -8.39 32.05
N ASN C 359 -20.33 -7.16 31.64
CA ASN C 359 -21.02 -6.00 32.22
C ASN C 359 -22.53 -6.14 32.16
N THR C 360 -23.03 -6.39 30.96
CA THR C 360 -24.46 -6.59 30.74
C THR C 360 -24.98 -7.61 31.74
N LEU C 361 -24.22 -8.67 31.92
CA LEU C 361 -24.58 -9.74 32.85
C LEU C 361 -24.64 -9.19 34.28
N LEU C 362 -23.54 -8.63 34.75
CA LEU C 362 -23.44 -8.19 36.14
C LEU C 362 -24.44 -7.10 36.52
N PHE C 363 -24.47 -6.00 35.75
CA PHE C 363 -25.37 -4.90 36.06
C PHE C 363 -26.85 -5.28 35.99
N GLU C 364 -27.12 -6.45 35.41
CA GLU C 364 -28.49 -6.97 35.37
C GLU C 364 -28.76 -7.82 36.59
N MET C 365 -27.78 -8.62 36.99
CA MET C 365 -27.92 -9.45 38.19
C MET C 365 -28.18 -8.57 39.41
N LYS C 366 -27.67 -7.35 39.38
CA LYS C 366 -27.88 -6.42 40.47
C LYS C 366 -29.30 -5.85 40.47
N ARG C 367 -29.72 -5.29 39.35
CA ARG C 367 -31.01 -4.62 39.28
C ARG C 367 -32.21 -5.55 39.42
N ARG C 368 -31.97 -6.86 39.33
CA ARG C 368 -33.04 -7.82 39.50
C ARG C 368 -32.83 -8.71 40.72
N GLY C 369 -31.67 -8.56 41.36
CA GLY C 369 -31.36 -9.32 42.55
C GLY C 369 -30.96 -10.75 42.24
N ALA C 370 -30.39 -10.96 41.06
CA ALA C 370 -29.90 -12.29 40.69
C ALA C 370 -28.70 -12.64 41.55
N ARG C 371 -28.55 -13.92 41.87
CA ARG C 371 -27.44 -14.38 42.70
C ARG C 371 -26.40 -15.14 41.88
N LYS C 372 -26.85 -16.11 41.11
CA LYS C 372 -25.95 -16.95 40.30
C LYS C 372 -26.09 -16.66 38.80
N GLY C 373 -24.97 -16.72 38.08
CA GLY C 373 -25.00 -16.47 36.65
C GLY C 373 -23.93 -17.19 35.85
N LEU C 374 -23.78 -16.79 34.60
CA LEU C 374 -22.76 -17.37 33.71
C LEU C 374 -22.61 -16.55 32.44
N ALA C 375 -21.36 -16.29 32.06
CA ALA C 375 -21.07 -15.58 30.82
C ALA C 375 -20.13 -16.43 29.96
N THR C 376 -20.55 -16.75 28.75
CA THR C 376 -19.76 -17.62 27.88
C THR C 376 -19.64 -17.08 26.46
N LEU C 377 -18.62 -17.57 25.75
CA LEU C 377 -18.40 -17.16 24.38
C LEU C 377 -17.75 -18.30 23.62
N CYS C 378 -17.99 -18.32 22.31
CA CYS C 378 -17.36 -19.27 21.41
C CYS C 378 -16.12 -18.59 20.83
N ILE C 379 -15.18 -19.38 20.32
CA ILE C 379 -13.88 -18.84 19.91
C ILE C 379 -13.39 -19.39 18.58
N GLY C 380 -12.77 -18.53 17.78
CA GLY C 380 -12.18 -18.93 16.53
C GLY C 380 -11.07 -19.93 16.77
N GLY C 381 -10.95 -20.88 15.84
CA GLY C 381 -10.02 -21.99 15.98
C GLY C 381 -10.66 -23.15 16.72
N GLY C 382 -11.88 -22.95 17.22
CA GLY C 382 -12.58 -23.99 17.94
C GLY C 382 -12.42 -23.99 19.45
N MET C 383 -12.63 -22.85 20.09
CA MET C 383 -12.55 -22.80 21.55
C MET C 383 -13.82 -22.22 22.19
N GLY C 384 -13.77 -22.06 23.51
CA GLY C 384 -14.86 -21.46 24.25
C GLY C 384 -14.43 -21.15 25.66
N VAL C 385 -14.96 -20.06 26.21
CA VAL C 385 -14.57 -19.59 27.54
C VAL C 385 -15.82 -19.47 28.42
N ALA C 386 -15.67 -19.83 29.69
CA ALA C 386 -16.78 -19.76 30.64
C ALA C 386 -16.38 -19.07 31.93
N MET C 387 -17.39 -18.56 32.65
CA MET C 387 -17.19 -18.01 33.99
C MET C 387 -18.52 -17.89 34.74
N CYS C 388 -18.62 -18.52 35.91
CA CYS C 388 -19.81 -18.36 36.74
C CYS C 388 -19.58 -17.27 37.80
N ILE C 389 -20.57 -16.39 37.93
CA ILE C 389 -20.52 -15.30 38.89
C ILE C 389 -21.55 -15.53 39.98
N GLU C 390 -21.17 -15.23 41.22
CA GLU C 390 -22.03 -15.42 42.38
C GLU C 390 -22.18 -14.11 43.12
N SER C 391 -23.28 -13.41 42.88
CA SER C 391 -23.51 -12.13 43.55
C SER C 391 -23.50 -12.33 45.07
N LEU C 392 -23.22 -11.27 45.81
CA LEU C 392 -23.14 -11.35 47.26
C LEU C 392 -24.50 -11.08 47.92
N SER D 4 6.86 -27.19 44.01
CA SER D 4 5.49 -27.59 43.68
C SER D 4 5.13 -27.29 42.23
N ILE D 5 5.79 -26.32 41.62
CA ILE D 5 5.66 -26.10 40.17
C ILE D 5 7.02 -26.14 39.49
N VAL D 6 7.24 -27.16 38.67
CA VAL D 6 8.55 -27.38 38.07
C VAL D 6 8.52 -27.28 36.55
N ILE D 7 9.71 -27.21 35.97
CA ILE D 7 9.86 -27.15 34.52
C ILE D 7 10.41 -28.48 34.02
N ALA D 8 9.52 -29.40 33.71
CA ALA D 8 9.90 -30.74 33.26
C ALA D 8 11.00 -30.66 32.21
N SER D 9 10.75 -29.88 31.16
CA SER D 9 11.73 -29.75 30.10
C SER D 9 11.57 -28.42 29.39
N ALA D 10 12.52 -28.11 28.52
CA ALA D 10 12.48 -26.87 27.78
C ALA D 10 13.36 -26.99 26.56
N ALA D 11 12.92 -26.39 25.46
CA ALA D 11 13.68 -26.43 24.22
C ALA D 11 13.59 -25.06 23.55
N ARG D 12 14.45 -24.84 22.57
CA ARG D 12 14.48 -23.57 21.86
C ARG D 12 15.17 -23.75 20.51
N THR D 13 14.67 -23.07 19.48
CA THR D 13 15.35 -23.08 18.20
C THR D 13 16.59 -22.22 18.38
N ALA D 14 17.55 -22.35 17.46
CA ALA D 14 18.66 -21.42 17.45
C ALA D 14 18.02 -20.09 17.12
N VAL D 15 18.60 -18.99 17.61
CA VAL D 15 18.10 -17.69 17.22
C VAL D 15 18.55 -17.45 15.79
N GLY D 16 17.63 -16.97 14.96
CA GLY D 16 17.96 -16.65 13.59
C GLY D 16 18.33 -15.19 13.52
N SER D 17 19.08 -14.82 12.47
CA SER D 17 19.43 -13.43 12.24
C SER D 17 18.32 -12.75 11.44
N PHE D 18 18.32 -11.42 11.40
CA PHE D 18 17.29 -10.67 10.67
C PHE D 18 17.35 -10.96 9.17
N ASN D 19 16.21 -11.35 8.60
CA ASN D 19 16.15 -11.74 7.20
C ASN D 19 17.09 -12.89 6.86
N GLY D 20 17.49 -13.65 7.87
CA GLY D 20 18.42 -14.75 7.69
C GLY D 20 17.77 -16.12 7.72
N ALA D 21 18.26 -16.99 8.59
CA ALA D 21 17.81 -18.39 8.64
C ALA D 21 16.30 -18.56 8.46
N PHE D 22 15.51 -17.82 9.24
CA PHE D 22 14.04 -17.99 9.21
C PHE D 22 13.34 -16.78 8.60
N ALA D 23 13.95 -16.22 7.56
CA ALA D 23 13.46 -15.03 6.88
C ALA D 23 11.99 -15.14 6.48
N ASN D 24 11.63 -16.28 5.90
CA ASN D 24 10.25 -16.48 5.47
C ASN D 24 9.50 -17.57 6.24
N THR D 25 9.88 -17.79 7.50
CA THR D 25 9.23 -18.80 8.32
C THR D 25 8.34 -18.17 9.38
N PRO D 26 7.03 -18.42 9.30
CA PRO D 26 6.03 -17.90 10.25
C PRO D 26 6.31 -18.31 11.70
N ALA D 27 6.22 -17.34 12.61
CA ALA D 27 6.50 -17.61 14.02
C ALA D 27 5.91 -18.92 14.50
N HIS D 28 4.65 -19.17 14.14
CA HIS D 28 3.97 -20.37 14.65
C HIS D 28 4.65 -21.65 14.19
N GLU D 29 5.21 -21.65 12.99
CA GLU D 29 5.96 -22.82 12.54
C GLU D 29 7.13 -23.08 13.49
N LEU D 30 7.76 -21.99 13.92
CA LEU D 30 8.88 -22.06 14.85
C LEU D 30 8.40 -22.57 16.21
N GLY D 31 7.31 -21.98 16.70
CA GLY D 31 6.71 -22.40 17.96
C GLY D 31 6.50 -23.90 18.00
N ALA D 32 5.85 -24.42 16.96
CA ALA D 32 5.48 -25.84 16.88
C ALA D 32 6.66 -26.77 17.14
N THR D 33 7.78 -26.48 16.49
CA THR D 33 9.00 -27.25 16.75
C THR D 33 9.23 -27.36 18.24
N VAL D 34 9.32 -26.20 18.89
CA VAL D 34 9.54 -26.12 20.34
C VAL D 34 8.54 -26.95 21.14
N ILE D 35 7.26 -26.76 20.86
CA ILE D 35 6.22 -27.49 21.56
C ILE D 35 6.45 -28.99 21.45
N SER D 36 6.60 -29.47 20.22
CA SER D 36 6.86 -30.88 19.97
C SER D 36 8.09 -31.37 20.73
N ALA D 37 9.14 -30.56 20.73
CA ALA D 37 10.40 -30.92 21.37
C ALA D 37 10.22 -31.11 22.87
N VAL D 38 9.64 -30.11 23.53
CA VAL D 38 9.41 -30.20 24.98
C VAL D 38 8.70 -31.51 25.34
N LEU D 39 7.60 -31.81 24.65
CA LEU D 39 6.87 -33.04 24.89
C LEU D 39 7.77 -34.26 24.82
N GLU D 40 8.59 -34.32 23.78
CA GLU D 40 9.50 -35.44 23.59
C GLU D 40 10.60 -35.46 24.65
N ARG D 41 11.18 -34.30 24.91
CA ARG D 41 12.27 -34.19 25.89
C ARG D 41 11.79 -34.56 27.29
N ALA D 42 10.57 -34.17 27.61
CA ALA D 42 9.95 -34.61 28.87
C ALA D 42 9.58 -36.08 28.78
N GLY D 43 8.78 -36.43 27.79
CA GLY D 43 8.30 -37.80 27.63
C GLY D 43 6.79 -37.82 27.70
N VAL D 44 6.19 -36.62 27.62
CA VAL D 44 4.75 -36.46 27.66
C VAL D 44 4.20 -36.58 26.24
N ALA D 45 2.93 -36.95 26.11
CA ALA D 45 2.28 -36.99 24.80
C ALA D 45 1.40 -35.78 24.56
N ALA D 46 1.44 -35.23 23.35
CA ALA D 46 0.73 -34.00 23.01
C ALA D 46 -0.72 -33.97 23.47
N GLY D 47 -1.38 -35.13 23.45
CA GLY D 47 -2.75 -35.21 23.89
C GLY D 47 -2.97 -34.95 25.37
N GLU D 48 -1.89 -34.86 26.13
CA GLU D 48 -1.99 -34.66 27.59
C GLU D 48 -1.83 -33.18 27.92
N VAL D 49 -1.78 -32.36 26.89
CA VAL D 49 -1.53 -30.93 27.06
C VAL D 49 -2.82 -30.15 27.31
N ASN D 50 -2.90 -29.52 28.49
CA ASN D 50 -4.03 -28.68 28.87
C ASN D 50 -4.13 -27.45 27.97
N GLU D 51 -3.15 -26.55 28.10
CA GLU D 51 -3.15 -25.32 27.32
C GLU D 51 -1.76 -24.95 26.86
N VAL D 52 -1.69 -24.18 25.77
CA VAL D 52 -0.43 -23.68 25.24
C VAL D 52 -0.43 -22.15 25.32
N ILE D 53 0.56 -21.59 26.01
CA ILE D 53 0.64 -20.15 26.18
C ILE D 53 1.89 -19.59 25.52
N LEU D 54 1.69 -18.72 24.53
CA LEU D 54 2.82 -18.19 23.79
C LEU D 54 2.77 -16.68 23.66
N GLY D 55 3.71 -16.02 24.31
CA GLY D 55 3.91 -14.60 24.11
C GLY D 55 4.23 -14.36 22.64
N GLN D 56 3.84 -13.20 22.15
CA GLN D 56 4.14 -12.82 20.78
C GLN D 56 3.73 -11.37 20.58
N VAL D 57 4.68 -10.56 20.12
CA VAL D 57 4.46 -9.14 19.96
C VAL D 57 4.03 -8.75 18.54
N LEU D 58 4.45 -9.54 17.55
CA LEU D 58 4.31 -9.15 16.15
C LEU D 58 3.61 -10.18 15.27
N PRO D 59 2.32 -10.46 15.53
CA PRO D 59 1.63 -11.50 14.77
C PRO D 59 0.81 -11.02 13.56
N ALA D 60 0.88 -9.74 13.18
CA ALA D 60 0.00 -9.21 12.14
C ALA D 60 0.11 -9.97 10.82
N GLY D 61 -1.04 -10.41 10.29
CA GLY D 61 -1.10 -11.09 9.00
C GLY D 61 -0.74 -12.54 9.04
N GLU D 62 -0.51 -13.06 10.24
CA GLU D 62 -0.18 -14.47 10.39
C GLU D 62 -1.44 -15.31 10.56
N GLY D 63 -2.57 -14.62 10.73
CA GLY D 63 -3.86 -15.27 10.84
C GLY D 63 -4.24 -15.45 12.29
N GLN D 64 -5.48 -15.90 12.52
CA GLN D 64 -6.04 -16.05 13.85
C GLN D 64 -5.14 -16.79 14.82
N ASN D 65 -4.86 -16.16 15.94
CA ASN D 65 -4.30 -16.86 17.10
C ASN D 65 -3.17 -17.82 16.77
N PRO D 66 -2.06 -17.29 16.21
CA PRO D 66 -0.91 -18.12 15.87
C PRO D 66 -0.51 -19.06 17.01
N ALA D 67 -0.82 -18.69 18.25
CA ALA D 67 -0.57 -19.58 19.38
C ALA D 67 -1.31 -20.91 19.17
N ARG D 68 -2.59 -20.82 18.86
CA ARG D 68 -3.38 -22.00 18.52
C ARG D 68 -2.76 -22.72 17.33
N GLN D 69 -2.27 -21.95 16.37
CA GLN D 69 -1.70 -22.54 15.17
C GLN D 69 -0.49 -23.39 15.52
N ALA D 70 0.27 -22.95 16.52
CA ALA D 70 1.48 -23.63 16.95
C ALA D 70 1.13 -24.98 17.58
N ALA D 71 0.16 -24.94 18.49
CA ALA D 71 -0.28 -26.12 19.20
C ALA D 71 -0.86 -27.16 18.25
N MET D 72 -1.59 -26.70 17.24
CA MET D 72 -2.24 -27.60 16.30
C MET D 72 -1.23 -28.31 15.38
N LYS D 73 -0.30 -27.54 14.86
CA LYS D 73 0.73 -28.11 13.99
C LYS D 73 1.66 -29.03 14.78
N ALA D 74 1.81 -28.74 16.07
CA ALA D 74 2.72 -29.49 16.95
C ALA D 74 2.13 -30.82 17.40
N GLY D 75 0.81 -30.95 17.33
CA GLY D 75 0.19 -32.22 17.69
C GLY D 75 -0.84 -32.14 18.79
N VAL D 76 -0.80 -31.07 19.57
CA VAL D 76 -1.80 -30.87 20.61
C VAL D 76 -3.19 -30.80 20.00
N PRO D 77 -4.03 -31.81 20.31
CA PRO D 77 -5.39 -31.96 19.78
C PRO D 77 -6.29 -30.75 19.98
N GLN D 78 -7.39 -30.72 19.23
CA GLN D 78 -8.35 -29.62 19.26
C GLN D 78 -9.02 -29.48 20.63
N GLU D 79 -8.80 -30.45 21.50
CA GLU D 79 -9.41 -30.47 22.83
C GLU D 79 -8.80 -29.40 23.72
N ALA D 80 -7.51 -29.15 23.54
CA ALA D 80 -6.77 -28.23 24.39
C ALA D 80 -6.97 -26.77 24.02
N THR D 81 -6.53 -25.88 24.89
CA THR D 81 -6.70 -24.46 24.68
C THR D 81 -5.37 -23.83 24.33
N ALA D 82 -5.40 -22.65 23.72
CA ALA D 82 -4.16 -21.94 23.45
C ALA D 82 -4.42 -20.44 23.31
N TRP D 83 -3.43 -19.64 23.65
CA TRP D 83 -3.56 -18.20 23.47
C TRP D 83 -2.22 -17.50 23.41
N GLY D 84 -2.24 -16.29 22.86
CA GLY D 84 -1.08 -15.43 22.83
C GLY D 84 -1.24 -14.31 23.83
N MET D 85 -0.13 -13.84 24.37
CA MET D 85 -0.16 -12.68 25.25
C MET D 85 1.00 -11.76 24.90
N ASN D 86 0.89 -10.49 25.30
CA ASN D 86 1.89 -9.50 24.98
C ASN D 86 2.32 -8.65 26.18
N GLN D 87 3.54 -8.90 26.67
CA GLN D 87 4.23 -7.99 27.58
C GLN D 87 5.60 -7.61 27.00
N LEU D 88 5.60 -7.24 25.71
CA LEU D 88 6.81 -6.92 24.98
C LEU D 88 7.94 -7.95 25.18
N CYS D 89 9.15 -7.49 25.51
CA CYS D 89 10.29 -8.41 25.59
C CYS D 89 10.27 -9.29 26.84
N GLY D 90 9.29 -9.07 27.71
CA GLY D 90 9.07 -9.93 28.85
C GLY D 90 8.02 -10.98 28.55
N SER D 91 7.52 -10.99 27.31
CA SER D 91 6.46 -11.90 26.90
C SER D 91 6.87 -13.36 27.10
N GLY D 92 8.06 -13.71 26.63
CA GLY D 92 8.57 -15.07 26.72
C GLY D 92 8.71 -15.61 28.13
N LEU D 93 9.17 -14.79 29.07
CA LEU D 93 9.28 -15.20 30.46
C LEU D 93 7.93 -15.10 31.16
N ARG D 94 7.21 -14.01 30.92
CA ARG D 94 5.90 -13.82 31.57
C ARG D 94 5.02 -15.05 31.35
N ALA D 95 4.92 -15.46 30.09
CA ALA D 95 4.13 -16.63 29.69
C ALA D 95 4.35 -17.83 30.60
N VAL D 96 5.61 -18.11 30.95
CA VAL D 96 5.94 -19.19 31.87
C VAL D 96 5.30 -18.97 33.26
N ALA D 97 5.48 -17.76 33.80
CA ALA D 97 4.87 -17.42 35.07
C ALA D 97 3.36 -17.58 34.98
N LEU D 98 2.81 -17.38 33.78
CA LEU D 98 1.38 -17.54 33.57
C LEU D 98 1.00 -19.02 33.62
N GLY D 99 1.58 -19.81 32.72
CA GLY D 99 1.41 -21.25 32.74
C GLY D 99 1.54 -21.81 34.15
N MET D 100 2.57 -21.38 34.87
CA MET D 100 2.79 -21.82 36.24
C MET D 100 1.54 -21.56 37.08
N GLN D 101 0.92 -20.42 36.84
CA GLN D 101 -0.27 -20.03 37.62
C GLN D 101 -1.48 -20.90 37.32
N GLN D 102 -1.62 -21.32 36.06
CA GLN D 102 -2.73 -22.17 35.68
C GLN D 102 -2.76 -23.45 36.54
N ILE D 103 -1.57 -23.95 36.89
CA ILE D 103 -1.49 -25.13 37.73
C ILE D 103 -1.63 -24.77 39.19
N ALA D 104 -0.91 -23.74 39.61
CA ALA D 104 -0.95 -23.31 41.02
C ALA D 104 -2.37 -22.96 41.46
N THR D 105 -3.24 -22.62 40.51
CA THR D 105 -4.64 -22.34 40.83
C THR D 105 -5.51 -23.57 40.66
N GLY D 106 -4.87 -24.72 40.43
CA GLY D 106 -5.59 -25.96 40.21
C GLY D 106 -6.48 -25.90 38.98
N ASP D 107 -6.11 -25.04 38.04
CA ASP D 107 -6.89 -24.85 36.81
C ASP D 107 -6.41 -25.76 35.69
N ALA D 108 -5.12 -26.07 35.67
CA ALA D 108 -4.57 -26.94 34.63
C ALA D 108 -3.69 -28.03 35.23
N SER D 109 -3.19 -28.92 34.39
CA SER D 109 -2.30 -29.99 34.85
C SER D 109 -0.95 -29.90 34.16
N ILE D 110 -0.97 -29.62 32.86
CA ILE D 110 0.25 -29.49 32.09
C ILE D 110 0.15 -28.32 31.13
N ILE D 111 1.16 -27.47 31.13
CA ILE D 111 1.14 -26.30 30.27
C ILE D 111 2.39 -26.21 29.41
N VAL D 112 2.23 -25.77 28.16
CA VAL D 112 3.37 -25.44 27.33
C VAL D 112 3.46 -23.92 27.17
N ALA D 113 4.42 -23.31 27.86
CA ALA D 113 4.54 -21.86 27.84
C ALA D 113 5.88 -21.42 27.28
N GLY D 114 5.90 -20.25 26.66
CA GLY D 114 7.10 -19.71 26.06
C GLY D 114 6.78 -18.52 25.19
N GLY D 115 7.70 -18.16 24.30
CA GLY D 115 7.48 -17.06 23.40
C GLY D 115 7.89 -17.48 22.01
N MET D 116 7.35 -16.80 21.01
CA MET D 116 7.73 -17.05 19.63
C MET D 116 7.62 -15.74 18.89
N GLU D 117 8.55 -15.52 17.96
CA GLU D 117 8.66 -14.24 17.26
C GLU D 117 9.21 -14.41 15.85
N SER D 118 8.66 -13.65 14.91
CA SER D 118 9.25 -13.56 13.57
C SER D 118 9.37 -12.11 13.18
N MET D 119 10.42 -11.46 13.65
CA MET D 119 10.63 -10.05 13.33
C MET D 119 10.97 -9.88 11.86
N SER D 120 11.36 -10.98 11.23
CA SER D 120 11.54 -10.99 9.78
C SER D 120 10.19 -10.93 9.10
N MET D 121 9.24 -11.74 9.56
CA MET D 121 7.92 -11.80 8.93
C MET D 121 6.94 -10.71 9.35
N ALA D 122 7.40 -9.76 10.16
CA ALA D 122 6.59 -8.60 10.53
C ALA D 122 6.35 -7.68 9.33
N PRO D 123 5.09 -7.30 9.07
CA PRO D 123 4.74 -6.55 7.85
C PRO D 123 4.68 -5.04 8.03
N HIS D 124 4.53 -4.33 6.91
CA HIS D 124 4.16 -2.91 6.93
C HIS D 124 2.66 -2.78 6.86
N CYS D 125 2.11 -1.71 7.45
CA CYS D 125 0.66 -1.55 7.49
C CYS D 125 0.23 -0.09 7.41
N ALA D 126 -1.03 0.10 7.04
CA ALA D 126 -1.69 1.40 7.12
C ALA D 126 -3.17 1.20 7.30
N HIS D 127 -3.78 2.16 8.01
CA HIS D 127 -5.21 2.16 8.16
C HIS D 127 -5.80 2.91 6.97
N LEU D 128 -6.54 2.19 6.12
CA LEU D 128 -7.01 2.70 4.84
C LEU D 128 -8.53 2.65 4.69
N ARG D 129 -9.22 2.24 5.75
CA ARG D 129 -10.67 2.08 5.66
C ARG D 129 -11.37 3.36 5.27
N GLY D 130 -11.00 4.44 5.93
CA GLY D 130 -11.58 5.74 5.67
C GLY D 130 -11.08 6.32 4.37
N GLY D 131 -10.00 5.78 3.84
CA GLY D 131 -9.42 6.27 2.61
C GLY D 131 -8.58 7.52 2.79
N VAL D 132 -7.55 7.66 1.96
CA VAL D 132 -6.68 8.83 1.97
C VAL D 132 -7.12 9.79 0.87
N LYS D 133 -7.85 10.83 1.26
CA LYS D 133 -8.43 11.77 0.30
C LYS D 133 -7.39 12.39 -0.63
N MET D 134 -6.27 12.84 -0.09
CA MET D 134 -5.26 13.50 -0.91
C MET D 134 -3.95 13.64 -0.12
N GLY D 135 -2.81 13.48 -0.79
CA GLY D 135 -1.51 13.60 -0.13
C GLY D 135 -0.84 12.28 0.17
N ASP D 136 0.47 12.33 0.42
CA ASP D 136 1.24 11.13 0.72
C ASP D 136 0.85 10.60 2.10
N PHE D 137 1.13 9.34 2.35
CA PHE D 137 0.97 8.78 3.69
C PHE D 137 2.10 7.77 3.93
N LYS D 138 2.27 7.34 5.18
CA LYS D 138 3.34 6.40 5.53
C LYS D 138 2.83 4.96 5.65
N MET D 139 3.50 4.03 4.98
CA MET D 139 3.31 2.62 5.32
C MET D 139 4.22 2.31 6.51
N ILE D 140 3.62 1.76 7.56
CA ILE D 140 4.33 1.60 8.82
C ILE D 140 4.91 0.21 9.03
N ASP D 141 6.19 0.16 9.35
CA ASP D 141 6.87 -1.08 9.76
C ASP D 141 6.39 -1.54 11.15
N THR D 142 5.47 -2.51 11.22
CA THR D 142 4.94 -2.99 12.50
C THR D 142 6.03 -3.39 13.49
N MET D 143 7.16 -3.86 12.99
CA MET D 143 8.24 -4.28 13.87
C MET D 143 8.71 -3.10 14.70
N ILE D 144 8.87 -1.95 14.05
CA ILE D 144 9.33 -0.76 14.76
C ILE D 144 8.19 -0.09 15.52
N LYS D 145 7.04 0.06 14.85
CA LYS D 145 5.89 0.71 15.45
C LYS D 145 5.35 -0.01 16.68
N ASP D 146 5.11 -1.30 16.54
CA ASP D 146 4.48 -2.09 17.60
C ASP D 146 5.51 -2.75 18.54
N GLY D 147 6.75 -2.89 18.05
CA GLY D 147 7.76 -3.60 18.80
C GLY D 147 8.92 -2.79 19.35
N LEU D 148 9.33 -1.74 18.64
CA LEU D 148 10.57 -1.06 18.97
C LEU D 148 10.46 0.42 19.34
N THR D 149 9.25 0.96 19.35
CA THR D 149 9.09 2.38 19.64
C THR D 149 8.21 2.65 20.85
N ASP D 150 8.64 3.59 21.68
CA ASP D 150 7.87 4.00 22.85
C ASP D 150 6.63 4.79 22.43
N ALA D 151 5.48 4.41 22.98
CA ALA D 151 4.20 5.01 22.62
C ALA D 151 3.94 6.34 23.29
N PHE D 152 4.83 6.76 24.19
CA PHE D 152 4.62 7.99 24.94
C PHE D 152 5.53 9.12 24.45
N TYR D 153 6.71 8.77 23.99
CA TYR D 153 7.69 9.76 23.57
C TYR D 153 8.00 9.67 22.09
N GLY D 154 7.75 8.49 21.51
CA GLY D 154 7.89 8.29 20.09
C GLY D 154 9.30 7.99 19.63
N TYR D 155 10.21 7.77 20.56
CA TYR D 155 11.58 7.42 20.17
C TYR D 155 11.88 5.93 20.38
N HIS D 156 12.99 5.48 19.81
CA HIS D 156 13.34 4.07 19.82
C HIS D 156 13.79 3.62 21.21
N MET D 157 13.74 2.32 21.46
CA MET D 157 14.27 1.76 22.69
C MET D 157 15.76 2.08 22.77
N GLY D 158 16.35 2.39 21.61
CA GLY D 158 17.76 2.74 21.54
C GLY D 158 18.03 4.10 22.18
N THR D 159 17.00 4.93 22.23
CA THR D 159 17.09 6.24 22.88
C THR D 159 16.88 6.15 24.39
N THR D 160 15.98 5.26 24.81
CA THR D 160 15.79 5.00 26.24
C THR D 160 17.07 4.45 26.84
N ALA D 161 17.85 3.76 26.02
CA ALA D 161 19.14 3.23 26.44
C ALA D 161 20.16 4.35 26.55
N GLU D 162 20.06 5.32 25.63
CA GLU D 162 20.88 6.52 25.71
C GLU D 162 20.61 7.23 27.03
N ASN D 163 19.33 7.39 27.37
CA ASN D 163 18.92 7.99 28.64
C ASN D 163 19.57 7.29 29.84
N VAL D 164 19.57 5.96 29.81
CA VAL D 164 20.12 5.16 30.90
C VAL D 164 21.64 5.30 30.98
N ALA D 165 22.28 5.39 29.83
CA ALA D 165 23.73 5.50 29.75
C ALA D 165 24.25 6.83 30.28
N LYS D 166 23.44 7.89 30.11
CA LYS D 166 23.83 9.20 30.58
C LYS D 166 23.53 9.34 32.07
N GLN D 167 22.44 8.71 32.51
CA GLN D 167 22.01 8.79 33.90
C GLN D 167 22.83 7.84 34.76
N TRP D 168 23.53 6.91 34.11
CA TRP D 168 24.43 6.00 34.78
C TRP D 168 25.86 6.25 34.32
N GLN D 169 26.05 7.35 33.59
CA GLN D 169 27.35 7.71 33.04
C GLN D 169 28.16 6.49 32.60
N LEU D 170 27.82 5.97 31.43
CA LEU D 170 28.53 4.84 30.86
C LEU D 170 29.12 5.25 29.51
N SER D 171 30.44 5.24 29.42
CA SER D 171 31.13 5.70 28.22
C SER D 171 31.04 4.70 27.07
N ARG D 172 31.35 5.17 25.86
CA ARG D 172 31.35 4.33 24.68
C ARG D 172 32.28 3.13 24.86
N ASP D 173 33.43 3.37 25.48
CA ASP D 173 34.40 2.32 25.74
C ASP D 173 33.82 1.26 26.67
N GLU D 174 33.25 1.71 27.77
CA GLU D 174 32.66 0.80 28.75
C GLU D 174 31.63 -0.12 28.10
N GLN D 175 30.65 0.46 27.42
CA GLN D 175 29.63 -0.32 26.75
C GLN D 175 30.23 -1.26 25.70
N ASP D 176 31.19 -0.76 24.93
CA ASP D 176 31.87 -1.59 23.95
C ASP D 176 32.53 -2.80 24.62
N ALA D 177 32.99 -2.59 25.85
CA ALA D 177 33.65 -3.66 26.60
C ALA D 177 32.68 -4.81 26.88
N PHE D 178 31.48 -4.47 27.34
CA PHE D 178 30.46 -5.47 27.65
C PHE D 178 30.01 -6.19 26.38
N ALA D 179 30.00 -5.47 25.27
CA ALA D 179 29.58 -6.01 23.99
C ALA D 179 30.54 -7.09 23.51
N VAL D 180 31.84 -6.76 23.51
CA VAL D 180 32.87 -7.73 23.17
C VAL D 180 32.81 -8.91 24.14
N ALA D 181 32.75 -8.61 25.43
CA ALA D 181 32.71 -9.63 26.47
C ALA D 181 31.59 -10.65 26.24
N SER D 182 30.40 -10.16 25.91
CA SER D 182 29.26 -11.03 25.65
C SER D 182 29.41 -11.80 24.33
N GLN D 183 30.09 -11.17 23.37
CA GLN D 183 30.37 -11.79 22.09
C GLN D 183 31.35 -12.94 22.23
N ASN D 184 32.50 -12.65 22.86
CA ASN D 184 33.54 -13.66 23.07
C ASN D 184 32.99 -14.87 23.82
N LYS D 185 32.20 -14.60 24.86
CA LYS D 185 31.55 -15.66 25.62
C LYS D 185 30.64 -16.50 24.72
N ALA D 186 29.93 -15.82 23.83
CA ALA D 186 29.02 -16.50 22.90
C ALA D 186 29.80 -17.34 21.90
N GLU D 187 30.93 -16.81 21.47
CA GLU D 187 31.79 -17.48 20.50
C GLU D 187 32.39 -18.75 21.10
N ALA D 188 32.77 -18.67 22.38
CA ALA D 188 33.37 -19.82 23.06
C ALA D 188 32.32 -20.84 23.45
N ALA D 189 31.24 -20.38 24.09
CA ALA D 189 30.19 -21.27 24.59
C ALA D 189 29.59 -22.11 23.45
N GLN D 190 29.52 -21.52 22.27
CA GLN D 190 28.95 -22.20 21.10
C GLN D 190 29.90 -23.24 20.53
N LYS D 191 31.15 -22.85 20.28
CA LYS D 191 32.13 -23.77 19.71
C LYS D 191 32.31 -24.99 20.61
N ASP D 192 32.16 -24.78 21.91
CA ASP D 192 32.30 -25.85 22.88
C ASP D 192 30.99 -26.61 23.03
N GLY D 193 30.07 -26.36 22.10
CA GLY D 193 28.82 -27.09 22.03
C GLY D 193 27.96 -26.99 23.27
N ARG D 194 28.06 -25.88 23.99
CA ARG D 194 27.26 -25.69 25.19
C ARG D 194 25.82 -25.31 24.88
N PHE D 195 25.53 -24.94 23.64
CA PHE D 195 24.17 -24.59 23.23
C PHE D 195 23.44 -25.82 22.67
N LYS D 196 24.16 -26.92 22.54
CA LYS D 196 23.61 -28.12 21.90
C LYS D 196 22.34 -28.64 22.56
N ASP D 197 22.39 -28.85 23.87
CA ASP D 197 21.24 -29.41 24.60
C ASP D 197 19.95 -28.58 24.39
N GLU D 198 20.02 -27.28 24.65
CA GLU D 198 18.83 -26.43 24.63
C GLU D 198 18.21 -26.32 23.23
N ILE D 199 19.05 -26.29 22.21
CA ILE D 199 18.59 -26.14 20.84
C ILE D 199 17.95 -27.41 20.27
N VAL D 200 16.72 -27.30 19.79
CA VAL D 200 16.17 -28.33 18.92
C VAL D 200 16.17 -27.78 17.49
N PRO D 201 16.86 -28.49 16.59
CA PRO D 201 16.97 -28.08 15.18
C PRO D 201 15.62 -27.84 14.53
N PHE D 202 15.53 -26.80 13.72
CA PHE D 202 14.33 -26.54 12.95
C PHE D 202 14.61 -26.81 11.48
N ILE D 203 13.63 -27.42 10.81
CA ILE D 203 13.81 -27.79 9.41
C ILE D 203 13.19 -26.76 8.49
N VAL D 204 14.02 -25.86 7.98
CA VAL D 204 13.56 -24.85 7.04
C VAL D 204 13.14 -25.51 5.72
N LYS D 205 11.88 -25.90 5.63
CA LYS D 205 11.36 -26.57 4.45
C LYS D 205 11.51 -25.69 3.22
N GLY D 206 12.16 -26.24 2.19
CA GLY D 206 12.39 -25.52 0.96
C GLY D 206 12.05 -26.37 -0.25
N ARG D 207 11.32 -25.76 -1.19
CA ARG D 207 10.97 -26.43 -2.44
C ARG D 207 12.23 -26.88 -3.17
N LYS D 208 13.27 -26.04 -3.15
CA LYS D 208 14.51 -26.35 -3.82
C LYS D 208 15.68 -26.45 -2.83
N GLY D 209 15.64 -27.47 -1.99
CA GLY D 209 16.70 -27.71 -1.02
C GLY D 209 16.26 -27.50 0.42
N ASP D 210 16.08 -28.60 1.15
CA ASP D 210 15.71 -28.52 2.56
C ASP D 210 16.91 -28.17 3.44
N ILE D 211 16.67 -27.34 4.45
CA ILE D 211 17.75 -26.87 5.31
C ILE D 211 17.47 -27.04 6.79
N THR D 212 18.41 -27.67 7.49
CA THR D 212 18.29 -27.87 8.92
C THR D 212 19.16 -26.90 9.70
N VAL D 213 18.52 -26.02 10.46
CA VAL D 213 19.24 -25.01 11.22
C VAL D 213 19.30 -25.36 12.71
N ASP D 214 20.51 -25.53 13.24
CA ASP D 214 20.67 -25.78 14.67
C ASP D 214 21.88 -25.06 15.24
N ALA D 215 22.10 -23.82 14.80
CA ALA D 215 23.20 -23.01 15.32
C ALA D 215 22.86 -21.50 15.26
N ASP D 216 23.01 -20.84 16.40
CA ASP D 216 22.74 -19.41 16.52
C ASP D 216 23.63 -18.64 15.55
N GLU D 217 23.06 -18.23 14.42
CA GLU D 217 23.84 -17.63 13.34
C GLU D 217 24.17 -16.15 13.56
N TYR D 218 23.54 -15.53 14.56
CA TYR D 218 23.76 -14.12 14.82
C TYR D 218 25.07 -13.85 15.57
N ILE D 219 25.70 -14.90 16.07
CA ILE D 219 26.98 -14.77 16.78
C ILE D 219 28.15 -14.54 15.83
N ARG D 220 28.82 -13.41 15.96
CA ARG D 220 29.98 -13.09 15.13
C ARG D 220 31.29 -13.58 15.77
N HIS D 221 32.07 -14.32 15.00
CA HIS D 221 33.27 -14.98 15.50
C HIS D 221 34.50 -14.08 15.56
N GLY D 222 35.24 -14.16 16.67
CA GLY D 222 36.44 -13.36 16.84
C GLY D 222 36.15 -11.88 17.05
N ALA D 223 35.32 -11.58 18.05
CA ALA D 223 34.90 -10.21 18.31
C ALA D 223 36.04 -9.33 18.81
N THR D 224 36.70 -8.65 17.88
CA THR D 224 37.81 -7.75 18.22
C THR D 224 37.29 -6.44 18.80
N LEU D 225 37.79 -6.08 19.97
CA LEU D 225 37.40 -4.84 20.64
C LEU D 225 37.70 -3.61 19.79
N ASP D 226 38.63 -3.76 18.85
CA ASP D 226 39.02 -2.64 17.99
C ASP D 226 37.89 -2.23 17.05
N SER D 227 37.35 -3.18 16.30
CA SER D 227 36.25 -2.88 15.38
C SER D 227 35.00 -2.47 16.14
N MET D 228 34.98 -2.79 17.43
CA MET D 228 33.85 -2.45 18.29
C MET D 228 33.80 -0.95 18.56
N ALA D 229 34.96 -0.30 18.48
CA ALA D 229 35.05 1.13 18.73
C ALA D 229 35.19 1.91 17.41
N LYS D 230 34.90 1.23 16.31
CA LYS D 230 34.99 1.85 14.99
C LYS D 230 33.61 2.21 14.45
N LEU D 231 32.58 1.50 14.90
CA LEU D 231 31.22 1.76 14.47
C LEU D 231 30.74 3.14 14.92
N ARG D 232 29.72 3.66 14.24
CA ARG D 232 29.14 4.94 14.61
C ARG D 232 27.79 4.74 15.30
N PRO D 233 27.40 5.68 16.17
CA PRO D 233 26.12 5.63 16.88
C PRO D 233 24.96 5.42 15.92
N ALA D 234 24.04 4.53 16.28
CA ALA D 234 22.96 4.14 15.38
C ALA D 234 21.66 4.87 15.69
N PHE D 235 21.60 5.53 16.84
CA PHE D 235 20.40 6.26 17.24
C PHE D 235 20.68 7.74 17.40
N ASP D 236 21.61 8.06 18.31
CA ASP D 236 22.00 9.44 18.55
C ASP D 236 23.12 9.83 17.59
N LYS D 237 22.92 10.92 16.85
CA LYS D 237 23.91 11.39 15.88
C LYS D 237 25.31 11.53 16.48
N GLU D 238 25.38 11.54 17.81
CA GLU D 238 26.65 11.56 18.52
C GLU D 238 26.49 10.93 19.89
N GLY D 239 25.79 9.80 19.94
CA GLY D 239 25.52 9.12 21.19
C GLY D 239 26.53 8.04 21.51
N THR D 240 26.14 7.11 22.38
CA THR D 240 27.04 6.06 22.84
C THR D 240 26.60 4.68 22.36
N VAL D 241 25.34 4.54 21.99
CA VAL D 241 24.81 3.25 21.55
C VAL D 241 24.97 3.03 20.05
N THR D 242 25.40 1.83 19.68
CA THR D 242 25.63 1.45 18.30
C THR D 242 25.12 0.05 18.05
N ALA D 243 25.05 -0.36 16.78
CA ALA D 243 24.75 -1.73 16.44
C ALA D 243 25.66 -2.68 17.23
N GLY D 244 26.88 -2.22 17.47
CA GLY D 244 27.88 -3.04 18.13
C GLY D 244 27.57 -3.35 19.59
N ASN D 245 27.03 -2.37 20.30
CA ASN D 245 26.73 -2.54 21.72
C ASN D 245 25.23 -2.58 22.03
N ALA D 246 24.42 -2.74 20.99
CA ALA D 246 22.99 -2.90 21.15
C ALA D 246 22.54 -4.27 20.68
N SER D 247 21.45 -4.78 21.26
CA SER D 247 20.86 -6.04 20.79
C SER D 247 20.31 -5.84 19.38
N GLY D 248 19.90 -6.94 18.77
CA GLY D 248 19.49 -6.90 17.38
C GLY D 248 18.10 -7.44 17.10
N LEU D 249 17.76 -7.47 15.82
CA LEU D 249 16.49 -8.01 15.37
C LEU D 249 16.67 -9.49 15.07
N ASN D 250 15.78 -10.32 15.61
CA ASN D 250 15.93 -11.76 15.47
C ASN D 250 14.62 -12.56 15.47
N ASP D 251 14.72 -13.81 15.04
CA ASP D 251 13.58 -14.70 14.93
C ASP D 251 13.79 -15.85 15.91
N GLY D 252 12.72 -16.54 16.25
CA GLY D 252 12.85 -17.74 17.06
C GLY D 252 11.67 -18.05 17.94
N ALA D 253 11.70 -19.25 18.51
CA ALA D 253 10.71 -19.65 19.50
C ALA D 253 11.42 -20.46 20.55
N ALA D 254 10.94 -20.35 21.79
CA ALA D 254 11.58 -21.02 22.90
C ALA D 254 10.50 -21.29 23.93
N ALA D 255 10.67 -22.34 24.73
CA ALA D 255 9.63 -22.67 25.68
C ALA D 255 9.98 -23.78 26.65
N ALA D 256 9.14 -23.92 27.66
CA ALA D 256 9.33 -24.89 28.71
C ALA D 256 8.03 -25.65 28.93
N LEU D 257 8.15 -26.91 29.34
CA LEU D 257 6.99 -27.68 29.73
C LEU D 257 6.82 -27.51 31.23
N LEU D 258 5.60 -27.26 31.66
CA LEU D 258 5.35 -27.02 33.07
C LEU D 258 4.33 -28.02 33.62
N MET D 259 4.65 -28.58 34.79
CA MET D 259 3.71 -29.40 35.52
C MET D 259 4.00 -29.24 36.99
N SER D 260 3.23 -29.94 37.83
CA SER D 260 3.45 -29.85 39.26
C SER D 260 4.62 -30.74 39.62
N GLU D 261 5.33 -30.42 40.70
CA GLU D 261 6.45 -31.25 41.13
C GLU D 261 5.93 -32.66 41.40
N ALA D 262 4.75 -32.74 41.98
CA ALA D 262 4.12 -34.03 42.27
C ALA D 262 3.77 -34.76 40.97
N GLU D 263 3.52 -34.00 39.92
CA GLU D 263 3.13 -34.56 38.63
C GLU D 263 4.30 -35.27 37.96
N ALA D 264 5.43 -34.58 37.90
CA ALA D 264 6.62 -35.14 37.27
C ALA D 264 7.12 -36.33 38.07
N SER D 265 6.82 -36.32 39.37
CA SER D 265 7.18 -37.42 40.26
C SER D 265 6.73 -38.77 39.70
N ARG D 266 5.47 -38.84 39.28
CA ARG D 266 4.90 -40.08 38.76
C ARG D 266 5.54 -40.44 37.43
N ARG D 267 5.69 -39.44 36.57
CA ARG D 267 6.24 -39.67 35.24
C ARG D 267 7.70 -40.11 35.27
N GLY D 268 8.35 -39.91 36.42
CA GLY D 268 9.75 -40.27 36.57
C GLY D 268 10.66 -39.31 35.82
N ILE D 269 10.18 -38.10 35.60
CA ILE D 269 10.94 -37.08 34.89
C ILE D 269 11.92 -36.36 35.81
N GLN D 270 13.15 -36.18 35.33
CA GLN D 270 14.15 -35.41 36.06
C GLN D 270 13.97 -33.92 35.71
N PRO D 271 13.37 -33.15 36.64
CA PRO D 271 13.04 -31.74 36.41
C PRO D 271 14.25 -30.85 36.17
N LEU D 272 14.09 -29.83 35.32
CA LEU D 272 15.15 -28.84 35.12
C LEU D 272 15.20 -27.87 36.30
N GLY D 273 14.14 -27.83 37.09
CA GLY D 273 14.08 -26.96 38.26
C GLY D 273 12.68 -26.54 38.67
N ARG D 274 12.55 -26.04 39.90
CA ARG D 274 11.28 -25.53 40.41
C ARG D 274 11.26 -24.01 40.50
N ILE D 275 10.16 -23.40 40.08
CA ILE D 275 9.96 -21.96 40.15
C ILE D 275 9.60 -21.52 41.56
N VAL D 276 10.45 -20.72 42.19
CA VAL D 276 10.26 -20.32 43.58
C VAL D 276 9.58 -18.95 43.71
N SER D 277 9.61 -18.17 42.63
CA SER D 277 8.92 -16.88 42.61
C SER D 277 9.10 -16.16 41.28
N TRP D 278 8.43 -15.02 41.14
CA TRP D 278 8.50 -14.20 39.94
C TRP D 278 7.85 -12.86 40.25
N ALA D 279 8.12 -11.84 39.44
CA ALA D 279 7.51 -10.53 39.65
C ALA D 279 7.66 -9.63 38.44
N THR D 280 6.83 -8.59 38.37
CA THR D 280 6.94 -7.59 37.32
C THR D 280 6.62 -6.21 37.88
N VAL D 281 7.51 -5.27 37.63
CA VAL D 281 7.38 -3.93 38.18
C VAL D 281 7.70 -2.89 37.13
N GLY D 282 7.05 -1.74 37.23
CA GLY D 282 7.22 -0.68 36.25
C GLY D 282 8.22 0.37 36.69
N VAL D 283 8.86 1.00 35.71
CA VAL D 283 9.82 2.05 35.97
C VAL D 283 9.63 3.16 34.95
N ASP D 284 10.26 4.31 35.21
CA ASP D 284 10.17 5.44 34.31
C ASP D 284 10.37 5.02 32.86
N PRO D 285 9.41 5.35 32.00
CA PRO D 285 9.44 4.99 30.58
C PRO D 285 10.74 5.40 29.89
N LYS D 286 11.14 6.66 30.08
CA LYS D 286 12.34 7.18 29.42
C LYS D 286 13.54 6.29 29.66
N VAL D 287 13.57 5.64 30.83
CA VAL D 287 14.67 4.76 31.19
C VAL D 287 14.19 3.32 31.40
N MET D 288 13.47 2.80 30.40
CA MET D 288 12.85 1.49 30.53
C MET D 288 13.86 0.38 30.83
N GLY D 289 15.10 0.59 30.40
CA GLY D 289 16.14 -0.42 30.56
C GLY D 289 16.35 -0.84 32.00
N THR D 290 16.09 0.08 32.93
CA THR D 290 16.28 -0.21 34.35
C THR D 290 15.15 -1.05 34.93
N GLY D 291 14.47 -1.81 34.07
CA GLY D 291 13.33 -2.61 34.48
C GLY D 291 13.68 -3.79 35.38
N PRO D 292 14.66 -4.61 34.97
CA PRO D 292 15.04 -5.79 35.74
C PRO D 292 15.63 -5.44 37.11
N ILE D 293 15.87 -4.17 37.39
CA ILE D 293 16.48 -3.78 38.65
C ILE D 293 15.52 -3.90 39.83
N PRO D 294 14.30 -3.36 39.69
CA PRO D 294 13.32 -3.55 40.76
C PRO D 294 12.56 -4.85 40.59
N ALA D 295 12.58 -5.40 39.38
CA ALA D 295 11.92 -6.67 39.09
C ALA D 295 12.67 -7.83 39.73
N SER D 296 14.00 -7.71 39.80
CA SER D 296 14.84 -8.75 40.35
C SER D 296 14.86 -8.70 41.88
N ARG D 297 14.95 -7.50 42.44
CA ARG D 297 14.91 -7.34 43.88
C ARG D 297 13.58 -7.86 44.43
N LYS D 298 12.53 -7.71 43.61
CA LYS D 298 11.19 -8.13 43.96
C LYS D 298 11.11 -9.65 44.06
N ALA D 299 11.61 -10.33 43.03
CA ALA D 299 11.56 -11.78 42.98
C ALA D 299 12.43 -12.39 44.07
N LEU D 300 13.61 -11.80 44.26
CA LEU D 300 14.52 -12.26 45.31
C LEU D 300 13.87 -12.05 46.67
N GLU D 301 13.31 -10.86 46.88
CA GLU D 301 12.58 -10.52 48.10
C GLU D 301 11.53 -11.58 48.41
N ARG D 302 10.76 -11.96 47.38
CA ARG D 302 9.74 -12.98 47.54
C ARG D 302 10.33 -14.33 47.88
N ALA D 303 11.41 -14.69 47.18
CA ALA D 303 12.03 -16.00 47.36
C ALA D 303 12.84 -16.08 48.66
N GLY D 304 13.07 -14.94 49.30
CA GLY D 304 13.83 -14.90 50.53
C GLY D 304 15.32 -15.05 50.28
N TRP D 305 15.71 -14.97 49.01
CA TRP D 305 17.11 -15.08 48.63
C TRP D 305 17.80 -13.71 48.64
N LYS D 306 19.09 -13.73 48.94
CA LYS D 306 19.91 -12.52 48.87
C LYS D 306 20.71 -12.55 47.58
N ILE D 307 20.97 -11.38 47.01
CA ILE D 307 21.63 -11.27 45.72
C ILE D 307 22.88 -12.14 45.63
N GLY D 308 23.64 -12.19 46.71
CA GLY D 308 24.87 -12.96 46.76
C GLY D 308 24.64 -14.47 46.86
N ASP D 309 23.38 -14.85 47.04
CA ASP D 309 23.03 -16.26 47.15
C ASP D 309 22.84 -16.91 45.78
N LEU D 310 22.76 -16.09 44.74
CA LEU D 310 22.57 -16.59 43.39
C LEU D 310 23.78 -17.37 42.90
N ASP D 311 23.52 -18.47 42.21
CA ASP D 311 24.59 -19.29 41.67
C ASP D 311 24.84 -19.02 40.19
N LEU D 312 23.90 -18.31 39.56
CA LEU D 312 23.96 -18.04 38.13
C LEU D 312 22.87 -17.04 37.75
N VAL D 313 23.12 -16.26 36.70
CA VAL D 313 22.18 -15.19 36.30
C VAL D 313 22.11 -14.90 34.81
N GLU D 314 20.88 -14.82 34.29
CA GLU D 314 20.64 -14.44 32.90
C GLU D 314 19.89 -13.11 32.84
N ALA D 315 20.62 -12.02 32.65
CA ALA D 315 20.00 -10.71 32.44
C ALA D 315 20.02 -10.35 30.96
N ASN D 316 18.85 -10.33 30.34
CA ASN D 316 18.73 -10.08 28.90
C ASN D 316 19.45 -8.81 28.44
N GLU D 317 20.29 -8.95 27.43
CA GLU D 317 21.05 -7.83 26.91
C GLU D 317 20.28 -7.05 25.83
N ALA D 318 19.34 -6.22 26.27
CA ALA D 318 18.66 -5.31 25.37
C ALA D 318 19.70 -4.36 24.79
N PHE D 319 20.53 -3.80 25.68
CA PHE D 319 21.57 -2.85 25.29
C PHE D 319 22.75 -2.95 26.24
N ALA D 320 23.91 -2.47 25.80
CA ALA D 320 25.11 -2.49 26.62
C ALA D 320 24.98 -1.56 27.82
N ALA D 321 24.14 -0.54 27.67
CA ALA D 321 23.97 0.45 28.72
C ALA D 321 23.07 -0.07 29.85
N GLN D 322 21.91 -0.59 29.48
CA GLN D 322 20.95 -1.09 30.46
C GLN D 322 21.55 -2.27 31.21
N ALA D 323 22.29 -3.11 30.47
CA ALA D 323 22.98 -4.25 31.05
C ALA D 323 23.95 -3.77 32.12
N CYS D 324 24.94 -2.98 31.71
CA CYS D 324 25.94 -2.44 32.62
C CYS D 324 25.29 -1.79 33.84
N ALA D 325 24.09 -1.25 33.65
CA ALA D 325 23.39 -0.56 34.73
C ALA D 325 22.72 -1.53 35.70
N VAL D 326 22.12 -2.57 35.15
CA VAL D 326 21.43 -3.57 35.97
C VAL D 326 22.40 -4.25 36.93
N ASN D 327 23.55 -4.63 36.41
CA ASN D 327 24.56 -5.31 37.21
C ASN D 327 25.17 -4.43 38.29
N LYS D 328 25.47 -3.19 37.93
CA LYS D 328 26.16 -2.28 38.83
C LYS D 328 25.30 -1.92 40.05
N ASP D 329 23.98 -1.88 39.85
CA ASP D 329 23.07 -1.53 40.93
C ASP D 329 22.74 -2.74 41.77
N LEU D 330 22.34 -3.83 41.11
CA LEU D 330 22.02 -5.07 41.81
C LEU D 330 23.26 -5.67 42.48
N GLY D 331 24.42 -5.35 41.92
CA GLY D 331 25.68 -5.74 42.52
C GLY D 331 25.93 -7.23 42.58
N TRP D 332 25.21 -8.00 41.77
CA TRP D 332 25.46 -9.43 41.71
C TRP D 332 26.78 -9.73 40.98
N ASP D 333 27.44 -10.79 41.41
CA ASP D 333 28.72 -11.20 40.85
C ASP D 333 28.66 -11.25 39.33
N PRO D 334 29.36 -10.32 38.66
CA PRO D 334 29.35 -10.20 37.20
C PRO D 334 29.88 -11.46 36.51
N SER D 335 30.49 -12.36 37.28
CA SER D 335 31.07 -13.57 36.72
C SER D 335 30.02 -14.65 36.46
N ILE D 336 28.92 -14.60 37.20
CA ILE D 336 27.87 -15.61 37.06
C ILE D 336 26.68 -15.08 36.27
N VAL D 337 26.93 -14.05 35.46
CA VAL D 337 25.89 -13.45 34.63
C VAL D 337 26.16 -13.67 33.13
N ASN D 338 25.26 -14.39 32.47
CA ASN D 338 25.40 -14.69 31.05
C ASN D 338 26.68 -15.47 30.77
N VAL D 339 26.92 -16.51 31.57
CA VAL D 339 28.12 -17.31 31.43
C VAL D 339 28.31 -17.81 30.00
N ASN D 340 27.19 -18.00 29.29
CA ASN D 340 27.23 -18.53 27.93
C ASN D 340 27.00 -17.44 26.87
N GLY D 341 26.90 -16.19 27.30
CA GLY D 341 26.69 -15.07 26.39
C GLY D 341 25.37 -14.37 26.60
N GLY D 342 25.12 -13.33 25.80
CA GLY D 342 23.91 -12.55 25.92
C GLY D 342 23.27 -12.14 24.61
N ALA D 343 22.18 -11.40 24.69
CA ALA D 343 21.40 -11.02 23.51
C ALA D 343 22.22 -10.29 22.45
N ILE D 344 23.09 -9.39 22.89
CA ILE D 344 23.97 -8.67 21.99
C ILE D 344 24.58 -9.58 20.93
N ALA D 345 25.01 -10.76 21.36
CA ALA D 345 25.73 -11.69 20.50
C ALA D 345 24.84 -12.83 20.02
N ILE D 346 23.90 -13.22 20.87
CA ILE D 346 23.04 -14.36 20.57
C ILE D 346 21.85 -13.96 19.69
N GLY D 347 21.25 -12.81 20.02
CA GLY D 347 20.07 -12.34 19.30
C GLY D 347 18.94 -12.07 20.27
N ASN D 348 18.00 -11.23 19.84
CA ASN D 348 16.92 -10.80 20.73
C ASN D 348 15.54 -10.89 20.08
N PRO D 349 14.97 -12.10 20.04
CA PRO D 349 13.63 -12.35 19.49
C PRO D 349 12.54 -11.87 20.45
N ILE D 350 12.43 -10.56 20.62
CA ILE D 350 11.44 -9.90 21.47
C ILE D 350 10.51 -10.82 22.26
N GLY D 351 9.53 -11.39 21.57
CA GLY D 351 8.48 -12.16 22.22
C GLY D 351 8.98 -13.48 22.81
N ALA D 352 10.06 -13.98 22.24
CA ALA D 352 10.65 -15.25 22.66
C ALA D 352 11.84 -15.08 23.59
N SER D 353 12.39 -13.87 23.62
CA SER D 353 13.59 -13.59 24.42
C SER D 353 13.49 -14.08 25.87
N GLY D 354 12.35 -13.85 26.50
CA GLY D 354 12.16 -14.22 27.89
C GLY D 354 12.36 -15.70 28.09
N ALA D 355 11.82 -16.51 27.18
CA ALA D 355 12.04 -17.95 27.26
C ALA D 355 13.45 -18.30 26.80
N ARG D 356 13.90 -17.68 25.70
CA ARG D 356 15.27 -17.91 25.24
C ARG D 356 16.22 -18.01 26.44
N ILE D 357 16.46 -16.87 27.09
CA ILE D 357 17.37 -16.82 28.24
C ILE D 357 16.99 -17.81 29.34
N LEU D 358 15.69 -18.06 29.49
CA LEU D 358 15.21 -19.03 30.47
C LEU D 358 15.79 -20.40 30.18
N ASN D 359 15.70 -20.81 28.91
CA ASN D 359 16.29 -22.07 28.44
C ASN D 359 17.79 -22.12 28.70
N THR D 360 18.49 -21.09 28.25
CA THR D 360 19.93 -20.99 28.49
C THR D 360 20.22 -21.18 29.97
N LEU D 361 19.36 -20.61 30.81
CA LEU D 361 19.51 -20.68 32.27
C LEU D 361 19.46 -22.12 32.76
N LEU D 362 18.44 -22.86 32.35
CA LEU D 362 18.17 -24.19 32.88
C LEU D 362 19.19 -25.24 32.45
N PHE D 363 19.76 -25.07 31.26
CA PHE D 363 20.71 -26.05 30.75
C PHE D 363 22.13 -25.80 31.23
N GLU D 364 22.48 -24.54 31.45
CA GLU D 364 23.78 -24.19 32.00
C GLU D 364 23.82 -24.49 33.49
N MET D 365 22.64 -24.48 34.12
CA MET D 365 22.55 -24.84 35.52
C MET D 365 22.78 -26.32 35.72
N LYS D 366 22.19 -27.12 34.85
CA LYS D 366 22.34 -28.57 34.92
C LYS D 366 23.78 -28.98 34.60
N ARG D 367 24.42 -28.21 33.71
CA ARG D 367 25.76 -28.56 33.24
C ARG D 367 26.83 -28.30 34.29
N ARG D 368 26.73 -27.18 35.00
CA ARG D 368 27.71 -26.85 36.04
C ARG D 368 27.20 -27.24 37.43
N GLY D 369 25.93 -27.56 37.53
CA GLY D 369 25.33 -27.99 38.78
C GLY D 369 24.98 -26.85 39.70
N ALA D 370 24.06 -26.00 39.25
CA ALA D 370 23.58 -24.88 40.07
C ALA D 370 22.24 -25.21 40.73
N ARG D 371 21.98 -24.60 41.88
CA ARG D 371 20.73 -24.82 42.59
C ARG D 371 19.78 -23.63 42.48
N LYS D 372 20.30 -22.42 42.56
CA LYS D 372 19.47 -21.23 42.62
C LYS D 372 19.95 -20.12 41.69
N GLY D 373 19.17 -19.85 40.65
CA GLY D 373 19.51 -18.82 39.68
C GLY D 373 18.38 -17.84 39.44
N LEU D 374 18.45 -17.11 38.33
CA LEU D 374 17.41 -16.14 38.00
C LEU D 374 17.58 -15.55 36.61
N ALA D 375 16.48 -15.44 35.89
CA ALA D 375 16.45 -14.76 34.59
C ALA D 375 15.62 -13.48 34.72
N THR D 376 15.96 -12.46 33.93
CA THR D 376 15.29 -11.17 34.05
C THR D 376 15.41 -10.35 32.78
N LEU D 377 14.37 -9.59 32.44
CA LEU D 377 14.39 -8.77 31.25
C LEU D 377 13.74 -7.41 31.46
N CYS D 378 14.22 -6.41 30.72
CA CYS D 378 13.59 -5.10 30.75
C CYS D 378 12.56 -5.05 29.63
N ILE D 379 11.50 -4.28 29.85
CA ILE D 379 10.38 -4.24 28.93
C ILE D 379 10.06 -2.81 28.54
N GLY D 380 9.94 -2.56 27.24
CA GLY D 380 9.57 -1.26 26.72
C GLY D 380 8.31 -0.75 27.40
N GLY D 381 8.14 0.56 27.43
CA GLY D 381 7.08 1.18 28.19
C GLY D 381 7.53 1.37 29.63
N GLY D 382 8.60 0.67 29.99
CA GLY D 382 9.16 0.78 31.33
C GLY D 382 8.61 -0.24 32.31
N MET D 383 8.92 -1.52 32.08
CA MET D 383 8.64 -2.56 33.06
C MET D 383 9.78 -3.56 33.09
N GLY D 384 9.74 -4.48 34.04
CA GLY D 384 10.75 -5.52 34.14
C GLY D 384 10.06 -6.78 34.59
N VAL D 385 10.60 -7.92 34.20
CA VAL D 385 10.07 -9.20 34.67
C VAL D 385 11.22 -10.07 35.19
N ALA D 386 10.97 -10.79 36.27
CA ALA D 386 11.99 -11.66 36.88
C ALA D 386 11.41 -12.95 37.43
N MET D 387 12.26 -13.97 37.52
CA MET D 387 11.85 -15.28 38.02
C MET D 387 13.01 -16.08 38.59
N CYS D 388 12.84 -16.58 39.81
CA CYS D 388 13.88 -17.35 40.48
C CYS D 388 13.70 -18.84 40.22
N ILE D 389 14.78 -19.48 39.79
CA ILE D 389 14.76 -20.91 39.48
C ILE D 389 15.57 -21.72 40.48
N GLU D 390 14.92 -22.69 41.12
CA GLU D 390 15.62 -23.62 42.00
C GLU D 390 15.60 -25.06 41.48
N SER D 391 16.78 -25.58 41.13
CA SER D 391 16.90 -26.98 40.71
C SER D 391 16.77 -27.91 41.91
N LEU D 392 16.47 -29.18 41.63
CA LEU D 392 16.30 -30.17 42.68
C LEU D 392 16.84 -31.53 42.26
S SO4 E . 7.36 31.16 -36.03
O1 SO4 E . 5.91 31.18 -36.24
O2 SO4 E . 8.01 30.51 -37.17
O3 SO4 E . 7.86 32.53 -35.91
O4 SO4 E . 7.67 30.44 -34.80
S SO4 F . -9.10 16.46 -48.45
O1 SO4 F . -9.85 16.94 -49.62
O2 SO4 F . -7.97 15.66 -48.90
O3 SO4 F . -8.61 17.60 -47.68
O4 SO4 F . -9.96 15.64 -47.60
S SO4 G . -33.95 17.84 -23.86
O1 SO4 G . -35.06 17.02 -23.38
O2 SO4 G . -34.27 18.38 -25.18
O3 SO4 G . -33.74 18.94 -22.91
O4 SO4 G . -32.74 17.03 -23.95
S SO4 H . -25.38 16.10 -38.19
O1 SO4 H . -25.80 16.22 -39.57
O2 SO4 H . -23.95 16.43 -38.08
O3 SO4 H . -26.15 17.02 -37.35
O4 SO4 H . -25.59 14.73 -37.73
C1 DNO I . -26.03 36.27 4.53
C2 DNO I . -25.65 34.91 3.94
C3 DNO I . -24.14 34.76 3.52
C4 DNO I . -23.05 34.92 4.71
C5 DNO I . -21.60 34.75 4.24
C6 DNO I . -20.63 34.58 5.37
O1 DNO I . -27.22 36.35 5.22
O2 DNO I . -26.18 33.79 4.63
O3 DNO I . -23.96 33.58 2.75
O4 DNO I . -23.21 36.07 5.52
O5 DNO I . -21.41 33.83 3.17
O6 DNO I . -19.26 34.30 5.04
N1A COA J . -16.48 30.09 -0.75
C2A COA J . -16.55 29.62 0.52
N3A COA J . -15.88 28.46 0.86
C4A COA J . -15.17 27.82 -0.04
C5A COA J . -15.10 28.28 -1.30
C6A COA J . -15.78 29.45 -1.65
N6A COA J . -15.67 29.94 -3.01
N7A COA J . -14.29 27.42 -2.02
C8A COA J . -13.85 26.38 -1.16
N9A COA J . -14.38 26.62 0.04
C1B COA J . -14.13 25.83 1.23
C2B COA J . -14.66 24.48 1.62
O2B COA J . -16.02 24.17 1.55
C3B COA J . -13.80 24.09 2.77
O3B COA J . -14.33 24.09 4.07
P3B COA J . -14.19 22.74 4.98
O7A COA J . -14.66 23.09 6.52
O8A COA J . -12.64 22.21 4.96
O9A COA J . -15.09 21.67 4.39
C4B COA J . -12.43 24.73 2.50
O4B COA J . -12.74 25.92 1.66
C5B COA J . -11.27 23.86 1.95
O5B COA J . -11.26 23.67 0.54
P1A COA J . -11.10 22.09 0.03
O1A COA J . -12.35 21.21 0.65
O2A COA J . -11.08 21.96 -1.47
O3A COA J . -9.65 21.50 0.59
P2A COA J . -8.69 20.67 -0.49
O4A COA J . -7.26 20.27 0.25
O5A COA J . -9.42 19.40 -0.88
O6A COA J . -8.39 21.56 -1.88
CBP COA J . -6.52 22.95 -2.84
CCP COA J . -7.62 22.75 -1.78
CDP COA J . -6.44 24.43 -3.22
CEP COA J . -5.18 22.49 -2.28
CAP COA J . -6.85 22.14 -4.11
OAP COA J . -8.15 22.35 -4.62
C9P COA J . -5.77 22.39 -5.19
O9P COA J . -4.67 21.94 -5.08
N8P COA J . -6.14 23.36 -6.23
C7P COA J . -5.22 23.70 -7.32
C6P COA J . -5.12 22.57 -8.36
C5P COA J . -4.04 22.72 -9.43
O5P COA J . -2.98 23.17 -9.15
N4P COA J . -4.44 22.54 -10.83
C3P COA J . -3.44 22.88 -11.81
C2P COA J . -2.85 24.28 -11.65
S1P COA J . -1.55 24.67 -12.84
S SO4 K . 13.44 25.60 -44.27
O1 SO4 K . 12.30 26.46 -43.95
O2 SO4 K . 14.42 26.39 -45.03
O3 SO4 K . 14.03 25.13 -43.04
O4 SO4 K . 12.98 24.46 -45.06
S SO4 L . -2.91 7.26 -47.13
O1 SO4 L . -3.12 8.54 -47.80
O2 SO4 L . -1.52 6.86 -47.31
O3 SO4 L . -3.21 7.36 -45.71
O4 SO4 L . -3.78 6.25 -47.74
S SO4 M . -2.22 -17.47 -41.09
O1 SO4 M . -2.87 -17.54 -42.40
O2 SO4 M . -0.83 -17.87 -41.21
O3 SO4 M . -2.30 -16.09 -40.61
O4 SO4 M . -2.90 -18.35 -40.14
S SO4 N . 28.89 23.85 -27.77
O1 SO4 N . 27.57 24.12 -28.34
O2 SO4 N . 29.90 24.05 -28.80
O3 SO4 N . 29.13 24.76 -26.67
O4 SO4 N . 28.95 22.47 -27.27
NA NA O . 5.66 12.37 -29.77
N1A COA P . 19.37 -19.11 -22.09
C2A COA P . 19.39 -19.74 -20.89
N3A COA P . 18.60 -19.24 -19.85
C4A COA P . 17.86 -18.15 -20.04
C5A COA P . 17.84 -17.53 -21.23
C6A COA P . 18.63 -18.04 -22.27
N6A COA P . 18.65 -17.33 -23.53
N7A COA P . 16.98 -16.43 -21.16
C8A COA P . 16.44 -16.39 -19.86
N9A COA P . 16.96 -17.41 -19.18
C1B COA P . 16.69 -17.70 -17.79
C2B COA P . 17.23 -16.94 -16.63
O2B COA P . 18.60 -16.66 -16.54
C3B COA P . 16.51 -17.55 -15.48
O3B COA P . 17.23 -18.41 -14.63
P3B COA P . 16.98 -18.33 -13.00
O7A COA P . 17.74 -19.60 -12.28
O8A COA P . 15.36 -18.43 -12.72
O9A COA P . 17.53 -17.02 -12.47
C4B COA P . 15.12 -17.90 -16.03
O4B COA P . 15.31 -18.10 -17.49
C5B COA P . 13.97 -16.90 -15.77
O5B COA P . 13.98 -15.80 -16.65
P1A COA P . 13.49 -14.36 -15.97
O1A COA P . 14.28 -14.12 -14.54
O2A COA P . 13.67 -13.17 -16.88
O3A COA P . 11.87 -14.55 -15.63
P2A COA P . 11.10 -13.12 -15.30
O4A COA P . 9.82 -13.42 -14.29
O5A COA P . 12.10 -12.20 -14.65
O6A COA P . 10.62 -12.47 -16.76
CBP COA P . 9.31 -12.77 -18.80
CCP COA P . 10.39 -13.33 -17.87
CDP COA P . 9.31 -13.45 -20.18
CEP COA P . 7.97 -12.96 -18.10
CAP COA P . 9.64 -11.26 -18.90
OAP COA P . 10.97 -10.97 -19.20
C9P COA P . 8.70 -10.52 -19.87
O9P COA P . 7.56 -10.29 -19.56
N8P COA P . 9.21 -10.33 -21.24
C7P COA P . 8.32 -9.73 -22.26
C6P COA P . 7.95 -8.27 -21.95
C5P COA P . 6.98 -7.59 -22.91
O5P COA P . 6.02 -8.17 -23.31
N4P COA P . 7.34 -6.28 -23.46
C3P COA P . 6.54 -5.71 -24.53
C2P COA P . 6.36 -6.59 -25.76
S1P COA P . 4.75 -6.41 -26.58
CL CL Q . 22.01 22.27 -58.84
S SO4 R . -6.95 -20.60 -11.88
O1 SO4 R . -8.16 -21.12 -12.55
O2 SO4 R . -5.88 -20.44 -12.87
O3 SO4 R . -7.24 -19.31 -11.28
O4 SO4 R . -6.53 -21.55 -10.85
S SO4 S . -23.40 -27.98 44.60
O1 SO4 S . -24.23 -28.72 43.64
O2 SO4 S . -22.72 -26.88 43.90
O3 SO4 S . -24.25 -27.43 45.65
O4 SO4 S . -22.40 -28.86 45.20
S SO4 T . -14.29 -31.28 23.73
O1 SO4 T . -15.47 -32.12 23.53
O2 SO4 T . -13.37 -31.48 22.63
O3 SO4 T . -14.70 -29.88 23.81
O4 SO4 T . -13.64 -31.66 24.99
S SO4 U . -5.58 -17.96 48.07
O1 SO4 U . -6.15 -16.61 48.09
O2 SO4 U . -4.33 -17.95 47.31
O3 SO4 U . -5.30 -18.40 49.43
O4 SO4 U . -6.53 -18.87 47.44
S SO4 V . -13.27 -5.93 58.26
O1 SO4 V . -13.86 -5.75 56.93
O2 SO4 V . -11.96 -5.29 58.32
O3 SO4 V . -14.15 -5.35 59.27
O4 SO4 V . -13.12 -7.36 58.53
C1 DNO W . 1.00 -12.89 -15.76
C2 DNO W . 1.26 -11.41 -15.46
C3 DNO W . 2.10 -11.25 -14.14
C4 DNO W . 1.22 -11.50 -12.82
C5 DNO W . 2.03 -11.32 -11.53
C6 DNO W . 1.29 -10.56 -10.48
O1 DNO W . 1.93 -13.79 -15.31
O2 DNO W . 1.81 -10.69 -16.56
O3 DNO W . 3.30 -11.99 -14.16
O4 DNO W . 0.02 -10.76 -12.82
O5 DNO W . 2.70 -12.48 -11.05
O6 DNO W . 0.67 -9.34 -10.91
C1 DNO X . 5.46 8.69 34.01
C2 DNO X . 4.51 8.71 35.21
C3 DNO X . 3.13 8.03 34.97
C4 DNO X . 2.04 8.42 36.10
C5 DNO X . 0.60 8.01 35.79
C6 DNO X . -0.39 8.77 36.61
O1 DNO X . 6.76 9.06 34.25
O2 DNO X . 5.13 8.35 36.43
O3 DNO X . 2.65 8.21 33.65
O4 DNO X . 2.44 8.13 37.43
O5 DNO X . 0.26 7.99 34.40
O6 DNO X . -0.47 10.18 36.40
C1 DNO Y . -17.55 -31.11 41.94
C2 DNO Y . -17.99 -30.21 43.10
C3 DNO Y . -17.67 -28.69 42.87
C4 DNO Y . -18.13 -27.72 44.10
C5 DNO Y . -16.98 -27.04 44.84
C6 DNO Y . -17.44 -25.96 45.75
O1 DNO Y . -18.20 -30.96 40.73
O2 DNO Y . -19.32 -30.46 43.55
O3 DNO Y . -16.34 -28.47 42.46
O4 DNO Y . -19.22 -26.87 43.85
O5 DNO Y . -16.03 -27.94 45.42
O6 DNO Y . -18.37 -26.29 46.79
S SO4 Z . -6.14 -27.45 43.53
O1 SO4 Z . -7.17 -27.49 42.51
O2 SO4 Z . -4.83 -27.27 42.91
O3 SO4 Z . -6.39 -26.32 44.44
O4 SO4 Z . -6.15 -28.70 44.28
#